data_6F7E
#
_entry.id   6F7E
#
_entity_poly.entity_id   1
_entity_poly.type   'polypeptide(L)'
_entity_poly.pdbx_seq_one_letter_code
;HTGSCMAVYSVENSWSGGFQGSVEVMNHGTEPLNGWAVQWQPGGGTTLGGVWNGSLTSGSDGTVTVRNVDHNRVVPPDGS
VTFGFTATSTGNDFPVDSIGCVAP
;
_entity_poly.pdbx_strand_id   A
#
# COMPACT_ATOMS: atom_id res chain seq x y z
N HIS A 1 9.95 -16.26 17.11
CA HIS A 1 10.49 -14.91 17.48
C HIS A 1 10.70 -14.08 16.22
N THR A 2 9.97 -12.97 16.09
CA THR A 2 9.96 -12.15 14.89
C THR A 2 9.51 -12.97 13.68
N GLY A 3 9.56 -12.35 12.50
CA GLY A 3 9.09 -13.01 11.30
C GLY A 3 7.85 -12.32 10.74
N SER A 4 8.06 -11.21 10.05
CA SER A 4 6.95 -10.41 9.51
C SER A 4 7.18 -10.18 8.02
N CYS A 5 6.18 -9.60 7.36
CA CYS A 5 6.28 -9.31 5.94
C CYS A 5 7.32 -8.23 5.68
N MET A 6 7.67 -8.06 4.40
CA MET A 6 8.52 -6.97 3.97
C MET A 6 7.89 -6.44 2.68
N ALA A 7 8.08 -5.16 2.38
CA ALA A 7 7.45 -4.55 1.22
C ALA A 7 8.41 -3.59 0.53
N VAL A 8 8.18 -3.35 -0.76
CA VAL A 8 8.92 -2.36 -1.52
C VAL A 8 7.91 -1.37 -2.10
N TYR A 9 8.03 -0.10 -1.71
CA TYR A 9 7.08 0.93 -2.08
C TYR A 9 7.72 1.86 -3.12
N SER A 10 7.00 2.10 -4.21
CA SER A 10 7.48 2.96 -5.28
C SER A 10 6.39 3.90 -5.77
N VAL A 11 6.81 5.03 -6.33
CA VAL A 11 5.90 5.98 -6.96
C VAL A 11 5.98 5.76 -8.47
N GLU A 12 4.82 5.59 -9.10
CA GLU A 12 4.78 5.32 -10.55
C GLU A 12 4.95 6.63 -11.32
N ASN A 13 4.11 7.59 -11.01
CA ASN A 13 4.11 8.87 -11.73
C ASN A 13 3.43 9.91 -10.85
N SER A 14 3.74 11.17 -11.05
CA SER A 14 3.04 12.25 -10.36
C SER A 14 2.64 13.30 -11.39
N TRP A 15 1.60 14.06 -11.07
CA TRP A 15 1.09 15.08 -11.97
C TRP A 15 0.49 16.18 -11.08
N SER A 16 0.10 17.29 -11.69
CA SER A 16 -0.54 18.34 -10.92
C SER A 16 -1.89 17.85 -10.38
N GLY A 17 -1.99 17.84 -9.04
CA GLY A 17 -3.24 17.50 -8.39
C GLY A 17 -3.40 16.03 -8.08
N GLY A 18 -2.30 15.28 -8.06
CA GLY A 18 -2.38 13.88 -7.69
C GLY A 18 -1.18 13.06 -8.17
N PHE A 19 -1.18 11.77 -7.84
CA PHE A 19 -0.09 10.88 -8.23
C PHE A 19 -0.54 9.42 -8.18
N GLN A 20 0.31 8.54 -8.69
CA GLN A 20 0.07 7.10 -8.65
C GLN A 20 1.23 6.40 -7.95
N GLY A 21 0.90 5.34 -7.21
CA GLY A 21 1.92 4.62 -6.45
C GLY A 21 1.65 3.12 -6.47
N SER A 22 2.69 2.32 -6.23
CA SER A 22 2.57 0.87 -6.27
C SER A 22 3.41 0.25 -5.16
N VAL A 23 3.00 -0.91 -4.68
CA VAL A 23 3.71 -1.62 -3.62
C VAL A 23 3.81 -3.10 -3.91
N GLU A 24 5.00 -3.66 -3.72
CA GLU A 24 5.18 -5.11 -3.75
C GLU A 24 5.31 -5.58 -2.31
N VAL A 25 4.63 -6.68 -1.97
CA VAL A 25 4.71 -7.23 -0.63
C VAL A 25 5.09 -8.71 -0.74
N MET A 26 6.19 -9.07 -0.11
CA MET A 26 6.68 -10.45 -0.17
C MET A 26 6.30 -11.19 1.11
N ASN A 27 6.08 -12.50 0.99
CA ASN A 27 5.71 -13.33 2.13
C ASN A 27 6.96 -13.75 2.90
N HIS A 28 7.67 -12.77 3.44
CA HIS A 28 8.83 -13.02 4.29
C HIS A 28 8.38 -13.36 5.71
N GLY A 29 7.09 -13.18 5.97
CA GLY A 29 6.52 -13.58 7.24
C GLY A 29 6.60 -15.10 7.35
N THR A 30 6.60 -15.60 8.59
CA THR A 30 6.68 -17.05 8.82
C THR A 30 5.37 -17.71 8.42
N GLU A 31 4.31 -16.92 8.41
CA GLU A 31 2.98 -17.42 8.08
C GLU A 31 2.35 -16.57 6.97
N PRO A 32 1.63 -17.19 6.04
CA PRO A 32 0.84 -16.36 5.12
C PRO A 32 -0.41 -15.82 5.81
N LEU A 33 -0.69 -14.54 5.62
CA LEU A 33 -1.78 -13.88 6.33
C LEU A 33 -2.72 -13.14 5.38
N ASN A 34 -3.95 -13.62 5.32
CA ASN A 34 -5.00 -12.97 4.55
C ASN A 34 -5.38 -11.67 5.26
N GLY A 35 -5.58 -10.61 4.47
CA GLY A 35 -6.03 -9.35 5.03
C GLY A 35 -4.90 -8.43 5.49
N TRP A 36 -3.66 -8.78 5.17
CA TRP A 36 -2.53 -7.92 5.53
C TRP A 36 -2.66 -6.58 4.81
N ALA A 37 -1.94 -5.57 5.28
CA ALA A 37 -2.15 -4.21 4.81
C ALA A 37 -0.85 -3.43 4.68
N VAL A 38 -0.90 -2.36 3.90
CA VAL A 38 0.22 -1.45 3.73
C VAL A 38 -0.31 -0.06 4.06
N GLN A 39 0.21 0.56 5.11
CA GLN A 39 -0.33 1.82 5.60
C GLN A 39 0.72 2.90 5.73
N TRP A 40 0.28 4.15 5.59
CA TRP A 40 1.18 5.29 5.67
C TRP A 40 0.42 6.57 6.00
N GLN A 41 1.16 7.60 6.39
CA GLN A 41 0.59 8.92 6.62
C GLN A 41 0.59 9.67 5.28
N PRO A 42 -0.56 10.21 4.87
CA PRO A 42 -0.56 10.94 3.59
C PRO A 42 0.19 12.26 3.69
N GLY A 43 0.65 12.77 2.56
CA GLY A 43 1.31 14.07 2.53
C GLY A 43 0.33 15.18 2.84
N GLY A 44 0.85 16.36 3.14
CA GLY A 44 0.00 17.48 3.47
C GLY A 44 -0.85 17.90 2.27
N GLY A 45 -2.16 17.82 2.42
CA GLY A 45 -3.04 18.22 1.33
C GLY A 45 -3.23 17.15 0.28
N THR A 46 -2.91 15.90 0.59
CA THR A 46 -3.14 14.79 -0.35
C THR A 46 -4.03 13.72 0.29
N THR A 47 -4.74 12.98 -0.54
CA THR A 47 -5.62 11.92 -0.06
C THR A 47 -5.72 10.81 -1.11
N LEU A 48 -6.11 9.62 -0.70
CA LEU A 48 -6.20 8.48 -1.62
C LEU A 48 -7.44 8.60 -2.52
N GLY A 49 -7.46 7.82 -3.60
CA GLY A 49 -8.60 7.82 -4.51
C GLY A 49 -9.11 6.41 -4.72
N GLY A 50 -8.48 5.70 -5.66
CA GLY A 50 -8.88 4.33 -5.97
C GLY A 50 -7.70 3.39 -5.90
N VAL A 51 -7.98 2.10 -6.03
CA VAL A 51 -6.96 1.06 -5.98
C VAL A 51 -7.33 0.04 -7.06
N TRP A 52 -6.37 -0.80 -7.42
CA TRP A 52 -6.66 -1.97 -8.24
C TRP A 52 -5.83 -3.13 -7.70
N ASN A 53 -6.34 -4.35 -7.88
CA ASN A 53 -5.71 -5.55 -7.32
C ASN A 53 -5.57 -5.41 -5.81
N GLY A 54 -6.64 -4.98 -5.15
CA GLY A 54 -6.67 -4.87 -3.70
C GLY A 54 -7.84 -4.04 -3.24
N SER A 55 -7.86 -3.70 -1.95
CA SER A 55 -8.88 -2.82 -1.40
C SER A 55 -8.18 -1.67 -0.67
N LEU A 56 -8.87 -0.55 -0.46
CA LEU A 56 -8.27 0.57 0.25
C LEU A 56 -9.27 1.26 1.18
N THR A 57 -8.75 1.82 2.26
CA THR A 57 -9.55 2.59 3.20
C THR A 57 -8.70 3.71 3.80
N SER A 58 -9.36 4.77 4.23
CA SER A 58 -8.72 5.80 5.04
C SER A 58 -9.07 5.56 6.50
N GLY A 59 -8.16 5.93 7.40
CA GLY A 59 -8.41 5.78 8.82
C GLY A 59 -8.53 7.13 9.51
N SER A 60 -9.23 7.15 10.63
CA SER A 60 -9.49 8.39 11.38
C SER A 60 -8.25 8.89 12.11
N ASP A 61 -7.23 8.04 12.18
CA ASP A 61 -5.98 8.37 12.87
C ASP A 61 -5.06 9.19 11.96
N GLY A 62 -5.62 9.70 10.87
CA GLY A 62 -4.85 10.52 9.95
C GLY A 62 -3.88 9.71 9.12
N THR A 63 -4.16 8.43 8.96
CA THR A 63 -3.34 7.54 8.14
C THR A 63 -4.26 6.85 7.15
N VAL A 64 -3.69 6.31 6.08
CA VAL A 64 -4.46 5.65 5.03
C VAL A 64 -3.81 4.30 4.74
N THR A 65 -4.58 3.36 4.21
CA THR A 65 -4.07 2.00 4.02
C THR A 65 -4.65 1.30 2.79
N VAL A 66 -3.87 0.37 2.24
CA VAL A 66 -4.31 -0.52 1.19
C VAL A 66 -4.23 -1.94 1.78
N ARG A 67 -5.31 -2.69 1.68
CA ARG A 67 -5.47 -3.93 2.44
C ARG A 67 -6.12 -5.03 1.60
N ASN A 68 -6.19 -6.22 2.18
CA ASN A 68 -6.97 -7.33 1.62
C ASN A 68 -6.55 -7.64 0.18
N VAL A 69 -5.30 -8.06 0.00
CA VAL A 69 -4.84 -8.56 -1.29
C VAL A 69 -5.61 -9.83 -1.65
N ASP A 70 -6.23 -9.83 -2.82
CA ASP A 70 -7.06 -10.94 -3.27
C ASP A 70 -6.32 -11.82 -4.27
N HIS A 71 -5.43 -11.19 -5.04
CA HIS A 71 -4.82 -11.84 -6.20
C HIS A 71 -3.71 -12.82 -5.82
N ASN A 72 -3.51 -13.01 -4.52
CA ASN A 72 -2.55 -14.00 -4.05
C ASN A 72 -3.16 -15.38 -4.19
N ARG A 73 -4.46 -15.39 -4.49
CA ARG A 73 -5.18 -16.62 -4.75
C ARG A 73 -4.88 -17.20 -6.13
N VAL A 74 -4.41 -16.34 -7.03
CA VAL A 74 -4.19 -16.74 -8.41
C VAL A 74 -2.75 -17.21 -8.64
N VAL A 75 -1.81 -16.53 -8.00
CA VAL A 75 -0.40 -16.87 -8.12
C VAL A 75 -0.08 -18.04 -7.17
N PRO A 76 1.04 -18.75 -7.41
CA PRO A 76 1.38 -19.80 -6.44
C PRO A 76 1.74 -19.20 -5.08
N PRO A 77 1.66 -20.01 -4.01
CA PRO A 77 1.93 -19.49 -2.66
C PRO A 77 3.42 -19.21 -2.41
N ASP A 78 3.72 -18.76 -1.20
CA ASP A 78 5.08 -18.44 -0.76
C ASP A 78 5.89 -17.64 -1.79
N GLY A 79 5.18 -16.76 -2.50
CA GLY A 79 5.83 -15.81 -3.40
C GLY A 79 5.62 -14.38 -2.99
N SER A 80 5.84 -13.46 -3.93
CA SER A 80 5.63 -12.03 -3.70
C SER A 80 4.55 -11.54 -4.64
N VAL A 81 3.80 -10.53 -4.23
CA VAL A 81 2.70 -10.00 -5.03
C VAL A 81 2.76 -8.47 -5.01
N THR A 82 2.28 -7.85 -6.09
CA THR A 82 2.28 -6.39 -6.18
C THR A 82 0.92 -5.85 -6.59
N PHE A 83 0.67 -4.59 -6.30
CA PHE A 83 -0.60 -3.93 -6.60
C PHE A 83 -0.38 -2.43 -6.64
N GLY A 84 -1.36 -1.68 -7.16
CA GLY A 84 -1.19 -0.24 -7.31
C GLY A 84 -2.39 0.56 -6.82
N PHE A 85 -2.18 1.84 -6.58
CA PHE A 85 -3.24 2.74 -6.14
C PHE A 85 -2.99 4.12 -6.70
N THR A 86 -3.95 5.03 -6.53
CA THR A 86 -3.78 6.41 -6.96
C THR A 86 -4.25 7.36 -5.87
N ALA A 87 -3.72 8.57 -5.88
CA ALA A 87 -4.03 9.59 -4.88
C ALA A 87 -4.36 10.90 -5.59
N THR A 88 -5.08 11.78 -4.92
CA THR A 88 -5.41 13.10 -5.45
C THR A 88 -4.91 14.13 -4.44
N SER A 89 -4.62 15.32 -4.94
CA SER A 89 -3.93 16.30 -4.11
C SER A 89 -4.36 17.74 -4.38
N THR A 90 -4.11 18.59 -3.39
CA THR A 90 -4.27 20.04 -3.53
C THR A 90 -3.02 20.69 -2.93
N GLY A 91 -2.00 19.88 -2.70
CA GLY A 91 -0.76 20.38 -2.11
C GLY A 91 0.42 19.47 -2.38
N ASN A 92 0.55 18.39 -1.62
CA ASN A 92 1.64 17.45 -1.81
C ASN A 92 1.31 16.43 -2.88
N ASP A 93 1.94 16.57 -4.04
CA ASP A 93 1.79 15.58 -5.12
C ASP A 93 2.74 14.41 -4.85
N PHE A 94 3.39 14.41 -3.69
CA PHE A 94 4.31 13.36 -3.30
C PHE A 94 4.01 12.84 -1.89
N PRO A 95 4.38 11.58 -1.59
CA PRO A 95 4.25 11.06 -0.22
C PRO A 95 5.30 11.63 0.72
N VAL A 96 5.22 11.26 2.00
CA VAL A 96 6.15 11.76 3.01
C VAL A 96 7.48 11.01 2.97
N ASP A 97 7.42 9.68 3.06
CA ASP A 97 8.62 8.86 3.13
C ASP A 97 8.32 7.48 2.57
N SER A 98 9.33 6.62 2.56
CA SER A 98 9.17 5.23 2.18
C SER A 98 8.59 4.44 3.35
N ILE A 99 7.73 3.48 3.06
CA ILE A 99 6.97 2.77 4.09
C ILE A 99 6.92 1.27 3.85
N GLY A 100 6.67 0.52 4.91
CA GLY A 100 6.61 -0.93 4.83
C GLY A 100 5.21 -1.46 4.99
N CYS A 101 5.08 -2.76 5.26
CA CYS A 101 3.79 -3.41 5.40
C CYS A 101 3.51 -3.77 6.86
N VAL A 102 2.25 -4.05 7.17
CA VAL A 102 1.84 -4.49 8.49
C VAL A 102 0.99 -5.75 8.37
N ALA A 103 0.78 -6.43 9.48
CA ALA A 103 -0.05 -7.62 9.52
C ALA A 103 -1.18 -7.36 10.51
N PRO A 104 -2.34 -8.03 10.33
CA PRO A 104 -3.42 -7.84 11.28
C PRO A 104 -3.17 -8.53 12.62
N HIS A 1 13.07 -3.58 13.81
CA HIS A 1 13.16 -4.97 13.30
C HIS A 1 12.06 -5.25 12.30
N THR A 2 12.37 -5.99 11.24
CA THR A 2 11.37 -6.38 10.26
C THR A 2 10.40 -7.37 10.93
N GLY A 3 9.21 -7.50 10.37
CA GLY A 3 8.20 -8.40 10.91
C GLY A 3 7.82 -9.46 9.90
N SER A 4 6.53 -9.50 9.56
CA SER A 4 6.03 -10.47 8.60
C SER A 4 6.37 -10.07 7.17
N CYS A 5 6.73 -8.80 6.98
CA CYS A 5 6.93 -8.27 5.65
C CYS A 5 7.73 -6.96 5.66
N MET A 6 8.09 -6.50 4.47
CA MET A 6 8.60 -5.15 4.26
C MET A 6 7.95 -4.63 2.97
N ALA A 7 7.75 -3.32 2.87
CA ALA A 7 7.14 -2.73 1.69
C ALA A 7 8.14 -1.88 0.91
N VAL A 8 7.94 -1.81 -0.40
CA VAL A 8 8.80 -1.05 -1.31
C VAL A 8 7.88 -0.16 -2.15
N TYR A 9 8.30 1.07 -2.41
CA TYR A 9 7.51 2.02 -3.19
C TYR A 9 8.23 2.43 -4.47
N SER A 10 7.47 2.48 -5.56
CA SER A 10 7.99 2.98 -6.84
C SER A 10 7.01 4.01 -7.40
N VAL A 11 7.53 5.00 -8.12
CA VAL A 11 6.67 5.95 -8.81
C VAL A 11 6.23 5.32 -10.12
N GLU A 12 4.93 5.22 -10.31
CA GLU A 12 4.37 4.57 -11.49
C GLU A 12 4.20 5.58 -12.63
N ASN A 13 3.63 6.74 -12.30
CA ASN A 13 3.43 7.82 -13.27
C ASN A 13 3.29 9.13 -12.49
N SER A 14 3.30 10.26 -13.20
CA SER A 14 3.07 11.55 -12.57
C SER A 14 2.35 12.46 -13.56
N TRP A 15 1.59 13.42 -13.06
CA TRP A 15 0.83 14.33 -13.91
C TRP A 15 0.61 15.65 -13.16
N SER A 16 -0.08 16.58 -13.79
CA SER A 16 -0.39 17.85 -13.14
C SER A 16 -1.31 17.61 -11.94
N GLY A 17 -0.88 18.09 -10.78
CA GLY A 17 -1.71 18.05 -9.59
C GLY A 17 -1.56 16.79 -8.74
N GLY A 18 -0.75 15.83 -9.17
CA GLY A 18 -0.61 14.61 -8.40
C GLY A 18 0.27 13.57 -9.06
N PHE A 19 0.21 12.34 -8.57
CA PHE A 19 1.06 11.27 -9.08
C PHE A 19 0.43 9.90 -8.86
N GLN A 20 1.00 8.89 -9.50
CA GLN A 20 0.56 7.50 -9.36
C GLN A 20 1.69 6.73 -8.70
N GLY A 21 1.35 5.90 -7.71
CA GLY A 21 2.35 5.18 -6.97
C GLY A 21 2.05 3.70 -6.90
N SER A 22 3.08 2.89 -7.09
CA SER A 22 2.93 1.44 -7.02
C SER A 22 3.71 0.95 -5.79
N VAL A 23 3.19 -0.10 -5.16
CA VAL A 23 3.78 -0.61 -3.92
C VAL A 23 3.87 -2.13 -3.96
N GLU A 24 5.07 -2.63 -3.66
CA GLU A 24 5.32 -4.07 -3.63
C GLU A 24 5.57 -4.46 -2.17
N VAL A 25 5.08 -5.62 -1.76
CA VAL A 25 5.25 -6.09 -0.39
C VAL A 25 5.79 -7.50 -0.42
N MET A 26 6.98 -7.69 0.15
CA MET A 26 7.61 -9.00 0.17
C MET A 26 7.16 -9.76 1.41
N ASN A 27 7.09 -11.08 1.30
CA ASN A 27 6.70 -11.93 2.41
C ASN A 27 7.95 -12.42 3.12
N HIS A 28 7.99 -12.30 4.45
CA HIS A 28 9.10 -12.82 5.22
C HIS A 28 8.82 -14.29 5.56
N GLY A 29 7.56 -14.69 5.39
CA GLY A 29 7.21 -16.09 5.53
C GLY A 29 7.24 -16.74 4.16
N THR A 30 7.15 -18.07 4.12
CA THR A 30 7.14 -18.80 2.85
C THR A 30 5.71 -18.93 2.36
N GLU A 31 4.77 -18.94 3.30
CA GLU A 31 3.35 -19.10 2.97
C GLU A 31 2.62 -17.77 3.18
N PRO A 32 1.62 -17.47 2.33
CA PRO A 32 0.88 -16.21 2.47
C PRO A 32 -0.13 -16.24 3.62
N LEU A 33 -0.48 -15.07 4.13
CA LEU A 33 -1.42 -14.96 5.23
C LEU A 33 -2.73 -14.36 4.73
N ASN A 34 -3.83 -14.87 5.27
CA ASN A 34 -5.16 -14.34 4.96
C ASN A 34 -5.37 -13.05 5.74
N GLY A 35 -6.12 -12.11 5.17
CA GLY A 35 -6.40 -10.86 5.86
C GLY A 35 -5.25 -9.88 5.74
N TRP A 36 -4.35 -10.15 4.80
CA TRP A 36 -3.16 -9.33 4.60
C TRP A 36 -3.52 -7.88 4.35
N ALA A 37 -2.77 -6.96 4.95
CA ALA A 37 -3.09 -5.55 4.86
C ALA A 37 -1.84 -4.68 4.71
N VAL A 38 -1.99 -3.56 4.01
CA VAL A 38 -0.91 -2.62 3.73
C VAL A 38 -1.44 -1.22 4.01
N GLN A 39 -0.69 -0.42 4.74
CA GLN A 39 -1.17 0.91 5.14
C GLN A 39 -0.08 1.97 5.07
N TRP A 40 -0.51 3.23 5.04
CA TRP A 40 0.42 4.35 5.08
C TRP A 40 -0.26 5.58 5.69
N GLN A 41 0.54 6.57 6.05
CA GLN A 41 0.04 7.77 6.68
C GLN A 41 -0.20 8.86 5.64
N PRO A 42 -1.19 9.73 5.85
CA PRO A 42 -1.34 10.88 4.96
C PRO A 42 -0.39 12.03 5.33
N GLY A 43 0.24 12.63 4.33
CA GLY A 43 1.16 13.73 4.58
C GLY A 43 0.44 15.07 4.57
N GLY A 44 1.04 16.07 5.21
CA GLY A 44 0.47 17.39 5.20
C GLY A 44 0.49 17.96 3.80
N GLY A 45 -0.64 18.45 3.32
CA GLY A 45 -0.72 19.04 1.99
C GLY A 45 -0.83 18.00 0.88
N THR A 46 -1.10 16.75 1.24
CA THR A 46 -1.29 15.69 0.26
C THR A 46 -2.51 14.86 0.63
N THR A 47 -3.10 14.18 -0.34
CA THR A 47 -4.21 13.27 -0.10
C THR A 47 -4.23 12.19 -1.17
N LEU A 48 -4.93 11.09 -0.92
CA LEU A 48 -5.02 10.02 -1.91
C LEU A 48 -6.28 10.21 -2.74
N GLY A 49 -6.24 9.74 -3.98
CA GLY A 49 -7.39 9.87 -4.88
C GLY A 49 -8.11 8.55 -5.04
N GLY A 50 -7.35 7.49 -5.33
CA GLY A 50 -7.94 6.17 -5.48
C GLY A 50 -6.93 5.07 -5.18
N VAL A 51 -7.42 3.85 -5.00
CA VAL A 51 -6.56 2.68 -4.78
C VAL A 51 -7.13 1.56 -5.65
N TRP A 52 -6.27 0.74 -6.22
CA TRP A 52 -6.70 -0.35 -7.10
C TRP A 52 -5.94 -1.63 -6.74
N ASN A 53 -6.49 -2.76 -7.16
CA ASN A 53 -5.95 -4.09 -6.86
C ASN A 53 -5.91 -4.38 -5.36
N GLY A 54 -6.95 -3.93 -4.66
CA GLY A 54 -7.12 -4.24 -3.25
C GLY A 54 -8.45 -3.69 -2.76
N SER A 55 -8.81 -4.01 -1.51
CA SER A 55 -10.04 -3.49 -0.91
C SER A 55 -9.68 -2.50 0.19
N LEU A 56 -10.24 -1.29 0.12
CA LEU A 56 -9.87 -0.22 1.04
C LEU A 56 -10.73 -0.21 2.29
N THR A 57 -10.09 0.04 3.43
CA THR A 57 -10.79 0.27 4.69
C THR A 57 -10.12 1.48 5.36
N SER A 58 -10.84 2.16 6.23
CA SER A 58 -10.33 3.38 6.86
C SER A 58 -9.86 3.11 8.28
N GLY A 59 -8.91 3.90 8.75
CA GLY A 59 -8.45 3.81 10.12
C GLY A 59 -8.88 5.03 10.90
N SER A 60 -8.98 4.89 12.23
CA SER A 60 -9.48 5.98 13.09
C SER A 60 -8.53 7.18 13.10
N ASP A 61 -7.26 6.95 12.83
CA ASP A 61 -6.27 8.02 12.84
C ASP A 61 -6.27 8.79 11.53
N GLY A 62 -7.30 8.58 10.72
CA GLY A 62 -7.41 9.24 9.44
C GLY A 62 -6.57 8.56 8.38
N THR A 63 -6.20 7.31 8.66
CA THR A 63 -5.32 6.55 7.78
C THR A 63 -6.11 5.71 6.79
N VAL A 64 -5.42 5.20 5.78
CA VAL A 64 -6.02 4.30 4.80
C VAL A 64 -5.33 2.94 4.85
N THR A 65 -6.13 1.88 4.96
CA THR A 65 -5.60 0.53 5.08
C THR A 65 -6.17 -0.34 3.96
N VAL A 66 -5.30 -0.79 3.07
CA VAL A 66 -5.71 -1.63 1.95
C VAL A 66 -5.55 -3.08 2.38
N ARG A 67 -6.61 -3.87 2.27
CA ARG A 67 -6.57 -5.25 2.77
C ARG A 67 -7.34 -6.19 1.86
N ASN A 68 -7.31 -7.47 2.21
CA ASN A 68 -8.08 -8.51 1.52
C ASN A 68 -7.77 -8.51 0.02
N VAL A 69 -6.50 -8.63 -0.30
CA VAL A 69 -6.07 -8.70 -1.71
C VAL A 69 -6.64 -9.97 -2.36
N ASP A 70 -7.38 -9.77 -3.43
CA ASP A 70 -8.06 -10.85 -4.14
C ASP A 70 -7.14 -11.57 -5.12
N HIS A 71 -6.24 -10.82 -5.73
CA HIS A 71 -5.40 -11.32 -6.82
C HIS A 71 -4.21 -12.09 -6.30
N ASN A 72 -4.26 -12.50 -5.03
CA ASN A 72 -3.23 -13.38 -4.47
C ASN A 72 -3.42 -14.79 -5.03
N ARG A 73 -4.55 -15.00 -5.69
CA ARG A 73 -4.82 -16.22 -6.44
C ARG A 73 -3.85 -16.39 -7.61
N VAL A 74 -3.35 -15.27 -8.13
CA VAL A 74 -2.50 -15.28 -9.32
C VAL A 74 -1.03 -15.32 -8.92
N VAL A 75 -0.71 -14.67 -7.81
CA VAL A 75 0.67 -14.55 -7.35
C VAL A 75 1.13 -15.88 -6.74
N PRO A 76 2.33 -16.37 -7.12
CA PRO A 76 2.80 -17.63 -6.55
C PRO A 76 3.17 -17.51 -5.07
N PRO A 77 3.34 -18.65 -4.37
CA PRO A 77 3.79 -18.61 -2.98
C PRO A 77 5.25 -18.18 -2.88
N ASP A 78 5.72 -18.01 -1.64
CA ASP A 78 7.08 -17.59 -1.32
C ASP A 78 7.60 -16.41 -2.16
N GLY A 79 6.67 -15.58 -2.63
CA GLY A 79 7.02 -14.40 -3.39
C GLY A 79 6.42 -13.13 -2.83
N SER A 80 6.49 -12.06 -3.61
CA SER A 80 5.96 -10.77 -3.20
C SER A 80 4.66 -10.46 -3.91
N VAL A 81 3.85 -9.59 -3.33
CA VAL A 81 2.60 -9.15 -3.94
C VAL A 81 2.70 -7.66 -4.20
N THR A 82 1.92 -7.15 -5.16
CA THR A 82 1.97 -5.72 -5.49
C THR A 82 0.58 -5.19 -5.81
N PHE A 83 0.42 -3.88 -5.65
CA PHE A 83 -0.82 -3.17 -5.96
C PHE A 83 -0.43 -1.71 -6.12
N GLY A 84 -1.39 -0.84 -6.38
CA GLY A 84 -1.06 0.57 -6.54
C GLY A 84 -2.18 1.52 -6.19
N PHE A 85 -1.86 2.80 -6.21
CA PHE A 85 -2.79 3.86 -5.83
C PHE A 85 -2.45 5.13 -6.62
N THR A 86 -3.26 6.16 -6.45
CA THR A 86 -2.95 7.47 -7.01
C THR A 86 -3.20 8.51 -5.92
N ALA A 87 -2.44 9.60 -5.97
CA ALA A 87 -2.49 10.63 -4.95
C ALA A 87 -2.49 12.01 -5.60
N THR A 88 -2.97 13.01 -4.88
CA THR A 88 -3.01 14.39 -5.35
C THR A 88 -2.43 15.32 -4.31
N SER A 89 -1.93 16.47 -4.75
CA SER A 89 -1.30 17.44 -3.87
C SER A 89 -2.20 18.66 -3.71
N THR A 90 -2.18 19.24 -2.52
CA THR A 90 -2.93 20.46 -2.24
C THR A 90 -1.97 21.55 -1.76
N GLY A 91 -0.67 21.31 -1.93
CA GLY A 91 0.33 22.29 -1.53
C GLY A 91 1.74 21.76 -1.45
N ASN A 92 1.91 20.49 -1.12
CA ASN A 92 3.25 19.90 -0.99
C ASN A 92 3.51 18.92 -2.13
N ASP A 93 4.48 19.25 -2.98
CA ASP A 93 4.79 18.45 -4.15
C ASP A 93 5.76 17.32 -3.82
N PHE A 94 6.13 17.20 -2.55
CA PHE A 94 7.11 16.22 -2.11
C PHE A 94 6.47 15.14 -1.25
N PRO A 95 6.97 13.90 -1.31
CA PRO A 95 6.44 12.87 -0.42
C PRO A 95 6.86 13.11 1.04
N VAL A 96 6.06 12.63 1.98
CA VAL A 96 6.30 12.89 3.40
C VAL A 96 6.51 11.60 4.18
N ASP A 97 5.54 10.69 4.13
CA ASP A 97 5.54 9.52 5.00
C ASP A 97 5.94 8.24 4.28
N SER A 98 6.40 7.27 5.06
CA SER A 98 6.77 5.96 4.55
C SER A 98 5.56 5.04 4.57
N ILE A 99 5.62 3.98 3.77
CA ILE A 99 4.55 2.99 3.72
C ILE A 99 4.98 1.72 4.46
N GLY A 100 4.01 0.92 4.90
CA GLY A 100 4.33 -0.32 5.60
C GLY A 100 3.21 -1.33 5.46
N CYS A 101 3.42 -2.52 6.00
CA CYS A 101 2.46 -3.62 5.87
C CYS A 101 2.33 -4.38 7.19
N VAL A 102 1.17 -4.99 7.38
CA VAL A 102 0.85 -5.68 8.64
C VAL A 102 0.06 -6.95 8.33
N ALA A 103 -0.03 -7.83 9.34
CA ALA A 103 -0.84 -9.04 9.26
C ALA A 103 -1.83 -8.97 10.41
N PRO A 104 -3.00 -9.60 10.27
CA PRO A 104 -3.98 -9.57 11.36
C PRO A 104 -3.60 -10.49 12.52
N HIS A 1 7.69 -3.63 14.50
CA HIS A 1 8.58 -3.25 13.37
C HIS A 1 8.60 -4.35 12.31
N THR A 2 7.77 -4.18 11.28
CA THR A 2 7.54 -5.23 10.27
C THR A 2 7.07 -6.53 10.93
N GLY A 3 6.96 -7.60 10.15
CA GLY A 3 6.54 -8.88 10.68
C GLY A 3 6.75 -9.97 9.65
N SER A 4 5.65 -10.57 9.22
CA SER A 4 5.69 -11.65 8.22
C SER A 4 6.05 -11.12 6.84
N CYS A 5 5.82 -9.82 6.63
CA CYS A 5 6.06 -9.20 5.32
C CYS A 5 6.83 -7.90 5.45
N MET A 6 7.37 -7.44 4.32
CA MET A 6 8.07 -6.16 4.20
C MET A 6 7.55 -5.51 2.93
N ALA A 7 7.58 -4.18 2.88
CA ALA A 7 6.98 -3.46 1.75
C ALA A 7 8.00 -2.57 1.06
N VAL A 8 7.79 -2.36 -0.24
CA VAL A 8 8.63 -1.51 -1.08
C VAL A 8 7.70 -0.58 -1.86
N TYR A 9 8.12 0.65 -2.12
CA TYR A 9 7.30 1.61 -2.82
C TYR A 9 8.05 2.30 -3.95
N SER A 10 7.39 2.47 -5.09
CA SER A 10 7.93 3.22 -6.21
C SER A 10 6.84 4.13 -6.80
N VAL A 11 7.25 5.24 -7.39
CA VAL A 11 6.31 6.13 -8.07
C VAL A 11 6.06 5.59 -9.48
N GLU A 12 4.80 5.53 -9.89
CA GLU A 12 4.44 5.07 -11.23
C GLU A 12 4.64 6.20 -12.25
N ASN A 13 3.95 7.31 -12.03
CA ASN A 13 4.02 8.46 -12.91
C ASN A 13 3.48 9.69 -12.19
N SER A 14 3.81 10.88 -12.69
CA SER A 14 3.29 12.12 -12.13
C SER A 14 2.87 13.07 -13.26
N TRP A 15 1.91 13.93 -12.97
CA TRP A 15 1.41 14.90 -13.95
C TRP A 15 0.86 16.10 -13.21
N SER A 16 0.47 17.14 -13.93
CA SER A 16 -0.12 18.31 -13.28
C SER A 16 -1.44 17.90 -12.64
N GLY A 17 -1.50 18.06 -11.32
CA GLY A 17 -2.72 17.79 -10.58
C GLY A 17 -2.78 16.44 -9.89
N GLY A 18 -1.74 15.62 -10.02
CA GLY A 18 -1.73 14.35 -9.34
C GLY A 18 -0.61 13.41 -9.74
N PHE A 19 -0.55 12.26 -9.07
CA PHE A 19 0.47 11.26 -9.35
C PHE A 19 -0.04 9.87 -8.98
N GLN A 20 0.68 8.85 -9.40
CA GLN A 20 0.33 7.47 -9.08
C GLN A 20 1.54 6.75 -8.50
N GLY A 21 1.26 5.73 -7.70
CA GLY A 21 2.32 4.98 -7.05
C GLY A 21 2.00 3.50 -6.94
N SER A 22 3.03 2.68 -6.85
CA SER A 22 2.86 1.23 -6.73
C SER A 22 3.56 0.74 -5.48
N VAL A 23 2.95 -0.25 -4.82
CA VAL A 23 3.48 -0.78 -3.58
C VAL A 23 3.57 -2.30 -3.67
N GLU A 24 4.78 -2.83 -3.45
CA GLU A 24 5.00 -4.27 -3.45
C GLU A 24 5.14 -4.75 -2.01
N VAL A 25 4.58 -5.92 -1.73
CA VAL A 25 4.65 -6.52 -0.40
C VAL A 25 5.19 -7.94 -0.54
N MET A 26 6.41 -8.15 -0.08
CA MET A 26 7.07 -9.44 -0.20
C MET A 26 6.87 -10.23 1.08
N ASN A 27 6.82 -11.55 0.96
CA ASN A 27 6.71 -12.41 2.13
C ASN A 27 8.12 -12.67 2.66
N HIS A 28 8.40 -12.14 3.85
CA HIS A 28 9.71 -12.31 4.48
C HIS A 28 9.69 -13.52 5.39
N GLY A 29 8.51 -13.86 5.91
CA GLY A 29 8.37 -14.99 6.82
C GLY A 29 8.15 -16.27 6.05
N THR A 30 8.10 -17.38 6.76
CA THR A 30 7.81 -18.68 6.14
C THR A 30 6.30 -18.87 6.02
N GLU A 31 5.54 -17.92 6.55
CA GLU A 31 4.08 -18.02 6.59
C GLU A 31 3.46 -17.14 5.50
N PRO A 32 2.69 -17.75 4.57
CA PRO A 32 1.96 -16.92 3.61
C PRO A 32 0.70 -16.33 4.22
N LEU A 33 0.84 -15.20 4.90
CA LEU A 33 -0.27 -14.61 5.66
C LEU A 33 -1.33 -14.04 4.73
N ASN A 34 -2.49 -14.71 4.71
CA ASN A 34 -3.62 -14.27 3.91
C ASN A 34 -4.39 -13.20 4.69
N GLY A 35 -4.75 -12.11 4.02
CA GLY A 35 -5.56 -11.08 4.65
C GLY A 35 -4.77 -10.01 5.37
N TRP A 36 -3.47 -9.93 5.11
CA TRP A 36 -2.65 -8.87 5.72
C TRP A 36 -3.05 -7.53 5.12
N ALA A 37 -2.65 -6.45 5.78
CA ALA A 37 -3.06 -5.10 5.39
C ALA A 37 -1.83 -4.20 5.26
N VAL A 38 -1.97 -3.15 4.47
CA VAL A 38 -0.91 -2.14 4.32
C VAL A 38 -1.51 -0.78 4.63
N GLN A 39 -0.94 -0.07 5.59
CA GLN A 39 -1.47 1.24 6.00
C GLN A 39 -0.40 2.30 5.83
N TRP A 40 -0.84 3.53 5.58
CA TRP A 40 0.08 4.65 5.42
C TRP A 40 -0.62 5.94 5.81
N GLN A 41 0.17 7.01 5.98
CA GLN A 41 -0.36 8.32 6.28
C GLN A 41 0.22 9.30 5.26
N PRO A 42 -0.63 10.11 4.60
CA PRO A 42 -0.10 11.02 3.59
C PRO A 42 0.65 12.22 4.19
N GLY A 43 1.39 12.93 3.35
CA GLY A 43 2.13 14.09 3.79
C GLY A 43 1.21 15.29 3.98
N GLY A 44 1.77 16.38 4.51
CA GLY A 44 0.99 17.59 4.71
C GLY A 44 0.57 18.24 3.41
N GLY A 45 -0.71 18.09 3.05
CA GLY A 45 -1.22 18.62 1.80
C GLY A 45 -1.53 17.53 0.81
N THR A 46 -1.02 16.32 1.06
CA THR A 46 -1.24 15.18 0.20
C THR A 46 -2.52 14.45 0.61
N THR A 47 -3.23 13.87 -0.35
CA THR A 47 -4.41 13.05 -0.06
C THR A 47 -4.54 11.95 -1.10
N LEU A 48 -5.20 10.87 -0.74
CA LEU A 48 -5.32 9.70 -1.63
C LEU A 48 -6.60 9.83 -2.43
N GLY A 49 -6.57 9.37 -3.68
CA GLY A 49 -7.73 9.45 -4.54
C GLY A 49 -8.40 8.11 -4.75
N GLY A 50 -7.63 7.10 -5.13
CA GLY A 50 -8.17 5.77 -5.36
C GLY A 50 -7.12 4.70 -5.15
N VAL A 51 -7.57 3.44 -5.09
CA VAL A 51 -6.69 2.29 -4.96
C VAL A 51 -7.22 1.21 -5.91
N TRP A 52 -6.33 0.49 -6.58
CA TRP A 52 -6.75 -0.64 -7.41
C TRP A 52 -6.10 -1.92 -6.91
N ASN A 53 -6.76 -3.04 -7.17
CA ASN A 53 -6.33 -4.37 -6.69
C ASN A 53 -6.20 -4.40 -5.17
N GLY A 54 -7.29 -4.07 -4.48
CA GLY A 54 -7.33 -4.17 -3.03
C GLY A 54 -8.66 -3.70 -2.47
N SER A 55 -8.90 -3.95 -1.19
CA SER A 55 -10.12 -3.50 -0.52
C SER A 55 -9.74 -2.46 0.53
N LEU A 56 -10.45 -1.34 0.55
CA LEU A 56 -10.12 -0.22 1.43
C LEU A 56 -10.91 -0.26 2.72
N THR A 57 -10.21 -0.01 3.82
CA THR A 57 -10.84 0.14 5.14
C THR A 57 -10.12 1.30 5.83
N SER A 58 -10.76 1.94 6.79
CA SER A 58 -10.19 3.09 7.47
C SER A 58 -9.84 2.78 8.92
N GLY A 59 -8.95 3.60 9.49
CA GLY A 59 -8.54 3.45 10.87
C GLY A 59 -9.16 4.55 11.73
N SER A 60 -8.98 4.42 13.04
CA SER A 60 -9.51 5.41 13.99
C SER A 60 -8.78 6.73 13.84
N ASP A 61 -7.59 6.68 13.26
CA ASP A 61 -6.73 7.87 13.13
C ASP A 61 -7.09 8.64 11.86
N GLY A 62 -8.17 8.23 11.21
CA GLY A 62 -8.59 8.86 9.97
C GLY A 62 -7.75 8.41 8.78
N THR A 63 -6.80 7.52 9.03
CA THR A 63 -5.91 7.02 7.99
C THR A 63 -6.59 5.84 7.31
N VAL A 64 -6.01 5.37 6.21
CA VAL A 64 -6.60 4.28 5.45
C VAL A 64 -5.64 3.11 5.34
N THR A 65 -6.19 1.92 5.13
CA THR A 65 -5.38 0.72 4.93
C THR A 65 -6.03 -0.14 3.86
N VAL A 66 -5.20 -0.81 3.08
CA VAL A 66 -5.65 -1.66 1.99
C VAL A 66 -5.38 -3.10 2.38
N ARG A 67 -6.41 -3.94 2.35
CA ARG A 67 -6.31 -5.30 2.88
C ARG A 67 -6.99 -6.32 1.97
N ASN A 68 -6.73 -7.60 2.24
CA ASN A 68 -7.45 -8.71 1.65
C ASN A 68 -7.61 -8.61 0.13
N VAL A 69 -6.50 -8.46 -0.58
CA VAL A 69 -6.55 -8.40 -2.04
C VAL A 69 -7.02 -9.73 -2.61
N ASP A 70 -7.91 -9.68 -3.59
CA ASP A 70 -8.48 -10.87 -4.20
C ASP A 70 -7.42 -11.83 -4.76
N HIS A 71 -6.31 -11.28 -5.25
CA HIS A 71 -5.27 -12.10 -5.88
C HIS A 71 -4.49 -12.95 -4.89
N ASN A 72 -4.77 -12.81 -3.61
CA ASN A 72 -4.07 -13.57 -2.58
C ASN A 72 -4.61 -14.99 -2.44
N ARG A 73 -5.63 -15.31 -3.22
CA ARG A 73 -6.24 -16.64 -3.19
C ARG A 73 -5.46 -17.65 -4.01
N VAL A 74 -4.65 -17.19 -4.95
CA VAL A 74 -4.01 -18.09 -5.91
C VAL A 74 -2.50 -17.84 -6.01
N VAL A 75 -2.01 -16.82 -5.33
CA VAL A 75 -0.59 -16.51 -5.35
C VAL A 75 0.15 -17.62 -4.59
N PRO A 76 1.27 -18.12 -5.14
CA PRO A 76 2.00 -19.15 -4.41
C PRO A 76 2.72 -18.58 -3.18
N PRO A 77 3.10 -19.45 -2.23
CA PRO A 77 3.92 -18.98 -1.11
C PRO A 77 5.34 -18.63 -1.57
N ASP A 78 6.13 -18.04 -0.68
CA ASP A 78 7.51 -17.65 -0.95
C ASP A 78 7.66 -16.49 -1.95
N GLY A 79 6.55 -16.15 -2.61
CA GLY A 79 6.57 -15.08 -3.60
C GLY A 79 6.25 -13.72 -3.03
N SER A 80 5.81 -12.82 -3.91
CA SER A 80 5.53 -11.44 -3.54
C SER A 80 4.27 -10.98 -4.28
N VAL A 81 3.61 -9.95 -3.75
CA VAL A 81 2.40 -9.40 -4.37
C VAL A 81 2.55 -7.89 -4.49
N THR A 82 1.79 -7.27 -5.40
CA THR A 82 1.85 -5.83 -5.58
C THR A 82 0.47 -5.28 -5.92
N PHE A 83 0.28 -3.99 -5.66
CA PHE A 83 -0.95 -3.27 -5.98
C PHE A 83 -0.57 -1.78 -6.04
N GLY A 84 -1.51 -0.91 -6.38
CA GLY A 84 -1.17 0.50 -6.52
C GLY A 84 -2.31 1.44 -6.22
N PHE A 85 -1.99 2.73 -6.22
CA PHE A 85 -2.95 3.77 -5.84
C PHE A 85 -2.66 5.06 -6.61
N THR A 86 -3.61 5.99 -6.56
CA THR A 86 -3.46 7.31 -7.16
C THR A 86 -3.71 8.35 -6.06
N ALA A 87 -3.05 9.50 -6.19
CA ALA A 87 -3.07 10.52 -5.14
C ALA A 87 -2.82 11.89 -5.75
N THR A 88 -3.03 12.93 -4.94
CA THR A 88 -2.72 14.30 -5.32
C THR A 88 -2.28 15.07 -4.09
N SER A 89 -1.87 16.32 -4.32
CA SER A 89 -1.37 17.17 -3.24
C SER A 89 -1.61 18.65 -3.55
N THR A 90 -1.56 19.46 -2.50
CA THR A 90 -1.71 20.91 -2.65
C THR A 90 -0.37 21.58 -2.96
N GLY A 91 0.68 20.78 -3.09
CA GLY A 91 1.99 21.32 -3.41
C GLY A 91 3.13 20.48 -2.89
N ASN A 92 2.93 19.78 -1.77
CA ASN A 92 3.96 18.92 -1.21
C ASN A 92 3.83 17.50 -1.72
N ASP A 93 4.61 17.15 -2.73
CA ASP A 93 4.57 15.81 -3.32
C ASP A 93 5.60 14.91 -2.63
N PHE A 94 6.11 15.37 -1.50
CA PHE A 94 7.22 14.69 -0.82
C PHE A 94 6.72 13.76 0.28
N PRO A 95 7.34 12.56 0.41
CA PRO A 95 6.95 11.64 1.49
C PRO A 95 7.51 12.08 2.84
N VAL A 96 7.10 11.40 3.90
CA VAL A 96 7.55 11.72 5.24
C VAL A 96 8.23 10.54 5.93
N ASP A 97 7.71 9.34 5.73
CA ASP A 97 8.25 8.15 6.37
C ASP A 97 8.00 6.94 5.47
N SER A 98 8.61 5.81 5.80
CA SER A 98 8.41 4.57 5.05
C SER A 98 7.07 3.95 5.39
N ILE A 99 6.57 3.10 4.52
CA ILE A 99 5.30 2.41 4.73
C ILE A 99 5.60 0.94 4.97
N GLY A 100 4.67 0.25 5.62
CA GLY A 100 4.85 -1.15 5.93
C GLY A 100 3.55 -1.90 6.07
N CYS A 101 3.63 -3.22 6.02
CA CYS A 101 2.45 -4.06 6.16
C CYS A 101 2.24 -4.38 7.63
N VAL A 102 1.02 -4.79 7.97
CA VAL A 102 0.67 -5.24 9.30
C VAL A 102 -0.23 -6.45 9.18
N ALA A 103 -0.37 -7.20 10.28
CA ALA A 103 -1.37 -8.25 10.36
C ALA A 103 -2.62 -7.60 10.98
N PRO A 104 -3.81 -8.14 10.71
CA PRO A 104 -5.00 -7.56 11.33
C PRO A 104 -5.11 -7.88 12.82
N HIS A 1 10.99 -12.53 14.39
CA HIS A 1 11.69 -12.38 13.09
C HIS A 1 11.10 -13.35 12.06
N THR A 2 10.90 -12.87 10.83
CA THR A 2 10.15 -13.58 9.81
C THR A 2 8.76 -13.92 10.32
N GLY A 3 8.01 -14.71 9.57
CA GLY A 3 6.63 -15.02 9.95
C GLY A 3 5.69 -13.88 9.67
N SER A 4 6.14 -12.95 8.82
CA SER A 4 5.33 -11.78 8.46
C SER A 4 5.76 -11.32 7.07
N CYS A 5 5.00 -10.37 6.51
CA CYS A 5 5.31 -9.81 5.20
C CYS A 5 6.39 -8.73 5.31
N MET A 6 6.87 -8.27 4.16
CA MET A 6 7.68 -7.06 4.08
C MET A 6 7.17 -6.29 2.85
N ALA A 7 7.17 -4.96 2.92
CA ALA A 7 6.64 -4.16 1.82
C ALA A 7 7.68 -3.16 1.29
N VAL A 8 7.53 -2.80 0.03
CA VAL A 8 8.38 -1.83 -0.64
C VAL A 8 7.46 -0.85 -1.37
N TYR A 9 7.74 0.44 -1.28
CA TYR A 9 6.89 1.46 -1.90
C TYR A 9 7.65 2.32 -2.90
N SER A 10 7.14 2.40 -4.12
CA SER A 10 7.69 3.27 -5.14
C SER A 10 6.61 4.22 -5.69
N VAL A 11 7.01 5.41 -6.09
CA VAL A 11 6.12 6.29 -6.84
C VAL A 11 6.13 5.76 -8.27
N GLU A 12 4.96 5.54 -8.84
CA GLU A 12 4.83 4.94 -10.16
C GLU A 12 5.09 5.98 -11.24
N ASN A 13 4.32 7.06 -11.19
CA ASN A 13 4.47 8.17 -12.13
C ASN A 13 3.84 9.41 -11.51
N SER A 14 4.16 10.59 -12.04
CA SER A 14 3.58 11.83 -11.53
C SER A 14 3.26 12.76 -12.70
N TRP A 15 2.34 13.69 -12.46
CA TRP A 15 1.94 14.67 -13.47
C TRP A 15 1.39 15.90 -12.74
N SER A 16 1.02 16.92 -13.49
CA SER A 16 0.44 18.11 -12.87
C SER A 16 -0.84 17.76 -12.13
N GLY A 17 -0.86 18.03 -10.83
CA GLY A 17 -2.05 17.84 -10.03
C GLY A 17 -2.11 16.53 -9.26
N GLY A 18 -1.10 15.68 -9.37
CA GLY A 18 -1.12 14.44 -8.61
C GLY A 18 -0.06 13.43 -9.02
N PHE A 19 -0.17 12.22 -8.48
CA PHE A 19 0.77 11.15 -8.78
C PHE A 19 0.13 9.79 -8.55
N GLN A 20 0.80 8.74 -8.99
CA GLN A 20 0.36 7.37 -8.74
C GLN A 20 1.45 6.66 -7.96
N GLY A 21 1.06 5.65 -7.18
CA GLY A 21 2.00 4.95 -6.34
C GLY A 21 1.78 3.45 -6.38
N SER A 22 2.87 2.70 -6.37
CA SER A 22 2.81 1.25 -6.44
C SER A 22 3.52 0.66 -5.23
N VAL A 23 2.98 -0.45 -4.72
CA VAL A 23 3.49 -1.09 -3.52
C VAL A 23 3.66 -2.58 -3.76
N GLU A 24 4.82 -3.10 -3.42
CA GLU A 24 5.07 -4.54 -3.51
C GLU A 24 5.05 -5.10 -2.10
N VAL A 25 4.46 -6.28 -1.93
CA VAL A 25 4.48 -6.97 -0.64
C VAL A 25 4.98 -8.39 -0.86
N MET A 26 6.16 -8.68 -0.33
CA MET A 26 6.77 -10.00 -0.48
C MET A 26 6.56 -10.82 0.79
N ASN A 27 6.44 -12.13 0.61
CA ASN A 27 6.16 -13.04 1.72
C ASN A 27 7.45 -13.44 2.41
N HIS A 28 7.85 -12.66 3.41
CA HIS A 28 9.13 -12.88 4.08
C HIS A 28 9.08 -14.05 5.05
N GLY A 29 7.88 -14.52 5.35
CA GLY A 29 7.71 -15.70 6.19
C GLY A 29 8.00 -16.96 5.39
N THR A 30 8.19 -18.07 6.09
CA THR A 30 8.47 -19.35 5.44
C THR A 30 7.18 -19.95 4.89
N GLU A 31 6.07 -19.56 5.51
CA GLU A 31 4.74 -19.99 5.09
C GLU A 31 3.98 -18.78 4.58
N PRO A 32 3.01 -18.97 3.67
CA PRO A 32 2.33 -17.80 3.11
C PRO A 32 1.40 -17.10 4.11
N LEU A 33 1.53 -15.78 4.20
CA LEU A 33 0.65 -14.98 5.06
C LEU A 33 -0.52 -14.49 4.23
N ASN A 34 -1.73 -14.90 4.60
CA ASN A 34 -2.94 -14.43 3.94
C ASN A 34 -3.53 -13.23 4.69
N GLY A 35 -4.09 -12.28 3.94
CA GLY A 35 -4.93 -11.27 4.55
C GLY A 35 -4.19 -10.12 5.21
N TRP A 36 -2.91 -9.97 4.92
CA TRP A 36 -2.07 -8.93 5.53
C TRP A 36 -2.64 -7.54 5.26
N ALA A 37 -2.17 -6.57 6.04
CA ALA A 37 -2.58 -5.18 5.90
C ALA A 37 -1.37 -4.29 5.63
N VAL A 38 -1.60 -3.17 4.95
CA VAL A 38 -0.57 -2.19 4.66
C VAL A 38 -1.11 -0.82 5.05
N GLN A 39 -0.40 -0.12 5.93
CA GLN A 39 -0.87 1.17 6.41
C GLN A 39 -0.34 2.26 5.50
N TRP A 40 -1.08 3.36 5.42
CA TRP A 40 -0.77 4.44 4.48
C TRP A 40 -0.50 5.73 5.24
N GLN A 41 0.39 6.55 4.70
CA GLN A 41 0.75 7.83 5.31
C GLN A 41 0.50 8.93 4.29
N PRO A 42 -0.21 10.00 4.69
CA PRO A 42 -0.37 11.11 3.74
C PRO A 42 0.93 11.88 3.53
N GLY A 43 1.05 12.52 2.37
CA GLY A 43 2.16 13.43 2.13
C GLY A 43 1.69 14.84 2.46
N GLY A 44 2.62 15.78 2.50
CA GLY A 44 2.28 17.15 2.82
C GLY A 44 1.60 17.86 1.66
N GLY A 45 0.28 17.77 1.63
CA GLY A 45 -0.50 18.46 0.60
C GLY A 45 -1.11 17.53 -0.43
N THR A 46 -1.09 16.22 -0.16
CA THR A 46 -1.68 15.25 -1.07
C THR A 46 -2.77 14.44 -0.38
N THR A 47 -3.70 13.92 -1.18
CA THR A 47 -4.76 13.06 -0.67
C THR A 47 -4.97 11.95 -1.68
N LEU A 48 -5.51 10.81 -1.25
CA LEU A 48 -5.68 9.66 -2.12
C LEU A 48 -7.01 9.74 -2.86
N GLY A 49 -7.12 8.98 -3.94
CA GLY A 49 -8.37 8.90 -4.68
C GLY A 49 -8.91 7.48 -4.71
N GLY A 50 -8.29 6.63 -5.52
CA GLY A 50 -8.71 5.24 -5.62
C GLY A 50 -7.56 4.28 -5.38
N VAL A 51 -7.89 3.00 -5.24
CA VAL A 51 -6.90 1.95 -5.07
C VAL A 51 -7.18 0.89 -6.12
N TRP A 52 -6.17 0.10 -6.46
CA TRP A 52 -6.32 -1.00 -7.41
C TRP A 52 -5.48 -2.19 -6.99
N ASN A 53 -5.94 -3.38 -7.37
CA ASN A 53 -5.31 -4.65 -7.00
C ASN A 53 -5.23 -4.84 -5.48
N GLY A 54 -6.13 -4.20 -4.75
CA GLY A 54 -6.21 -4.37 -3.31
C GLY A 54 -7.49 -3.75 -2.78
N SER A 55 -7.83 -4.03 -1.53
CA SER A 55 -9.07 -3.52 -0.94
C SER A 55 -8.76 -2.45 0.10
N LEU A 56 -9.54 -1.37 0.09
CA LEU A 56 -9.29 -0.26 1.01
C LEU A 56 -10.23 -0.30 2.21
N THR A 57 -9.71 0.08 3.37
CA THR A 57 -10.49 0.27 4.58
C THR A 57 -10.02 1.57 5.23
N SER A 58 -10.87 2.17 6.05
CA SER A 58 -10.54 3.44 6.70
C SER A 58 -10.47 3.27 8.21
N GLY A 59 -9.69 4.11 8.87
CA GLY A 59 -9.57 4.09 10.32
C GLY A 59 -10.26 5.30 10.93
N SER A 60 -10.45 5.27 12.24
CA SER A 60 -11.13 6.35 12.94
C SER A 60 -10.28 7.62 12.95
N ASP A 61 -8.97 7.44 12.79
CA ASP A 61 -8.01 8.54 12.88
C ASP A 61 -7.94 9.33 11.57
N GLY A 62 -8.79 8.98 10.61
CA GLY A 62 -8.79 9.65 9.32
C GLY A 62 -7.74 9.10 8.39
N THR A 63 -7.08 8.02 8.81
CA THR A 63 -6.08 7.36 8.00
C THR A 63 -6.73 6.19 7.29
N VAL A 64 -6.04 5.61 6.30
CA VAL A 64 -6.59 4.47 5.57
C VAL A 64 -5.60 3.32 5.58
N THR A 65 -6.12 2.11 5.34
CA THR A 65 -5.32 0.89 5.34
C THR A 65 -5.75 0.02 4.16
N VAL A 66 -4.80 -0.44 3.37
CA VAL A 66 -5.07 -1.33 2.25
C VAL A 66 -4.77 -2.75 2.72
N ARG A 67 -5.74 -3.66 2.62
CA ARG A 67 -5.55 -5.01 3.12
C ARG A 67 -6.33 -6.02 2.27
N ASN A 68 -6.10 -7.30 2.54
CA ASN A 68 -6.80 -8.39 1.87
C ASN A 68 -6.71 -8.27 0.35
N VAL A 69 -5.50 -8.40 -0.17
CA VAL A 69 -5.29 -8.49 -1.62
C VAL A 69 -6.08 -9.69 -2.14
N ASP A 70 -6.87 -9.46 -3.18
CA ASP A 70 -7.77 -10.47 -3.72
C ASP A 70 -7.08 -11.40 -4.71
N HIS A 71 -6.13 -10.85 -5.46
CA HIS A 71 -5.50 -11.56 -6.56
C HIS A 71 -4.40 -12.50 -6.10
N ASN A 72 -4.38 -12.82 -4.80
CA ASN A 72 -3.46 -13.81 -4.27
C ASN A 72 -4.15 -15.17 -4.22
N ARG A 73 -5.30 -15.24 -4.90
CA ARG A 73 -6.08 -16.48 -4.96
C ARG A 73 -5.24 -17.62 -5.55
N VAL A 74 -4.31 -17.26 -6.43
CA VAL A 74 -3.31 -18.20 -6.92
C VAL A 74 -1.96 -17.52 -6.73
N VAL A 75 -1.16 -18.04 -5.81
CA VAL A 75 0.12 -17.41 -5.47
C VAL A 75 1.11 -18.52 -5.07
N PRO A 76 2.36 -18.44 -5.55
CA PRO A 76 3.32 -19.47 -5.13
C PRO A 76 3.77 -19.27 -3.69
N PRO A 77 4.37 -20.30 -3.07
CA PRO A 77 4.91 -20.07 -1.72
C PRO A 77 6.07 -19.08 -1.76
N ASP A 78 6.29 -18.39 -0.64
CA ASP A 78 7.33 -17.37 -0.49
C ASP A 78 7.43 -16.39 -1.66
N GLY A 79 6.31 -16.19 -2.37
CA GLY A 79 6.29 -15.29 -3.50
C GLY A 79 6.04 -13.85 -3.12
N SER A 80 5.73 -13.03 -4.11
CA SER A 80 5.48 -11.61 -3.91
C SER A 80 4.31 -11.15 -4.77
N VAL A 81 3.60 -10.13 -4.29
CA VAL A 81 2.45 -9.58 -5.01
C VAL A 81 2.54 -8.06 -4.96
N THR A 82 1.81 -7.38 -5.84
CA THR A 82 1.83 -5.92 -5.86
C THR A 82 0.41 -5.35 -5.98
N PHE A 83 0.27 -4.09 -5.58
CA PHE A 83 -0.97 -3.34 -5.70
C PHE A 83 -0.58 -1.87 -5.77
N GLY A 84 -1.54 -0.98 -5.95
CA GLY A 84 -1.22 0.43 -5.99
C GLY A 84 -2.41 1.34 -5.82
N PHE A 85 -2.18 2.64 -5.92
CA PHE A 85 -3.22 3.64 -5.70
C PHE A 85 -2.92 4.88 -6.53
N THR A 86 -3.88 5.80 -6.57
CA THR A 86 -3.67 7.09 -7.24
C THR A 86 -3.98 8.20 -6.23
N ALA A 87 -3.30 9.34 -6.38
CA ALA A 87 -3.42 10.44 -5.44
C ALA A 87 -3.45 11.78 -6.20
N THR A 88 -4.01 12.79 -5.55
CA THR A 88 -4.09 14.13 -6.12
C THR A 88 -3.49 15.13 -5.14
N SER A 89 -3.04 16.25 -5.67
CA SER A 89 -2.33 17.26 -4.89
C SER A 89 -3.11 18.57 -4.83
N THR A 90 -3.00 19.27 -3.72
CA THR A 90 -3.63 20.59 -3.57
C THR A 90 -2.62 21.69 -3.88
N GLY A 91 -1.40 21.29 -4.25
CA GLY A 91 -0.38 22.26 -4.62
C GLY A 91 0.97 21.98 -3.98
N ASN A 92 1.02 21.02 -3.04
CA ASN A 92 2.26 20.63 -2.39
C ASN A 92 2.39 19.12 -2.44
N ASP A 93 3.58 18.65 -2.81
CA ASP A 93 3.82 17.23 -3.05
C ASP A 93 4.88 16.71 -2.10
N PHE A 94 4.98 17.30 -0.92
CA PHE A 94 6.04 16.96 0.02
C PHE A 94 5.94 15.50 0.48
N PRO A 95 7.00 14.71 0.25
CA PRO A 95 6.96 13.32 0.73
C PRO A 95 7.22 13.22 2.22
N VAL A 96 7.00 12.05 2.80
CA VAL A 96 7.27 11.81 4.21
C VAL A 96 8.17 10.58 4.38
N ASP A 97 7.62 9.40 4.14
CA ASP A 97 8.37 8.16 4.27
C ASP A 97 7.68 7.07 3.44
N SER A 98 8.34 5.95 3.25
CA SER A 98 7.74 4.79 2.60
C SER A 98 6.79 4.09 3.56
N ILE A 99 5.89 3.29 3.03
CA ILE A 99 4.90 2.59 3.83
C ILE A 99 5.26 1.11 3.99
N GLY A 100 4.82 0.52 5.10
CA GLY A 100 5.13 -0.86 5.40
C GLY A 100 3.88 -1.68 5.68
N CYS A 101 4.05 -2.98 5.82
CA CYS A 101 2.90 -3.87 6.05
C CYS A 101 2.93 -4.42 7.47
N VAL A 102 1.75 -4.80 7.95
CA VAL A 102 1.54 -5.27 9.32
C VAL A 102 0.54 -6.42 9.29
N ALA A 103 0.48 -7.17 10.39
CA ALA A 103 -0.53 -8.22 10.53
C ALA A 103 -1.90 -7.53 10.61
N PRO A 104 -2.97 -8.20 10.14
CA PRO A 104 -4.29 -7.58 10.18
C PRO A 104 -4.91 -7.59 11.58
N HIS A 1 8.71 -3.12 12.87
CA HIS A 1 9.31 -4.22 13.70
C HIS A 1 8.45 -5.48 13.63
N THR A 2 9.03 -6.56 13.09
CA THR A 2 8.35 -7.86 12.97
C THR A 2 6.93 -7.76 12.45
N GLY A 3 6.77 -7.28 11.22
CA GLY A 3 5.45 -7.15 10.63
C GLY A 3 5.13 -8.27 9.65
N SER A 4 5.91 -9.34 9.71
CA SER A 4 5.75 -10.53 8.83
C SER A 4 6.10 -10.25 7.37
N CYS A 5 6.21 -8.98 7.02
CA CYS A 5 6.60 -8.60 5.67
C CYS A 5 7.37 -7.29 5.71
N MET A 6 7.85 -6.86 4.55
CA MET A 6 8.46 -5.55 4.39
C MET A 6 7.94 -5.03 3.06
N ALA A 7 7.82 -3.72 2.91
CA ALA A 7 7.27 -3.13 1.69
C ALA A 7 8.19 -2.00 1.18
N VAL A 8 8.14 -1.79 -0.13
CA VAL A 8 8.93 -0.74 -0.79
C VAL A 8 7.96 0.07 -1.66
N TYR A 9 8.06 1.39 -1.60
CA TYR A 9 7.15 2.27 -2.35
C TYR A 9 7.86 2.83 -3.57
N SER A 10 7.18 2.83 -4.71
CA SER A 10 7.69 3.39 -5.96
C SER A 10 6.70 4.41 -6.50
N VAL A 11 7.21 5.43 -7.17
CA VAL A 11 6.36 6.35 -7.92
C VAL A 11 6.17 5.81 -9.34
N GLU A 12 4.93 5.77 -9.82
CA GLU A 12 4.63 5.21 -11.15
C GLU A 12 4.80 6.28 -12.22
N ASN A 13 4.08 7.38 -12.08
CA ASN A 13 4.10 8.47 -13.05
C ASN A 13 3.45 9.71 -12.45
N SER A 14 3.73 10.89 -12.99
CA SER A 14 3.12 12.14 -12.53
C SER A 14 2.06 12.61 -13.53
N TRP A 15 1.09 13.38 -13.05
CA TRP A 15 0.07 13.98 -13.89
C TRP A 15 -0.36 15.31 -13.27
N SER A 16 -1.23 16.06 -13.95
CA SER A 16 -1.58 17.39 -13.45
C SER A 16 -2.36 17.28 -12.14
N GLY A 17 -1.77 17.86 -11.10
CA GLY A 17 -2.40 17.90 -9.79
C GLY A 17 -2.16 16.67 -8.94
N GLY A 18 -1.23 15.80 -9.34
CA GLY A 18 -1.04 14.56 -8.59
C GLY A 18 -0.04 13.60 -9.20
N PHE A 19 0.03 12.39 -8.66
CA PHE A 19 0.92 11.36 -9.18
C PHE A 19 0.28 9.99 -8.91
N GLN A 20 0.86 8.96 -9.52
CA GLN A 20 0.42 7.60 -9.29
C GLN A 20 1.58 6.86 -8.64
N GLY A 21 1.27 5.87 -7.81
CA GLY A 21 2.31 5.17 -7.09
C GLY A 21 1.94 3.72 -6.84
N SER A 22 2.93 2.88 -6.57
CA SER A 22 2.70 1.48 -6.30
C SER A 22 3.59 1.05 -5.15
N VAL A 23 3.18 0.00 -4.44
CA VAL A 23 3.97 -0.55 -3.36
C VAL A 23 4.13 -2.05 -3.56
N GLU A 24 5.36 -2.54 -3.42
CA GLU A 24 5.65 -3.96 -3.54
C GLU A 24 5.84 -4.49 -2.12
N VAL A 25 5.29 -5.67 -1.84
CA VAL A 25 5.30 -6.26 -0.50
C VAL A 25 5.87 -7.67 -0.58
N MET A 26 6.94 -7.94 0.14
CA MET A 26 7.56 -9.26 0.12
C MET A 26 6.67 -10.21 0.89
N ASN A 27 6.72 -11.49 0.52
CA ASN A 27 5.95 -12.52 1.22
C ASN A 27 6.92 -13.44 1.95
N HIS A 28 6.85 -13.47 3.27
CA HIS A 28 7.73 -14.33 4.07
C HIS A 28 7.27 -15.77 3.97
N GLY A 29 5.96 -15.99 3.90
CA GLY A 29 5.44 -17.33 3.83
C GLY A 29 5.37 -17.81 2.40
N THR A 30 5.23 -19.12 2.21
CA THR A 30 4.97 -19.67 0.89
C THR A 30 3.45 -19.83 0.73
N GLU A 31 2.74 -19.64 1.84
CA GLU A 31 1.29 -19.59 1.86
C GLU A 31 0.88 -18.17 2.23
N PRO A 32 -0.12 -17.60 1.55
CA PRO A 32 -0.50 -16.24 1.97
C PRO A 32 -1.37 -16.25 3.23
N LEU A 33 -1.18 -15.25 4.08
CA LEU A 33 -2.04 -15.07 5.24
C LEU A 33 -3.31 -14.37 4.81
N ASN A 34 -4.46 -14.89 5.23
CA ASN A 34 -5.71 -14.18 5.02
C ASN A 34 -5.74 -12.99 6.00
N GLY A 35 -6.22 -11.85 5.53
CA GLY A 35 -6.23 -10.65 6.34
C GLY A 35 -5.00 -9.79 6.09
N TRP A 36 -4.25 -10.13 5.05
CA TRP A 36 -3.07 -9.38 4.63
C TRP A 36 -3.45 -7.92 4.40
N ALA A 37 -2.66 -7.01 4.97
CA ALA A 37 -2.98 -5.58 4.92
C ALA A 37 -1.73 -4.71 4.70
N VAL A 38 -1.96 -3.54 4.14
CA VAL A 38 -0.92 -2.52 3.94
C VAL A 38 -1.49 -1.20 4.49
N GLN A 39 -0.82 -0.62 5.47
CA GLN A 39 -1.32 0.58 6.14
C GLN A 39 -0.26 1.66 6.11
N TRP A 40 -0.66 2.88 5.78
CA TRP A 40 0.24 4.03 5.76
C TRP A 40 -0.60 5.31 5.74
N GLN A 41 0.06 6.46 5.82
CA GLN A 41 -0.61 7.75 5.80
C GLN A 41 0.19 8.70 4.90
N PRO A 42 -0.49 9.48 4.05
CA PRO A 42 0.30 10.37 3.19
C PRO A 42 0.90 11.54 3.97
N GLY A 43 1.86 12.23 3.36
CA GLY A 43 2.48 13.40 3.98
C GLY A 43 1.58 14.60 3.89
N GLY A 44 1.98 15.69 4.53
CA GLY A 44 1.18 16.91 4.50
C GLY A 44 1.15 17.52 3.12
N GLY A 45 -0.06 17.70 2.59
CA GLY A 45 -0.22 18.30 1.26
C GLY A 45 -0.56 17.27 0.20
N THR A 46 -0.36 16.00 0.54
CA THR A 46 -0.74 14.91 -0.37
C THR A 46 -1.94 14.16 0.21
N THR A 47 -2.75 13.59 -0.66
CA THR A 47 -3.84 12.72 -0.23
C THR A 47 -4.14 11.67 -1.30
N LEU A 48 -4.93 10.67 -0.95
CA LEU A 48 -5.26 9.58 -1.88
C LEU A 48 -6.53 9.91 -2.65
N GLY A 49 -6.62 9.39 -3.86
CA GLY A 49 -7.85 9.43 -4.63
C GLY A 49 -8.47 8.06 -4.73
N GLY A 50 -7.94 7.24 -5.65
CA GLY A 50 -8.43 5.90 -5.83
C GLY A 50 -7.33 4.88 -5.59
N VAL A 51 -7.68 3.75 -5.01
CA VAL A 51 -6.71 2.70 -4.69
C VAL A 51 -7.27 1.37 -5.20
N TRP A 52 -6.42 0.56 -5.81
CA TRP A 52 -6.83 -0.70 -6.41
C TRP A 52 -5.95 -1.84 -5.91
N ASN A 53 -6.27 -3.04 -6.37
CA ASN A 53 -5.62 -4.29 -5.94
C ASN A 53 -5.85 -4.60 -4.46
N GLY A 54 -7.02 -4.27 -3.96
CA GLY A 54 -7.40 -4.67 -2.62
C GLY A 54 -8.69 -4.02 -2.16
N SER A 55 -9.13 -4.38 -0.95
CA SER A 55 -10.32 -3.76 -0.36
C SER A 55 -9.85 -2.60 0.51
N LEU A 56 -10.64 -1.54 0.60
CA LEU A 56 -10.18 -0.32 1.28
C LEU A 56 -10.87 -0.11 2.63
N THR A 57 -10.08 0.34 3.59
CA THR A 57 -10.56 0.76 4.90
C THR A 57 -9.74 1.98 5.32
N SER A 58 -10.18 2.69 6.35
CA SER A 58 -9.40 3.79 6.92
C SER A 58 -9.43 3.70 8.44
N GLY A 59 -8.34 4.12 9.08
CA GLY A 59 -8.26 4.10 10.53
C GLY A 59 -8.78 5.38 11.12
N SER A 60 -9.08 5.36 12.41
CA SER A 60 -9.56 6.55 13.10
C SER A 60 -8.46 7.62 13.22
N ASP A 61 -7.21 7.19 13.06
CA ASP A 61 -6.07 8.10 13.17
C ASP A 61 -5.77 8.75 11.82
N GLY A 62 -6.71 8.60 10.89
CA GLY A 62 -6.58 9.26 9.60
C GLY A 62 -5.71 8.49 8.62
N THR A 63 -5.40 7.25 8.95
CA THR A 63 -4.56 6.42 8.09
C THR A 63 -5.43 5.72 7.05
N VAL A 64 -4.81 5.28 5.95
CA VAL A 64 -5.50 4.47 4.95
C VAL A 64 -4.93 3.06 5.04
N THR A 65 -5.80 2.08 4.80
CA THR A 65 -5.43 0.67 4.94
C THR A 65 -6.03 -0.13 3.81
N VAL A 66 -5.18 -0.78 3.03
CA VAL A 66 -5.62 -1.72 2.01
C VAL A 66 -5.61 -3.09 2.69
N ARG A 67 -6.65 -3.87 2.52
CA ARG A 67 -6.76 -5.18 3.16
C ARG A 67 -7.42 -6.17 2.21
N ASN A 68 -7.47 -7.43 2.64
CA ASN A 68 -8.19 -8.50 1.92
C ASN A 68 -7.76 -8.58 0.46
N VAL A 69 -6.53 -9.04 0.24
CA VAL A 69 -5.98 -9.18 -1.11
C VAL A 69 -6.92 -9.97 -2.02
N ASP A 70 -7.14 -9.41 -3.22
CA ASP A 70 -8.02 -10.00 -4.22
C ASP A 70 -7.21 -10.60 -5.37
N HIS A 71 -6.08 -9.96 -5.67
CA HIS A 71 -5.28 -10.28 -6.84
C HIS A 71 -4.41 -11.52 -6.65
N ASN A 72 -4.77 -12.34 -5.68
CA ASN A 72 -4.10 -13.62 -5.47
C ASN A 72 -5.07 -14.80 -5.62
N ARG A 73 -6.32 -14.50 -5.96
CA ARG A 73 -7.38 -15.53 -6.01
C ARG A 73 -7.31 -16.36 -7.29
N VAL A 74 -6.70 -15.79 -8.33
CA VAL A 74 -6.57 -16.48 -9.62
C VAL A 74 -5.18 -17.06 -9.74
N VAL A 75 -4.20 -16.35 -9.18
CA VAL A 75 -2.81 -16.82 -9.20
C VAL A 75 -2.26 -16.79 -7.76
N PRO A 76 -1.89 -17.96 -7.21
CA PRO A 76 -1.34 -17.94 -5.85
C PRO A 76 0.05 -17.33 -5.85
N PRO A 77 0.50 -16.77 -4.71
CA PRO A 77 1.78 -16.06 -4.76
C PRO A 77 2.99 -17.01 -4.81
N ASP A 78 3.98 -16.65 -5.60
CA ASP A 78 5.26 -17.37 -5.64
C ASP A 78 6.38 -16.45 -5.22
N GLY A 79 6.02 -15.24 -4.78
CA GLY A 79 7.02 -14.26 -4.38
C GLY A 79 6.38 -13.02 -3.79
N SER A 80 6.89 -11.85 -4.15
CA SER A 80 6.33 -10.59 -3.68
C SER A 80 5.04 -10.28 -4.45
N VAL A 81 4.24 -9.39 -3.88
CA VAL A 81 3.00 -8.95 -4.55
C VAL A 81 3.00 -7.43 -4.58
N THR A 82 2.20 -6.85 -5.46
CA THR A 82 2.18 -5.40 -5.61
C THR A 82 0.76 -4.85 -5.49
N PHE A 83 0.69 -3.58 -5.12
CA PHE A 83 -0.57 -2.86 -5.00
C PHE A 83 -0.37 -1.51 -5.70
N GLY A 84 -1.45 -0.83 -6.03
CA GLY A 84 -1.32 0.47 -6.70
C GLY A 84 -2.39 1.47 -6.32
N PHE A 85 -2.08 2.75 -6.51
CA PHE A 85 -3.02 3.83 -6.17
C PHE A 85 -2.69 5.09 -6.95
N THR A 86 -3.61 6.05 -6.91
CA THR A 86 -3.36 7.38 -7.46
C THR A 86 -3.58 8.39 -6.33
N ALA A 87 -2.84 9.49 -6.39
CA ALA A 87 -2.85 10.48 -5.33
C ALA A 87 -3.02 11.88 -5.96
N THR A 88 -3.45 12.83 -5.15
CA THR A 88 -3.50 14.23 -5.57
C THR A 88 -2.66 15.02 -4.58
N SER A 89 -2.19 16.18 -5.00
CA SER A 89 -1.21 16.94 -4.21
C SER A 89 -1.37 18.44 -4.40
N THR A 90 -1.07 19.18 -3.33
CA THR A 90 -1.07 20.64 -3.39
C THR A 90 0.30 21.15 -3.87
N GLY A 91 1.22 20.23 -4.12
CA GLY A 91 2.56 20.59 -4.55
C GLY A 91 3.60 20.18 -3.53
N ASN A 92 3.13 19.75 -2.36
CA ASN A 92 4.02 19.23 -1.31
C ASN A 92 4.02 17.70 -1.36
N ASP A 93 4.94 17.13 -2.12
CA ASP A 93 4.97 15.69 -2.35
C ASP A 93 5.98 14.98 -1.44
N PHE A 94 6.52 15.69 -0.47
CA PHE A 94 7.56 15.16 0.42
C PHE A 94 7.06 13.97 1.26
N PRO A 95 7.80 12.86 1.26
CA PRO A 95 7.48 11.80 2.23
C PRO A 95 7.95 12.15 3.63
N VAL A 96 7.39 11.48 4.62
CA VAL A 96 7.71 11.78 6.01
C VAL A 96 8.22 10.52 6.72
N ASP A 97 7.68 9.36 6.37
CA ASP A 97 8.13 8.09 6.93
C ASP A 97 8.05 6.99 5.89
N SER A 98 8.64 5.84 6.21
CA SER A 98 8.69 4.71 5.28
C SER A 98 7.34 3.99 5.20
N ILE A 99 7.13 3.30 4.10
CA ILE A 99 5.89 2.57 3.87
C ILE A 99 6.05 1.21 4.53
N GLY A 100 4.95 0.65 5.02
CA GLY A 100 5.00 -0.62 5.71
C GLY A 100 3.79 -1.48 5.40
N CYS A 101 3.83 -2.73 5.87
CA CYS A 101 2.78 -3.70 5.61
C CYS A 101 2.66 -4.61 6.83
N VAL A 102 1.56 -5.35 6.93
CA VAL A 102 1.40 -6.32 7.99
C VAL A 102 0.62 -7.54 7.51
N ALA A 103 0.94 -8.69 8.06
CA ALA A 103 0.09 -9.88 7.96
C ALA A 103 -0.12 -10.33 9.39
N PRO A 104 -1.30 -10.88 9.72
CA PRO A 104 -1.52 -11.25 11.13
C PRO A 104 -0.64 -12.40 11.58
N HIS A 1 13.42 -14.67 12.44
CA HIS A 1 13.44 -13.23 12.84
C HIS A 1 12.24 -12.50 12.25
N THR A 2 11.61 -11.65 13.06
CA THR A 2 10.37 -10.94 12.71
C THR A 2 9.22 -11.92 12.48
N GLY A 3 8.00 -11.40 12.41
CA GLY A 3 6.83 -12.23 12.23
C GLY A 3 5.78 -11.54 11.39
N SER A 4 6.22 -10.70 10.46
CA SER A 4 5.33 -9.98 9.56
C SER A 4 6.05 -9.74 8.25
N CYS A 5 5.33 -9.23 7.26
CA CYS A 5 5.92 -8.88 5.97
C CYS A 5 6.70 -7.58 6.09
N MET A 6 7.52 -7.29 5.07
CA MET A 6 8.22 -6.02 4.98
C MET A 6 8.13 -5.62 3.50
N ALA A 7 8.00 -4.32 3.23
CA ALA A 7 7.48 -3.84 1.96
C ALA A 7 8.35 -2.73 1.36
N VAL A 8 8.06 -2.37 0.11
CA VAL A 8 8.73 -1.27 -0.58
C VAL A 8 7.67 -0.36 -1.20
N TYR A 9 7.95 0.94 -1.25
CA TYR A 9 7.02 1.93 -1.82
C TYR A 9 7.62 2.54 -3.08
N SER A 10 6.80 2.66 -4.13
CA SER A 10 7.25 3.20 -5.40
C SER A 10 6.27 4.25 -5.95
N VAL A 11 6.79 5.18 -6.75
CA VAL A 11 5.94 6.14 -7.47
C VAL A 11 5.93 5.74 -8.94
N GLU A 12 4.76 5.84 -9.58
CA GLU A 12 4.63 5.48 -10.99
C GLU A 12 4.97 6.67 -11.87
N ASN A 13 4.21 7.75 -11.73
CA ASN A 13 4.41 8.95 -12.53
C ASN A 13 3.62 10.11 -11.91
N SER A 14 4.00 11.34 -12.23
CA SER A 14 3.31 12.52 -11.73
C SER A 14 2.99 13.47 -12.88
N TRP A 15 1.91 14.24 -12.74
CA TRP A 15 1.47 15.15 -13.78
C TRP A 15 0.67 16.28 -13.15
N SER A 16 0.30 17.27 -13.95
CA SER A 16 -0.56 18.34 -13.44
C SER A 16 -1.93 17.78 -13.12
N GLY A 17 -2.31 17.88 -11.86
CA GLY A 17 -3.60 17.39 -11.40
C GLY A 17 -3.51 16.19 -10.48
N GLY A 18 -2.34 15.56 -10.39
CA GLY A 18 -2.17 14.44 -9.48
C GLY A 18 -1.04 13.52 -9.87
N PHE A 19 -0.90 12.41 -9.14
CA PHE A 19 0.15 11.44 -9.43
C PHE A 19 -0.34 10.03 -9.05
N GLN A 20 0.39 9.03 -9.50
CA GLN A 20 0.05 7.64 -9.19
C GLN A 20 1.19 7.00 -8.41
N GLY A 21 0.84 6.10 -7.50
CA GLY A 21 1.83 5.43 -6.68
C GLY A 21 1.52 3.94 -6.59
N SER A 22 2.51 3.17 -6.16
CA SER A 22 2.39 1.72 -6.11
C SER A 22 3.17 1.20 -4.90
N VAL A 23 2.81 0.00 -4.44
CA VAL A 23 3.46 -0.60 -3.29
C VAL A 23 3.72 -2.08 -3.58
N GLU A 24 4.93 -2.53 -3.29
CA GLU A 24 5.27 -3.95 -3.41
C GLU A 24 5.26 -4.54 -2.00
N VAL A 25 4.68 -5.73 -1.87
CA VAL A 25 4.60 -6.41 -0.58
C VAL A 25 5.23 -7.79 -0.70
N MET A 26 6.21 -8.06 0.16
CA MET A 26 6.92 -9.33 0.11
C MET A 26 6.43 -10.24 1.25
N ASN A 27 6.10 -11.48 0.91
CA ASN A 27 5.72 -12.47 1.91
C ASN A 27 7.00 -12.93 2.60
N HIS A 28 7.25 -12.40 3.79
CA HIS A 28 8.49 -12.65 4.49
C HIS A 28 8.44 -13.94 5.31
N GLY A 29 7.24 -14.48 5.47
CA GLY A 29 7.06 -15.72 6.20
C GLY A 29 7.27 -16.91 5.27
N THR A 30 7.46 -18.09 5.85
CA THR A 30 7.57 -19.32 5.07
C THR A 30 6.17 -19.87 4.82
N GLU A 31 5.20 -19.28 5.51
CA GLU A 31 3.79 -19.59 5.33
C GLU A 31 3.12 -18.35 4.73
N PRO A 32 2.15 -18.54 3.83
CA PRO A 32 1.53 -17.37 3.22
C PRO A 32 0.60 -16.61 4.18
N LEU A 33 0.65 -15.28 4.11
CA LEU A 33 -0.20 -14.46 4.95
C LEU A 33 -1.63 -14.46 4.42
N ASN A 34 -2.59 -14.60 5.33
CA ASN A 34 -4.01 -14.43 4.99
C ASN A 34 -4.57 -13.20 5.70
N GLY A 35 -5.31 -12.37 4.98
CA GLY A 35 -6.02 -11.26 5.61
C GLY A 35 -5.14 -10.12 6.08
N TRP A 36 -3.90 -10.08 5.59
CA TRP A 36 -2.92 -9.09 6.02
C TRP A 36 -3.27 -7.73 5.43
N ALA A 37 -2.74 -6.67 6.02
CA ALA A 37 -3.04 -5.30 5.58
C ALA A 37 -1.77 -4.48 5.44
N VAL A 38 -1.72 -3.64 4.42
CA VAL A 38 -0.60 -2.74 4.16
C VAL A 38 -0.99 -1.34 4.63
N GLN A 39 -0.18 -0.75 5.51
CA GLN A 39 -0.51 0.54 6.08
C GLN A 39 0.42 1.62 5.55
N TRP A 40 -0.12 2.83 5.40
CA TRP A 40 0.65 3.98 4.93
C TRP A 40 -0.14 5.27 5.19
N GLN A 41 0.53 6.40 5.08
CA GLN A 41 -0.10 7.70 5.33
C GLN A 41 0.29 8.67 4.21
N PRO A 42 -0.67 9.47 3.72
CA PRO A 42 -0.27 10.50 2.75
C PRO A 42 0.60 11.58 3.41
N GLY A 43 1.42 12.24 2.61
CA GLY A 43 2.32 13.26 3.14
C GLY A 43 1.62 14.58 3.37
N GLY A 44 2.34 15.54 3.94
CA GLY A 44 1.78 16.85 4.21
C GLY A 44 1.57 17.64 2.93
N GLY A 45 0.33 17.72 2.48
CA GLY A 45 -0.01 18.45 1.28
C GLY A 45 -0.51 17.56 0.15
N THR A 46 -0.51 16.26 0.36
CA THR A 46 -1.11 15.32 -0.59
C THR A 46 -2.21 14.51 0.10
N THR A 47 -3.12 13.95 -0.69
CA THR A 47 -4.15 13.08 -0.16
C THR A 47 -4.50 12.04 -1.24
N LEU A 48 -4.94 10.87 -0.80
CA LEU A 48 -5.20 9.77 -1.71
C LEU A 48 -6.64 9.78 -2.19
N GLY A 49 -6.87 9.18 -3.36
CA GLY A 49 -8.20 9.15 -3.93
C GLY A 49 -8.73 7.74 -4.08
N GLY A 50 -8.12 6.97 -4.98
CA GLY A 50 -8.56 5.61 -5.24
C GLY A 50 -7.43 4.62 -5.10
N VAL A 51 -7.78 3.38 -4.76
CA VAL A 51 -6.80 2.31 -4.58
C VAL A 51 -7.29 1.11 -5.38
N TRP A 52 -6.36 0.40 -6.01
CA TRP A 52 -6.70 -0.74 -6.87
C TRP A 52 -5.83 -1.95 -6.54
N ASN A 53 -6.35 -3.13 -6.87
CA ASN A 53 -5.76 -4.42 -6.51
C ASN A 53 -5.70 -4.62 -4.99
N GLY A 54 -6.69 -4.08 -4.30
CA GLY A 54 -6.80 -4.29 -2.87
C GLY A 54 -8.02 -3.59 -2.31
N SER A 55 -8.51 -4.06 -1.17
CA SER A 55 -9.66 -3.43 -0.52
C SER A 55 -9.15 -2.44 0.52
N LEU A 56 -9.41 -1.15 0.28
CA LEU A 56 -8.93 -0.11 1.18
C LEU A 56 -9.93 0.16 2.30
N THR A 57 -9.41 0.52 3.47
CA THR A 57 -10.22 1.01 4.58
C THR A 57 -9.45 2.14 5.24
N SER A 58 -10.17 3.10 5.82
CA SER A 58 -9.52 4.24 6.47
C SER A 58 -9.52 4.06 7.98
N GLY A 59 -8.54 4.66 8.64
CA GLY A 59 -8.49 4.66 10.09
C GLY A 59 -9.08 5.94 10.64
N SER A 60 -9.24 6.02 11.95
CA SER A 60 -9.84 7.18 12.59
C SER A 60 -8.99 8.44 12.44
N ASP A 61 -7.69 8.24 12.24
CA ASP A 61 -6.74 9.36 12.17
C ASP A 61 -6.52 9.83 10.74
N GLY A 62 -7.37 9.38 9.82
CA GLY A 62 -7.24 9.77 8.42
C GLY A 62 -6.19 8.96 7.69
N THR A 63 -5.60 7.99 8.38
CA THR A 63 -4.61 7.11 7.78
C THR A 63 -5.35 6.04 6.99
N VAL A 64 -4.66 5.32 6.13
CA VAL A 64 -5.30 4.31 5.29
C VAL A 64 -4.56 2.98 5.35
N THR A 65 -5.29 1.89 5.14
CA THR A 65 -4.71 0.57 5.08
C THR A 65 -5.44 -0.23 4.00
N VAL A 66 -4.72 -1.15 3.34
CA VAL A 66 -5.25 -1.88 2.20
C VAL A 66 -5.01 -3.37 2.40
N ARG A 67 -6.06 -4.17 2.26
CA ARG A 67 -5.98 -5.59 2.56
C ARG A 67 -6.71 -6.44 1.53
N ASN A 68 -6.45 -7.74 1.55
CA ASN A 68 -7.22 -8.72 0.76
C ASN A 68 -7.32 -8.37 -0.72
N VAL A 69 -6.29 -8.66 -1.49
CA VAL A 69 -6.38 -8.61 -2.94
C VAL A 69 -7.45 -9.59 -3.38
N ASP A 70 -8.22 -9.22 -4.41
CA ASP A 70 -9.26 -10.10 -4.92
C ASP A 70 -8.68 -11.42 -5.42
N HIS A 71 -7.45 -11.38 -5.93
CA HIS A 71 -6.84 -12.58 -6.51
C HIS A 71 -6.32 -13.55 -5.46
N ASN A 72 -6.18 -13.12 -4.20
CA ASN A 72 -5.80 -14.06 -3.15
C ASN A 72 -7.03 -14.50 -2.37
N ARG A 73 -8.20 -14.06 -2.83
CA ARG A 73 -9.46 -14.52 -2.27
C ARG A 73 -9.79 -15.91 -2.81
N VAL A 74 -9.12 -16.28 -3.90
CA VAL A 74 -9.35 -17.56 -4.55
C VAL A 74 -8.38 -18.60 -4.01
N VAL A 75 -7.10 -18.25 -3.99
CA VAL A 75 -6.04 -19.12 -3.47
C VAL A 75 -5.10 -18.27 -2.62
N PRO A 76 -4.37 -18.88 -1.68
CA PRO A 76 -3.43 -18.04 -0.92
C PRO A 76 -2.28 -17.53 -1.79
N PRO A 77 -1.62 -16.43 -1.37
CA PRO A 77 -0.52 -15.93 -2.19
C PRO A 77 0.69 -16.86 -2.18
N ASP A 78 1.42 -16.87 -3.28
CA ASP A 78 2.55 -17.81 -3.47
C ASP A 78 3.87 -17.07 -3.55
N GLY A 79 3.87 -15.78 -3.29
CA GLY A 79 5.06 -14.97 -3.42
C GLY A 79 4.81 -13.53 -3.03
N SER A 80 5.43 -12.61 -3.74
CA SER A 80 5.23 -11.18 -3.50
C SER A 80 4.09 -10.68 -4.39
N VAL A 81 3.42 -9.62 -3.94
CA VAL A 81 2.28 -9.06 -4.66
C VAL A 81 2.46 -7.55 -4.73
N THR A 82 1.61 -6.89 -5.52
CA THR A 82 1.69 -5.44 -5.67
C THR A 82 0.32 -4.81 -5.41
N PHE A 83 0.33 -3.53 -5.07
CA PHE A 83 -0.88 -2.74 -4.86
C PHE A 83 -0.62 -1.41 -5.56
N GLY A 84 -1.67 -0.64 -5.81
CA GLY A 84 -1.48 0.67 -6.41
C GLY A 84 -2.57 1.65 -6.02
N PHE A 85 -2.29 2.94 -6.17
CA PHE A 85 -3.25 3.98 -5.81
C PHE A 85 -3.01 5.22 -6.64
N THR A 86 -3.93 6.18 -6.55
CA THR A 86 -3.77 7.48 -7.18
C THR A 86 -4.03 8.56 -6.15
N ALA A 87 -3.37 9.70 -6.28
CA ALA A 87 -3.42 10.74 -5.27
C ALA A 87 -3.41 12.12 -5.91
N THR A 88 -3.84 13.12 -5.15
CA THR A 88 -3.82 14.51 -5.59
C THR A 88 -3.05 15.33 -4.55
N SER A 89 -2.51 16.46 -4.97
CA SER A 89 -1.59 17.20 -4.11
C SER A 89 -1.58 18.70 -4.43
N THR A 90 -1.11 19.48 -3.46
CA THR A 90 -0.89 20.91 -3.65
C THR A 90 0.49 21.14 -4.27
N GLY A 91 1.24 20.05 -4.40
CA GLY A 91 2.60 20.12 -4.92
C GLY A 91 3.57 19.40 -4.01
N ASN A 92 3.12 19.08 -2.80
CA ASN A 92 3.95 18.36 -1.84
C ASN A 92 3.68 16.86 -1.93
N ASP A 93 4.35 16.19 -2.85
CA ASP A 93 4.16 14.76 -3.08
C ASP A 93 5.07 13.96 -2.15
N PHE A 94 5.71 14.64 -1.22
CA PHE A 94 6.75 14.04 -0.39
C PHE A 94 6.18 13.15 0.71
N PRO A 95 6.69 11.92 0.86
CA PRO A 95 6.22 11.05 1.94
C PRO A 95 6.83 11.45 3.29
N VAL A 96 6.32 10.85 4.36
CA VAL A 96 6.80 11.18 5.71
C VAL A 96 7.24 9.92 6.46
N ASP A 97 6.44 8.87 6.38
CA ASP A 97 6.69 7.65 7.15
C ASP A 97 7.18 6.51 6.26
N SER A 98 7.67 5.45 6.90
CA SER A 98 8.11 4.25 6.20
C SER A 98 6.90 3.38 5.91
N ILE A 99 6.92 2.68 4.77
CA ILE A 99 5.78 1.86 4.37
C ILE A 99 5.94 0.48 5.01
N GLY A 100 4.84 -0.07 5.50
CA GLY A 100 4.88 -1.35 6.19
C GLY A 100 3.56 -2.08 6.09
N CYS A 101 3.52 -3.29 6.64
CA CYS A 101 2.32 -4.11 6.58
C CYS A 101 2.26 -5.02 7.80
N VAL A 102 1.04 -5.38 8.20
CA VAL A 102 0.81 -6.13 9.43
C VAL A 102 -0.12 -7.31 9.18
N ALA A 103 -0.12 -8.26 10.10
CA ALA A 103 -1.06 -9.37 10.08
C ALA A 103 -2.28 -8.95 10.90
N PRO A 104 -3.45 -9.57 10.64
CA PRO A 104 -4.63 -9.23 11.44
C PRO A 104 -4.59 -9.85 12.84
N HIS A 1 4.70 -5.85 17.00
CA HIS A 1 5.56 -5.70 15.77
C HIS A 1 6.14 -7.04 15.37
N THR A 2 6.05 -7.37 14.08
CA THR A 2 6.65 -8.59 13.56
C THR A 2 7.26 -8.34 12.20
N GLY A 3 8.28 -9.11 11.84
CA GLY A 3 9.02 -8.89 10.62
C GLY A 3 8.46 -9.71 9.48
N SER A 4 7.14 -9.84 9.45
CA SER A 4 6.45 -10.64 8.43
C SER A 4 6.76 -10.18 7.01
N CYS A 5 6.97 -8.87 6.85
CA CYS A 5 7.20 -8.35 5.51
C CYS A 5 8.07 -7.09 5.58
N MET A 6 8.71 -6.79 4.46
CA MET A 6 9.51 -5.58 4.28
C MET A 6 9.01 -4.95 2.99
N ALA A 7 8.26 -3.85 3.11
CA ALA A 7 7.58 -3.24 1.96
C ALA A 7 8.55 -2.42 1.10
N VAL A 8 8.19 -2.26 -0.18
CA VAL A 8 8.92 -1.39 -1.09
C VAL A 8 7.92 -0.51 -1.82
N TYR A 9 8.24 0.77 -2.01
CA TYR A 9 7.33 1.69 -2.68
C TYR A 9 8.05 2.50 -3.78
N SER A 10 7.37 2.69 -4.91
CA SER A 10 7.88 3.51 -6.01
C SER A 10 6.73 4.35 -6.58
N VAL A 11 7.05 5.48 -7.20
CA VAL A 11 6.03 6.27 -7.88
C VAL A 11 5.79 5.58 -9.24
N GLU A 12 4.53 5.36 -9.57
CA GLU A 12 4.15 4.73 -10.84
C GLU A 12 4.19 5.75 -11.97
N ASN A 13 3.47 6.85 -11.80
CA ASN A 13 3.35 7.89 -12.82
C ASN A 13 3.13 9.22 -12.14
N SER A 14 3.38 10.31 -12.83
CA SER A 14 3.20 11.62 -12.22
C SER A 14 2.76 12.66 -13.26
N TRP A 15 2.03 13.69 -12.79
CA TRP A 15 1.46 14.69 -13.68
C TRP A 15 1.19 15.95 -12.86
N SER A 16 0.71 17.02 -13.48
CA SER A 16 0.46 18.24 -12.72
C SER A 16 -0.69 18.03 -11.75
N GLY A 17 -0.44 18.23 -10.47
CA GLY A 17 -1.50 18.25 -9.49
C GLY A 17 -1.75 16.93 -8.83
N GLY A 18 -1.03 15.91 -9.28
CA GLY A 18 -1.10 14.61 -8.63
C GLY A 18 -0.21 13.59 -9.27
N PHE A 19 -0.26 12.37 -8.74
CA PHE A 19 0.64 11.30 -9.14
C PHE A 19 -0.04 9.96 -8.87
N GLN A 20 0.56 8.88 -9.32
CA GLN A 20 0.08 7.52 -9.06
C GLN A 20 1.20 6.76 -8.39
N GLY A 21 0.86 5.94 -7.40
CA GLY A 21 1.86 5.17 -6.69
C GLY A 21 1.70 3.68 -6.84
N SER A 22 2.83 2.96 -6.84
CA SER A 22 2.86 1.52 -6.99
C SER A 22 3.60 0.97 -5.77
N VAL A 23 3.06 -0.07 -5.16
CA VAL A 23 3.66 -0.65 -3.96
C VAL A 23 3.91 -2.12 -4.23
N GLU A 24 5.03 -2.64 -3.78
CA GLU A 24 5.35 -4.05 -3.90
C GLU A 24 5.54 -4.55 -2.47
N VAL A 25 4.91 -5.68 -2.15
CA VAL A 25 4.98 -6.21 -0.80
C VAL A 25 5.73 -7.53 -0.83
N MET A 26 6.90 -7.59 -0.22
CA MET A 26 7.66 -8.83 -0.20
C MET A 26 7.38 -9.61 1.06
N ASN A 27 7.31 -10.92 0.90
CA ASN A 27 6.99 -11.82 1.98
C ASN A 27 8.28 -12.32 2.59
N HIS A 28 8.55 -11.90 3.82
CA HIS A 28 9.73 -12.35 4.50
C HIS A 28 9.50 -13.76 4.99
N GLY A 29 8.24 -14.06 5.30
CA GLY A 29 7.86 -15.40 5.73
C GLY A 29 7.55 -16.27 4.52
N THR A 30 7.07 -17.49 4.74
CA THR A 30 6.84 -18.45 3.64
C THR A 30 5.42 -19.00 3.63
N GLU A 31 4.67 -18.70 4.69
CA GLU A 31 3.30 -19.18 4.81
C GLU A 31 2.35 -18.03 4.50
N PRO A 32 1.22 -18.30 3.87
CA PRO A 32 0.24 -17.26 3.57
C PRO A 32 -0.62 -16.91 4.79
N LEU A 33 -1.20 -15.73 4.81
CA LEU A 33 -2.07 -15.29 5.91
C LEU A 33 -3.22 -14.48 5.33
N ASN A 34 -4.42 -14.68 5.88
CA ASN A 34 -5.58 -13.89 5.47
C ASN A 34 -5.44 -12.51 6.14
N GLY A 35 -5.91 -11.47 5.47
CA GLY A 35 -5.93 -10.14 6.06
C GLY A 35 -4.64 -9.36 5.81
N TRP A 36 -3.76 -9.95 5.04
CA TRP A 36 -2.53 -9.30 4.60
C TRP A 36 -2.84 -7.92 4.04
N ALA A 37 -2.14 -6.89 4.54
CA ALA A 37 -2.47 -5.49 4.23
C ALA A 37 -1.25 -4.59 4.04
N VAL A 38 -1.46 -3.41 3.46
CA VAL A 38 -0.44 -2.37 3.36
C VAL A 38 -0.99 -1.06 3.89
N GLN A 39 -0.20 -0.29 4.62
CA GLN A 39 -0.71 0.92 5.24
C GLN A 39 0.13 2.14 4.91
N TRP A 40 -0.49 3.31 4.93
CA TRP A 40 0.25 4.58 4.85
C TRP A 40 -0.61 5.71 5.40
N GLN A 41 0.04 6.85 5.62
CA GLN A 41 -0.65 8.04 6.10
C GLN A 41 -0.27 9.20 5.18
N PRO A 42 -1.25 9.87 4.57
CA PRO A 42 -0.80 10.88 3.62
C PRO A 42 -0.25 12.13 4.28
N GLY A 43 0.74 12.74 3.66
CA GLY A 43 1.33 13.95 4.21
C GLY A 43 0.41 15.14 4.04
N GLY A 44 0.71 16.20 4.79
CA GLY A 44 -0.06 17.43 4.62
C GLY A 44 0.12 17.97 3.21
N GLY A 45 -0.96 18.44 2.63
CA GLY A 45 -0.93 18.94 1.26
C GLY A 45 -1.03 17.84 0.23
N THR A 46 -1.29 16.63 0.72
CA THR A 46 -1.46 15.48 -0.15
C THR A 46 -2.69 14.68 0.26
N THR A 47 -3.37 14.10 -0.68
CA THR A 47 -4.53 13.27 -0.36
C THR A 47 -4.75 12.23 -1.42
N LEU A 48 -5.39 11.13 -1.03
CA LEU A 48 -5.49 9.97 -1.89
C LEU A 48 -6.89 9.89 -2.49
N GLY A 49 -7.00 9.19 -3.61
CA GLY A 49 -8.27 8.97 -4.24
C GLY A 49 -8.59 7.50 -4.34
N GLY A 50 -8.31 6.93 -5.50
CA GLY A 50 -8.67 5.53 -5.74
C GLY A 50 -7.52 4.58 -5.47
N VAL A 51 -7.83 3.30 -5.37
CA VAL A 51 -6.84 2.26 -5.06
C VAL A 51 -7.03 1.09 -6.04
N TRP A 52 -5.95 0.51 -6.51
CA TRP A 52 -5.97 -0.57 -7.48
C TRP A 52 -5.11 -1.76 -7.02
N ASN A 53 -5.43 -2.94 -7.53
CA ASN A 53 -4.81 -4.21 -7.10
C ASN A 53 -5.08 -4.45 -5.62
N GLY A 54 -6.08 -3.78 -5.06
CA GLY A 54 -6.49 -3.97 -3.68
C GLY A 54 -7.72 -3.15 -3.41
N SER A 55 -8.27 -3.30 -2.21
CA SER A 55 -9.40 -2.50 -1.75
C SER A 55 -9.01 -1.88 -0.39
N LEU A 56 -9.47 -0.68 -0.11
CA LEU A 56 -9.03 0.08 1.05
C LEU A 56 -10.09 0.25 2.13
N THR A 57 -9.61 0.41 3.37
CA THR A 57 -10.44 0.80 4.52
C THR A 57 -9.62 1.76 5.40
N SER A 58 -10.27 2.37 6.38
CA SER A 58 -9.61 3.34 7.27
C SER A 58 -9.04 2.65 8.50
N GLY A 59 -7.95 3.16 9.00
CA GLY A 59 -7.26 2.58 10.16
C GLY A 59 -7.60 3.32 11.44
N SER A 60 -7.39 2.66 12.58
CA SER A 60 -7.65 3.28 13.88
C SER A 60 -6.62 4.34 14.18
N ASP A 61 -5.43 4.23 13.58
CA ASP A 61 -4.33 5.14 13.87
C ASP A 61 -4.35 6.39 13.00
N GLY A 62 -5.50 6.69 12.40
CA GLY A 62 -5.59 7.84 11.52
C GLY A 62 -4.89 7.59 10.20
N THR A 63 -4.72 6.32 9.88
CA THR A 63 -4.07 5.91 8.64
C THR A 63 -5.11 5.36 7.66
N VAL A 64 -4.66 4.97 6.48
CA VAL A 64 -5.49 4.18 5.57
C VAL A 64 -4.71 2.89 5.30
N THR A 65 -5.42 1.83 5.00
CA THR A 65 -4.82 0.54 4.73
C THR A 65 -5.49 -0.07 3.51
N VAL A 66 -4.74 -0.84 2.75
CA VAL A 66 -5.27 -1.60 1.62
C VAL A 66 -5.12 -3.07 1.92
N ARG A 67 -6.22 -3.83 1.94
CA ARG A 67 -6.19 -5.18 2.48
C ARG A 67 -7.00 -6.17 1.66
N ASN A 68 -6.82 -7.45 1.98
CA ASN A 68 -7.66 -8.52 1.44
C ASN A 68 -7.77 -8.48 -0.08
N VAL A 69 -6.63 -8.65 -0.75
CA VAL A 69 -6.59 -8.74 -2.20
C VAL A 69 -7.46 -9.89 -2.70
N ASP A 70 -8.18 -9.68 -3.79
CA ASP A 70 -9.04 -10.74 -4.36
C ASP A 70 -8.36 -11.42 -5.56
N HIS A 71 -7.43 -10.70 -6.20
CA HIS A 71 -6.79 -11.19 -7.40
C HIS A 71 -5.66 -12.17 -7.12
N ASN A 72 -5.67 -12.76 -5.93
CA ASN A 72 -4.69 -13.79 -5.56
C ASN A 72 -5.40 -14.94 -4.84
N ARG A 73 -6.73 -14.97 -4.95
CA ARG A 73 -7.54 -15.98 -4.25
C ARG A 73 -7.21 -17.37 -4.75
N VAL A 74 -6.92 -17.50 -6.04
CA VAL A 74 -6.75 -18.80 -6.64
C VAL A 74 -5.41 -19.43 -6.25
N VAL A 75 -4.35 -18.63 -6.23
CA VAL A 75 -3.03 -19.13 -5.88
C VAL A 75 -2.51 -18.33 -4.69
N PRO A 76 -2.28 -19.01 -3.54
CA PRO A 76 -1.74 -18.28 -2.38
C PRO A 76 -0.29 -17.84 -2.62
N PRO A 77 0.18 -16.82 -1.90
CA PRO A 77 1.51 -16.29 -2.18
C PRO A 77 2.68 -17.18 -1.81
N ASP A 78 3.75 -17.05 -2.59
CA ASP A 78 5.03 -17.73 -2.34
C ASP A 78 6.14 -16.74 -2.69
N GLY A 79 5.78 -15.46 -2.75
CA GLY A 79 6.73 -14.43 -3.16
C GLY A 79 6.12 -13.06 -2.99
N SER A 80 6.69 -12.09 -3.69
CA SER A 80 6.25 -10.71 -3.59
C SER A 80 5.01 -10.48 -4.44
N VAL A 81 4.16 -9.54 -3.99
CA VAL A 81 2.91 -9.22 -4.66
C VAL A 81 2.75 -7.71 -4.78
N THR A 82 1.95 -7.26 -5.74
CA THR A 82 1.83 -5.82 -6.02
C THR A 82 0.50 -5.15 -5.64
N PHE A 83 0.61 -3.90 -5.21
CA PHE A 83 -0.53 -3.04 -4.89
C PHE A 83 -0.36 -1.72 -5.62
N GLY A 84 -1.32 -0.81 -5.50
CA GLY A 84 -1.17 0.51 -6.09
C GLY A 84 -2.29 1.47 -5.72
N PHE A 85 -2.04 2.76 -5.92
CA PHE A 85 -3.07 3.77 -5.65
C PHE A 85 -2.83 5.02 -6.47
N THR A 86 -3.77 5.96 -6.43
CA THR A 86 -3.60 7.26 -7.07
C THR A 86 -3.91 8.36 -6.06
N ALA A 87 -3.33 9.53 -6.27
CA ALA A 87 -3.44 10.62 -5.30
C ALA A 87 -3.29 11.99 -5.98
N THR A 88 -3.64 13.03 -5.25
CA THR A 88 -3.44 14.41 -5.68
C THR A 88 -2.64 15.17 -4.64
N SER A 89 -1.93 16.20 -5.07
CA SER A 89 -1.07 16.96 -4.19
C SER A 89 -1.08 18.44 -4.58
N THR A 90 -0.96 19.30 -3.55
CA THR A 90 -0.81 20.73 -3.76
C THR A 90 0.67 21.04 -3.92
N GLY A 91 1.52 20.02 -3.85
CA GLY A 91 2.94 20.18 -4.07
C GLY A 91 3.81 19.25 -3.22
N ASN A 92 3.39 18.99 -1.97
CA ASN A 92 4.18 18.14 -1.08
C ASN A 92 4.33 16.73 -1.61
N ASP A 93 5.55 16.21 -1.52
CA ASP A 93 5.90 14.88 -2.06
C ASP A 93 6.37 13.94 -0.95
N PHE A 94 6.26 14.37 0.31
CA PHE A 94 6.79 13.60 1.44
C PHE A 94 5.65 13.05 2.32
N PRO A 95 5.78 11.84 2.85
CA PRO A 95 4.76 11.28 3.75
C PRO A 95 4.89 11.77 5.20
N VAL A 96 3.98 11.39 6.07
CA VAL A 96 4.11 11.78 7.47
C VAL A 96 5.23 10.99 8.16
N ASP A 97 5.34 9.70 7.84
CA ASP A 97 6.36 8.84 8.43
C ASP A 97 6.61 7.72 7.43
N SER A 98 7.70 6.96 7.59
CA SER A 98 8.05 5.90 6.66
C SER A 98 7.00 4.81 6.71
N ILE A 99 6.66 4.28 5.52
CA ILE A 99 5.52 3.38 5.40
C ILE A 99 5.92 1.90 5.33
N GLY A 100 4.95 1.03 5.54
CA GLY A 100 5.22 -0.41 5.59
C GLY A 100 3.99 -1.27 5.36
N CYS A 101 4.16 -2.58 5.41
CA CYS A 101 3.04 -3.53 5.27
C CYS A 101 2.81 -4.19 6.63
N VAL A 102 1.67 -4.85 6.78
CA VAL A 102 1.31 -5.48 8.04
C VAL A 102 0.64 -6.82 7.83
N ALA A 103 0.91 -7.74 8.76
CA ALA A 103 0.22 -9.01 8.83
C ALA A 103 -0.53 -9.01 10.16
N PRO A 104 -1.77 -8.50 10.19
CA PRO A 104 -2.50 -8.39 11.45
C PRO A 104 -3.05 -9.74 11.92
N HIS A 1 3.60 -11.51 16.26
CA HIS A 1 3.07 -12.90 16.28
C HIS A 1 2.88 -13.41 14.86
N THR A 2 3.84 -14.19 14.37
CA THR A 2 3.89 -14.64 12.98
C THR A 2 3.59 -13.46 12.04
N GLY A 3 3.08 -13.76 10.84
CA GLY A 3 2.63 -12.72 9.94
C GLY A 3 3.68 -11.68 9.57
N SER A 4 4.94 -12.08 9.53
CA SER A 4 6.02 -11.16 9.19
C SER A 4 6.01 -10.91 7.69
N CYS A 5 6.15 -9.64 7.31
CA CYS A 5 6.20 -9.25 5.92
C CYS A 5 7.14 -8.06 5.77
N MET A 6 7.47 -7.72 4.53
CA MET A 6 8.21 -6.52 4.22
C MET A 6 7.53 -5.89 3.01
N ALA A 7 7.57 -4.57 2.89
CA ALA A 7 6.88 -3.88 1.82
C ALA A 7 7.77 -2.80 1.19
N VAL A 8 7.50 -2.51 -0.07
CA VAL A 8 8.26 -1.53 -0.84
C VAL A 8 7.29 -0.62 -1.58
N TYR A 9 7.53 0.68 -1.53
CA TYR A 9 6.73 1.64 -2.28
C TYR A 9 7.51 2.12 -3.49
N SER A 10 6.84 2.19 -4.64
CA SER A 10 7.46 2.74 -5.85
C SER A 10 6.54 3.79 -6.46
N VAL A 11 7.12 4.78 -7.10
CA VAL A 11 6.35 5.79 -7.83
C VAL A 11 6.15 5.28 -9.26
N GLU A 12 4.91 5.32 -9.74
CA GLU A 12 4.59 4.90 -11.09
C GLU A 12 4.90 6.04 -12.06
N ASN A 13 4.25 7.19 -11.82
CA ASN A 13 4.42 8.37 -12.64
C ASN A 13 3.82 9.57 -11.90
N SER A 14 4.17 10.78 -12.32
CA SER A 14 3.59 11.99 -11.75
C SER A 14 3.25 12.98 -12.85
N TRP A 15 2.39 13.94 -12.55
CA TRP A 15 1.94 14.93 -13.52
C TRP A 15 1.52 16.17 -12.74
N SER A 16 1.20 17.25 -13.44
CA SER A 16 0.75 18.45 -12.74
C SER A 16 -0.57 18.19 -12.04
N GLY A 17 -0.54 18.32 -10.72
CA GLY A 17 -1.74 18.17 -9.92
C GLY A 17 -1.94 16.82 -9.27
N GLY A 18 -1.05 15.86 -9.53
CA GLY A 18 -1.20 14.55 -8.91
C GLY A 18 -0.16 13.54 -9.33
N PHE A 19 -0.22 12.35 -8.76
CA PHE A 19 0.74 11.29 -9.06
C PHE A 19 0.12 9.92 -8.83
N GLN A 20 0.84 8.89 -9.24
CA GLN A 20 0.43 7.51 -9.02
C GLN A 20 1.55 6.74 -8.33
N GLY A 21 1.16 5.78 -7.51
CA GLY A 21 2.12 5.00 -6.75
C GLY A 21 1.69 3.55 -6.62
N SER A 22 2.66 2.68 -6.39
CA SER A 22 2.41 1.25 -6.25
C SER A 22 3.10 0.73 -5.00
N VAL A 23 2.57 -0.34 -4.43
CA VAL A 23 3.11 -0.92 -3.21
C VAL A 23 3.15 -2.44 -3.34
N GLU A 24 4.33 -3.01 -3.13
CA GLU A 24 4.51 -4.45 -3.21
C GLU A 24 4.83 -4.99 -1.82
N VAL A 25 4.23 -6.12 -1.48
CA VAL A 25 4.43 -6.75 -0.18
C VAL A 25 4.94 -8.17 -0.40
N MET A 26 6.06 -8.52 0.22
CA MET A 26 6.64 -9.84 0.06
C MET A 26 6.37 -10.71 1.28
N ASN A 27 6.30 -12.01 1.05
CA ASN A 27 6.21 -12.99 2.12
C ASN A 27 7.57 -13.07 2.80
N HIS A 28 7.60 -12.81 4.10
CA HIS A 28 8.85 -12.77 4.85
C HIS A 28 8.78 -13.69 6.07
N GLY A 29 7.59 -14.18 6.37
CA GLY A 29 7.38 -15.03 7.52
C GLY A 29 7.82 -16.46 7.26
N THR A 30 7.86 -17.24 8.33
CA THR A 30 8.14 -18.67 8.23
C THR A 30 6.89 -19.38 7.74
N GLU A 31 5.79 -18.64 7.73
CA GLU A 31 4.51 -19.12 7.22
C GLU A 31 3.90 -18.00 6.38
N PRO A 32 3.21 -18.33 5.29
CA PRO A 32 2.61 -17.27 4.47
C PRO A 32 1.40 -16.64 5.16
N LEU A 33 1.16 -15.36 4.90
CA LEU A 33 0.05 -14.65 5.52
C LEU A 33 -0.88 -14.06 4.46
N ASN A 34 -2.02 -14.69 4.26
CA ASN A 34 -3.02 -14.20 3.33
C ASN A 34 -3.90 -13.17 4.04
N GLY A 35 -4.04 -11.99 3.44
CA GLY A 35 -4.92 -10.98 4.00
C GLY A 35 -4.21 -9.95 4.85
N TRP A 36 -2.89 -9.83 4.69
CA TRP A 36 -2.14 -8.80 5.41
C TRP A 36 -2.56 -7.41 4.97
N ALA A 37 -2.16 -6.40 5.74
CA ALA A 37 -2.61 -5.03 5.53
C ALA A 37 -1.44 -4.06 5.49
N VAL A 38 -1.66 -2.94 4.81
CA VAL A 38 -0.69 -1.85 4.71
C VAL A 38 -1.38 -0.58 5.19
N GLN A 39 -0.85 0.04 6.25
CA GLN A 39 -1.38 1.31 6.72
C GLN A 39 -0.44 2.41 6.25
N TRP A 40 -1.00 3.58 5.95
CA TRP A 40 -0.20 4.72 5.51
C TRP A 40 -1.02 6.00 5.64
N GLN A 41 -0.35 7.14 5.48
CA GLN A 41 -1.01 8.44 5.49
C GLN A 41 -0.45 9.24 4.32
N PRO A 42 -1.31 9.94 3.57
CA PRO A 42 -0.75 10.80 2.51
C PRO A 42 0.03 11.96 3.10
N GLY A 43 0.99 12.48 2.35
CA GLY A 43 1.84 13.55 2.84
C GLY A 43 1.10 14.88 2.90
N GLY A 44 1.67 15.85 3.60
CA GLY A 44 1.05 17.15 3.70
C GLY A 44 0.99 17.83 2.34
N GLY A 45 -0.21 18.26 1.95
CA GLY A 45 -0.40 18.90 0.66
C GLY A 45 -0.89 17.94 -0.41
N THR A 46 -0.90 16.65 -0.10
CA THR A 46 -1.42 15.64 -1.02
C THR A 46 -2.52 14.84 -0.33
N THR A 47 -3.40 14.23 -1.11
CA THR A 47 -4.43 13.35 -0.58
C THR A 47 -4.71 12.28 -1.62
N LEU A 48 -5.20 11.12 -1.19
CA LEU A 48 -5.45 10.01 -2.11
C LEU A 48 -6.73 10.26 -2.89
N GLY A 49 -6.79 9.68 -4.09
CA GLY A 49 -7.99 9.79 -4.91
C GLY A 49 -8.69 8.45 -5.00
N GLY A 50 -7.99 7.46 -5.54
CA GLY A 50 -8.53 6.11 -5.63
C GLY A 50 -7.50 5.06 -5.30
N VAL A 51 -7.95 3.86 -4.97
CA VAL A 51 -7.08 2.71 -4.75
C VAL A 51 -7.73 1.54 -5.47
N TRP A 52 -6.95 0.65 -6.06
CA TRP A 52 -7.50 -0.47 -6.81
C TRP A 52 -6.84 -1.79 -6.45
N ASN A 53 -7.53 -2.88 -6.78
CA ASN A 53 -7.05 -4.24 -6.58
C ASN A 53 -6.83 -4.58 -5.10
N GLY A 54 -7.61 -3.97 -4.22
CA GLY A 54 -7.52 -4.29 -2.80
C GLY A 54 -8.75 -3.86 -2.04
N SER A 55 -8.90 -4.35 -0.82
CA SER A 55 -9.99 -3.96 0.06
C SER A 55 -9.53 -2.78 0.90
N LEU A 56 -10.46 -1.91 1.28
CA LEU A 56 -10.11 -0.67 1.97
C LEU A 56 -10.74 -0.58 3.35
N THR A 57 -9.93 -0.11 4.30
CA THR A 57 -10.34 0.09 5.69
C THR A 57 -9.67 1.36 6.21
N SER A 58 -10.17 1.89 7.31
CA SER A 58 -9.56 3.07 7.93
C SER A 58 -8.81 2.66 9.19
N GLY A 59 -7.79 3.41 9.54
CA GLY A 59 -7.04 3.16 10.76
C GLY A 59 -7.53 4.08 11.87
N SER A 60 -7.36 3.66 13.12
CA SER A 60 -7.86 4.42 14.26
C SER A 60 -7.13 5.74 14.42
N ASP A 61 -5.91 5.81 13.91
CA ASP A 61 -5.05 6.98 14.07
C ASP A 61 -5.25 7.98 12.93
N GLY A 62 -6.41 7.90 12.28
CA GLY A 62 -6.69 8.79 11.16
C GLY A 62 -5.97 8.40 9.90
N THR A 63 -5.36 7.22 9.91
CA THR A 63 -4.63 6.72 8.75
C THR A 63 -5.56 5.93 7.85
N VAL A 64 -5.09 5.55 6.67
CA VAL A 64 -5.87 4.72 5.76
C VAL A 64 -5.15 3.40 5.58
N THR A 65 -5.93 2.35 5.35
CA THR A 65 -5.40 0.99 5.32
C THR A 65 -5.89 0.23 4.10
N VAL A 66 -4.96 -0.37 3.36
CA VAL A 66 -5.31 -1.21 2.22
C VAL A 66 -4.94 -2.63 2.59
N ARG A 67 -5.83 -3.59 2.33
CA ARG A 67 -5.60 -4.97 2.73
C ARG A 67 -6.22 -5.93 1.71
N ASN A 68 -5.87 -7.20 1.82
CA ASN A 68 -6.50 -8.26 1.03
C ASN A 68 -6.52 -7.93 -0.46
N VAL A 69 -5.38 -8.09 -1.13
CA VAL A 69 -5.30 -7.87 -2.57
C VAL A 69 -6.38 -8.68 -3.26
N ASP A 70 -7.08 -8.08 -4.21
CA ASP A 70 -8.19 -8.77 -4.88
C ASP A 70 -7.70 -10.00 -5.65
N HIS A 71 -6.46 -9.94 -6.13
CA HIS A 71 -5.93 -11.02 -6.95
C HIS A 71 -5.38 -12.17 -6.10
N ASN A 72 -5.61 -12.10 -4.80
CA ASN A 72 -5.20 -13.19 -3.91
C ASN A 72 -6.07 -14.42 -4.12
N ARG A 73 -7.16 -14.24 -4.87
CA ARG A 73 -8.04 -15.34 -5.24
C ARG A 73 -7.53 -16.06 -6.48
N VAL A 74 -6.50 -15.50 -7.11
CA VAL A 74 -5.94 -16.05 -8.34
C VAL A 74 -4.57 -16.64 -8.06
N VAL A 75 -3.76 -15.92 -7.28
CA VAL A 75 -2.42 -16.37 -6.92
C VAL A 75 -2.21 -16.14 -5.42
N PRO A 76 -1.75 -17.16 -4.68
CA PRO A 76 -1.56 -16.96 -3.25
C PRO A 76 -0.33 -16.11 -2.94
N PRO A 77 -0.26 -15.51 -1.74
CA PRO A 77 0.89 -14.69 -1.37
C PRO A 77 2.06 -15.52 -0.83
N ASP A 78 2.47 -16.53 -1.59
CA ASP A 78 3.64 -17.32 -1.22
C ASP A 78 4.88 -16.54 -1.60
N GLY A 79 4.74 -15.68 -2.59
CA GLY A 79 5.80 -14.77 -3.01
C GLY A 79 5.38 -13.33 -2.79
N SER A 80 5.92 -12.43 -3.61
CA SER A 80 5.59 -11.01 -3.49
C SER A 80 4.41 -10.65 -4.39
N VAL A 81 3.56 -9.75 -3.90
CA VAL A 81 2.37 -9.33 -4.63
C VAL A 81 2.23 -7.81 -4.53
N THR A 82 1.73 -7.19 -5.59
CA THR A 82 1.67 -5.73 -5.67
C THR A 82 0.27 -5.23 -6.03
N PHE A 83 0.02 -3.97 -5.70
CA PHE A 83 -1.23 -3.28 -6.01
C PHE A 83 -0.92 -1.78 -5.98
N GLY A 84 -1.85 -0.94 -6.42
CA GLY A 84 -1.53 0.47 -6.58
C GLY A 84 -2.65 1.44 -6.25
N PHE A 85 -2.32 2.72 -6.27
CA PHE A 85 -3.26 3.79 -5.96
C PHE A 85 -2.85 5.08 -6.65
N THR A 86 -3.73 6.07 -6.62
CA THR A 86 -3.45 7.38 -7.19
C THR A 86 -3.80 8.47 -6.18
N ALA A 87 -3.13 9.61 -6.31
CA ALA A 87 -3.31 10.72 -5.36
C ALA A 87 -3.23 12.05 -6.10
N THR A 88 -3.80 13.09 -5.49
CA THR A 88 -3.76 14.43 -6.05
C THR A 88 -3.01 15.34 -5.08
N SER A 89 -2.44 16.42 -5.60
CA SER A 89 -1.62 17.30 -4.77
C SER A 89 -1.78 18.77 -5.16
N THR A 90 -1.57 19.65 -4.20
CA THR A 90 -1.59 21.08 -4.45
C THR A 90 -0.18 21.60 -4.73
N GLY A 91 0.80 20.71 -4.69
CA GLY A 91 2.18 21.09 -4.96
C GLY A 91 3.19 20.05 -4.51
N ASN A 92 2.99 19.52 -3.32
CA ASN A 92 3.87 18.50 -2.78
C ASN A 92 3.37 17.11 -3.15
N ASP A 93 3.78 16.61 -4.31
CA ASP A 93 3.38 15.28 -4.76
C ASP A 93 4.44 14.25 -4.35
N PHE A 94 5.52 14.76 -3.77
CA PHE A 94 6.66 13.93 -3.41
C PHE A 94 6.29 12.93 -2.31
N PRO A 95 6.77 11.67 -2.42
CA PRO A 95 6.55 10.75 -1.29
C PRO A 95 7.37 11.16 -0.08
N VAL A 96 6.85 10.88 1.11
CA VAL A 96 7.48 11.32 2.34
C VAL A 96 8.26 10.19 3.01
N ASP A 97 7.70 8.98 2.98
CA ASP A 97 8.33 7.84 3.66
C ASP A 97 7.98 6.54 2.95
N SER A 98 8.75 5.50 3.27
CA SER A 98 8.49 4.15 2.76
C SER A 98 7.25 3.56 3.43
N ILE A 99 6.69 2.53 2.81
CA ILE A 99 5.49 1.88 3.33
C ILE A 99 5.87 0.59 4.05
N GLY A 100 5.17 0.32 5.16
CA GLY A 100 5.36 -0.91 5.90
C GLY A 100 4.10 -1.74 5.84
N CYS A 101 4.12 -2.92 6.43
CA CYS A 101 2.96 -3.82 6.41
C CYS A 101 2.79 -4.51 7.76
N VAL A 102 1.57 -4.92 8.04
CA VAL A 102 1.22 -5.58 9.29
C VAL A 102 0.27 -6.73 9.01
N ALA A 103 0.10 -7.62 9.99
CA ALA A 103 -0.87 -8.70 9.91
C ALA A 103 -1.83 -8.57 11.08
N PRO A 104 -3.08 -9.02 10.92
CA PRO A 104 -4.04 -8.93 12.03
C PRO A 104 -3.74 -9.94 13.14
N HIS A 1 14.57 -3.56 13.00
CA HIS A 1 13.53 -3.62 14.05
C HIS A 1 12.42 -4.58 13.64
N THR A 2 11.76 -5.18 14.63
CA THR A 2 10.60 -6.06 14.41
C THR A 2 10.86 -7.14 13.35
N GLY A 3 9.80 -7.73 12.84
CA GLY A 3 9.89 -8.68 11.76
C GLY A 3 8.75 -8.45 10.78
N SER A 4 7.63 -9.13 11.02
CA SER A 4 6.41 -8.96 10.22
C SER A 4 6.67 -9.19 8.73
N CYS A 5 5.79 -8.66 7.90
CA CYS A 5 6.01 -8.64 6.45
C CYS A 5 6.60 -7.28 6.10
N MET A 6 7.05 -7.13 4.86
CA MET A 6 7.76 -5.93 4.42
C MET A 6 7.22 -5.44 3.09
N ALA A 7 7.36 -4.15 2.83
CA ALA A 7 6.83 -3.54 1.61
C ALA A 7 7.78 -2.46 1.10
N VAL A 8 7.67 -2.14 -0.18
CA VAL A 8 8.52 -1.13 -0.82
C VAL A 8 7.63 -0.19 -1.63
N TYR A 9 7.88 1.11 -1.55
CA TYR A 9 7.07 2.09 -2.26
C TYR A 9 7.88 2.83 -3.32
N SER A 10 7.29 3.03 -4.49
CA SER A 10 7.89 3.82 -5.56
C SER A 10 6.85 4.76 -6.17
N VAL A 11 7.29 5.93 -6.64
CA VAL A 11 6.41 6.82 -7.39
C VAL A 11 6.33 6.29 -8.81
N GLU A 12 5.12 6.11 -9.32
CA GLU A 12 4.91 5.48 -10.63
C GLU A 12 5.04 6.51 -11.75
N ASN A 13 4.21 7.54 -11.70
CA ASN A 13 4.15 8.52 -12.78
C ASN A 13 3.59 9.84 -12.25
N SER A 14 3.87 10.94 -12.93
CA SER A 14 3.34 12.24 -12.53
C SER A 14 2.81 12.99 -13.76
N TRP A 15 1.79 13.81 -13.55
CA TRP A 15 1.15 14.55 -14.62
C TRP A 15 0.40 15.74 -14.01
N SER A 16 -0.22 16.56 -14.85
CA SER A 16 -0.97 17.71 -14.37
C SER A 16 -2.15 17.25 -13.52
N GLY A 17 -2.23 17.76 -12.29
CA GLY A 17 -3.37 17.49 -11.44
C GLY A 17 -3.12 16.42 -10.37
N GLY A 18 -2.00 15.73 -10.42
CA GLY A 18 -1.71 14.71 -9.43
C GLY A 18 -0.57 13.79 -9.82
N PHE A 19 -0.52 12.61 -9.20
CA PHE A 19 0.52 11.65 -9.50
C PHE A 19 0.05 10.26 -9.06
N GLN A 20 0.79 9.23 -9.47
CA GLN A 20 0.45 7.85 -9.16
C GLN A 20 1.62 7.19 -8.45
N GLY A 21 1.31 6.17 -7.66
CA GLY A 21 2.32 5.47 -6.90
C GLY A 21 2.02 3.97 -6.85
N SER A 22 3.05 3.18 -6.63
CA SER A 22 2.93 1.72 -6.60
C SER A 22 3.64 1.16 -5.38
N VAL A 23 3.15 0.04 -4.87
CA VAL A 23 3.70 -0.59 -3.68
C VAL A 23 3.85 -2.08 -3.90
N GLU A 24 5.05 -2.60 -3.62
CA GLU A 24 5.29 -4.03 -3.64
C GLU A 24 5.23 -4.50 -2.19
N VAL A 25 4.64 -5.67 -1.97
CA VAL A 25 4.54 -6.26 -0.64
C VAL A 25 5.05 -7.69 -0.70
N MET A 26 5.98 -8.04 0.17
CA MET A 26 6.54 -9.39 0.20
C MET A 26 6.14 -10.13 1.46
N ASN A 27 5.95 -11.43 1.33
CA ASN A 27 5.64 -12.27 2.49
C ASN A 27 6.94 -12.71 3.16
N HIS A 28 7.43 -11.89 4.08
CA HIS A 28 8.72 -12.12 4.72
C HIS A 28 8.68 -13.24 5.73
N GLY A 29 7.47 -13.69 6.08
CA GLY A 29 7.30 -14.83 6.94
C GLY A 29 7.52 -16.10 6.14
N THR A 30 7.82 -17.21 6.80
CA THR A 30 8.10 -18.47 6.09
C THR A 30 6.80 -19.19 5.72
N GLU A 31 5.70 -18.76 6.31
CA GLU A 31 4.38 -19.28 5.97
C GLU A 31 3.54 -18.17 5.33
N PRO A 32 2.69 -18.51 4.35
CA PRO A 32 1.83 -17.48 3.77
C PRO A 32 0.67 -17.11 4.71
N LEU A 33 0.26 -15.85 4.66
CA LEU A 33 -0.87 -15.40 5.49
C LEU A 33 -1.96 -14.78 4.61
N ASN A 34 -3.21 -15.06 4.92
CA ASN A 34 -4.33 -14.48 4.20
C ASN A 34 -4.83 -13.23 4.90
N GLY A 35 -5.12 -12.17 4.14
CA GLY A 35 -5.78 -11.01 4.70
C GLY A 35 -4.87 -10.01 5.39
N TRP A 36 -3.56 -10.10 5.14
CA TRP A 36 -2.63 -9.17 5.78
C TRP A 36 -2.93 -7.74 5.37
N ALA A 37 -2.49 -6.79 6.19
CA ALA A 37 -2.87 -5.39 6.01
C ALA A 37 -1.66 -4.51 5.72
N VAL A 38 -1.79 -3.67 4.70
CA VAL A 38 -0.80 -2.64 4.40
C VAL A 38 -1.40 -1.31 4.81
N GLN A 39 -0.74 -0.59 5.71
CA GLN A 39 -1.30 0.64 6.27
C GLN A 39 -0.25 1.74 6.24
N TRP A 40 -0.68 2.96 5.94
CA TRP A 40 0.23 4.09 5.89
C TRP A 40 -0.48 5.40 6.21
N GLN A 41 0.32 6.42 6.50
CA GLN A 41 -0.17 7.76 6.78
C GLN A 41 0.12 8.62 5.55
N PRO A 42 -0.92 9.24 4.97
CA PRO A 42 -0.60 10.14 3.85
C PRO A 42 0.25 11.32 4.32
N GLY A 43 1.10 11.82 3.44
CA GLY A 43 1.99 12.90 3.80
C GLY A 43 1.25 14.22 3.92
N GLY A 44 1.90 15.22 4.52
CA GLY A 44 1.29 16.53 4.63
C GLY A 44 1.24 17.20 3.28
N GLY A 45 0.09 17.76 2.94
CA GLY A 45 -0.08 18.39 1.64
C GLY A 45 -0.43 17.41 0.54
N THR A 46 -0.48 16.13 0.88
CA THR A 46 -0.85 15.09 -0.08
C THR A 46 -2.10 14.34 0.40
N THR A 47 -2.87 13.81 -0.54
CA THR A 47 -4.01 12.98 -0.18
C THR A 47 -4.32 11.97 -1.28
N LEU A 48 -4.93 10.86 -0.91
CA LEU A 48 -5.23 9.79 -1.85
C LEU A 48 -6.43 10.15 -2.71
N GLY A 49 -6.48 9.61 -3.92
CA GLY A 49 -7.64 9.77 -4.78
C GLY A 49 -8.38 8.46 -4.95
N GLY A 50 -7.68 7.45 -5.46
CA GLY A 50 -8.27 6.13 -5.59
C GLY A 50 -7.22 5.05 -5.41
N VAL A 51 -7.65 3.84 -5.05
CA VAL A 51 -6.74 2.71 -4.87
C VAL A 51 -7.38 1.50 -5.55
N TRP A 52 -6.57 0.67 -6.19
CA TRP A 52 -7.08 -0.52 -6.88
C TRP A 52 -6.42 -1.79 -6.35
N ASN A 53 -7.08 -2.92 -6.59
CA ASN A 53 -6.62 -4.23 -6.13
C ASN A 53 -6.41 -4.27 -4.62
N GLY A 54 -7.51 -4.19 -3.88
CA GLY A 54 -7.47 -4.31 -2.44
C GLY A 54 -8.78 -3.88 -1.79
N SER A 55 -9.09 -4.44 -0.63
CA SER A 55 -10.28 -4.03 0.10
C SER A 55 -9.91 -2.89 1.05
N LEU A 56 -10.54 -1.75 0.85
CA LEU A 56 -10.07 -0.51 1.48
C LEU A 56 -10.79 -0.27 2.80
N THR A 57 -10.03 0.13 3.81
CA THR A 57 -10.57 0.50 5.11
C THR A 57 -9.84 1.74 5.58
N SER A 58 -10.44 2.47 6.51
CA SER A 58 -9.88 3.74 6.96
C SER A 58 -9.82 3.78 8.49
N GLY A 59 -8.85 4.53 9.01
CA GLY A 59 -8.71 4.66 10.45
C GLY A 59 -8.99 6.08 10.91
N SER A 60 -9.48 6.22 12.12
CA SER A 60 -9.83 7.54 12.68
C SER A 60 -8.58 8.37 12.96
N ASP A 61 -7.42 7.72 12.93
CA ASP A 61 -6.15 8.37 13.18
C ASP A 61 -5.68 9.15 11.96
N GLY A 62 -6.40 8.98 10.84
CA GLY A 62 -6.03 9.64 9.60
C GLY A 62 -5.25 8.71 8.70
N THR A 63 -5.05 7.48 9.16
CA THR A 63 -4.34 6.46 8.40
C THR A 63 -5.32 5.75 7.47
N VAL A 64 -4.79 5.14 6.41
CA VAL A 64 -5.57 4.31 5.51
C VAL A 64 -4.99 2.91 5.49
N THR A 65 -5.84 1.93 5.27
CA THR A 65 -5.43 0.53 5.36
C THR A 65 -6.02 -0.29 4.22
N VAL A 66 -5.16 -1.02 3.52
CA VAL A 66 -5.57 -1.91 2.45
C VAL A 66 -5.35 -3.34 2.92
N ARG A 67 -6.41 -4.14 2.96
CA ARG A 67 -6.34 -5.49 3.50
C ARG A 67 -7.21 -6.44 2.67
N ASN A 68 -7.11 -7.73 2.97
CA ASN A 68 -7.91 -8.76 2.30
C ASN A 68 -7.78 -8.64 0.78
N VAL A 69 -6.56 -8.52 0.29
CA VAL A 69 -6.33 -8.39 -1.14
C VAL A 69 -6.29 -9.77 -1.77
N ASP A 70 -6.97 -9.92 -2.90
CA ASP A 70 -7.07 -11.20 -3.60
C ASP A 70 -5.79 -11.57 -4.34
N HIS A 71 -4.96 -10.59 -4.65
CA HIS A 71 -3.79 -10.81 -5.48
C HIS A 71 -2.71 -11.66 -4.80
N ASN A 72 -2.91 -11.99 -3.52
CA ASN A 72 -1.98 -12.87 -2.82
C ASN A 72 -2.36 -14.32 -3.01
N ARG A 73 -3.52 -14.54 -3.63
CA ARG A 73 -4.02 -15.89 -3.91
C ARG A 73 -3.51 -16.36 -5.27
N VAL A 74 -3.23 -15.39 -6.14
CA VAL A 74 -2.86 -15.69 -7.51
C VAL A 74 -1.39 -16.12 -7.59
N VAL A 75 -0.55 -15.46 -6.81
CA VAL A 75 0.88 -15.76 -6.77
C VAL A 75 1.11 -17.05 -5.97
N PRO A 76 2.27 -17.69 -6.15
CA PRO A 76 2.55 -18.84 -5.28
C PRO A 76 2.70 -18.39 -3.82
N PRO A 77 2.54 -19.32 -2.87
CA PRO A 77 2.65 -18.90 -1.47
C PRO A 77 4.05 -18.40 -1.12
N ASP A 78 4.13 -17.53 -0.10
CA ASP A 78 5.38 -16.96 0.39
C ASP A 78 6.06 -16.01 -0.63
N GLY A 79 5.45 -15.86 -1.81
CA GLY A 79 5.95 -14.95 -2.81
C GLY A 79 5.64 -13.48 -2.54
N SER A 80 5.76 -12.67 -3.57
CA SER A 80 5.57 -11.22 -3.48
C SER A 80 4.44 -10.75 -4.40
N VAL A 81 3.81 -9.64 -4.05
CA VAL A 81 2.69 -9.08 -4.80
C VAL A 81 2.87 -7.58 -4.95
N THR A 82 2.10 -6.96 -5.82
CA THR A 82 2.15 -5.50 -5.98
C THR A 82 0.75 -4.94 -6.23
N PHE A 83 0.57 -3.65 -5.93
CA PHE A 83 -0.67 -2.94 -6.20
C PHE A 83 -0.31 -1.45 -6.27
N GLY A 84 -1.27 -0.60 -6.60
CA GLY A 84 -0.98 0.83 -6.69
C GLY A 84 -2.16 1.72 -6.40
N PHE A 85 -1.91 3.03 -6.46
CA PHE A 85 -2.94 4.03 -6.18
C PHE A 85 -2.65 5.32 -6.93
N THR A 86 -3.61 6.24 -6.91
CA THR A 86 -3.42 7.58 -7.48
C THR A 86 -3.68 8.58 -6.36
N ALA A 87 -2.99 9.72 -6.42
CA ALA A 87 -3.01 10.70 -5.35
C ALA A 87 -2.98 12.11 -5.92
N THR A 88 -3.30 13.09 -5.08
CA THR A 88 -3.24 14.50 -5.48
C THR A 88 -2.46 15.25 -4.41
N SER A 89 -2.04 16.47 -4.73
CA SER A 89 -1.23 17.25 -3.82
C SER A 89 -1.60 18.73 -3.91
N THR A 90 -1.40 19.45 -2.83
CA THR A 90 -1.67 20.89 -2.77
C THR A 90 -0.35 21.66 -2.82
N GLY A 91 0.74 20.95 -3.04
CA GLY A 91 2.05 21.58 -3.13
C GLY A 91 3.19 20.62 -2.80
N ASN A 92 2.95 19.73 -1.84
CA ASN A 92 3.96 18.75 -1.46
C ASN A 92 3.73 17.45 -2.22
N ASP A 93 4.21 17.39 -3.45
CA ASP A 93 4.04 16.23 -4.31
C ASP A 93 5.21 15.25 -4.14
N PHE A 94 6.23 15.68 -3.41
CA PHE A 94 7.41 14.87 -3.18
C PHE A 94 7.08 13.66 -2.31
N PRO A 95 7.77 12.53 -2.52
CA PRO A 95 7.53 11.37 -1.65
C PRO A 95 8.08 11.56 -0.25
N VAL A 96 7.64 10.74 0.68
CA VAL A 96 8.05 10.85 2.08
C VAL A 96 8.95 9.69 2.49
N ASP A 97 8.36 8.51 2.69
CA ASP A 97 9.11 7.34 3.13
C ASP A 97 8.33 6.07 2.78
N SER A 98 8.97 4.91 2.91
CA SER A 98 8.32 3.63 2.71
C SER A 98 7.72 3.15 4.03
N ILE A 99 6.79 2.20 3.94
CA ILE A 99 6.12 1.67 5.12
C ILE A 99 6.18 0.15 5.16
N GLY A 100 5.88 -0.40 6.33
CA GLY A 100 5.80 -1.85 6.48
C GLY A 100 4.36 -2.30 6.46
N CYS A 101 4.13 -3.59 6.64
CA CYS A 101 2.78 -4.13 6.68
C CYS A 101 2.65 -5.06 7.89
N VAL A 102 1.42 -5.36 8.28
CA VAL A 102 1.18 -6.13 9.50
C VAL A 102 0.26 -7.32 9.22
N ALA A 103 0.28 -8.29 10.12
CA ALA A 103 -0.63 -9.43 10.06
C ALA A 103 -1.99 -8.95 10.57
N PRO A 104 -3.08 -9.64 10.18
CA PRO A 104 -4.38 -9.24 10.72
C PRO A 104 -4.57 -9.71 12.15
N HIS A 1 9.68 -16.43 14.81
CA HIS A 1 8.24 -16.06 14.77
C HIS A 1 8.07 -14.59 14.38
N THR A 2 8.71 -13.68 15.11
CA THR A 2 8.69 -12.27 14.72
C THR A 2 9.47 -12.13 13.42
N GLY A 3 9.17 -11.09 12.66
CA GLY A 3 9.82 -10.87 11.38
C GLY A 3 8.91 -10.16 10.40
N SER A 4 7.65 -10.55 10.39
CA SER A 4 6.60 -9.92 9.57
C SER A 4 6.96 -9.90 8.08
N CYS A 5 6.32 -9.00 7.35
CA CYS A 5 6.60 -8.78 5.94
C CYS A 5 7.30 -7.43 5.80
N MET A 6 7.82 -7.13 4.61
CA MET A 6 8.50 -5.86 4.38
C MET A 6 7.86 -5.16 3.19
N ALA A 7 7.60 -3.86 3.33
CA ALA A 7 6.97 -3.09 2.27
C ALA A 7 8.00 -2.20 1.58
N VAL A 8 7.78 -1.97 0.28
CA VAL A 8 8.63 -1.11 -0.53
C VAL A 8 7.70 -0.12 -1.24
N TYR A 9 8.03 1.17 -1.17
CA TYR A 9 7.17 2.21 -1.71
C TYR A 9 7.76 2.75 -3.01
N SER A 10 6.91 2.95 -4.02
CA SER A 10 7.35 3.48 -5.30
C SER A 10 6.37 4.51 -5.84
N VAL A 11 6.89 5.44 -6.64
CA VAL A 11 6.06 6.42 -7.34
C VAL A 11 6.08 6.07 -8.84
N GLU A 12 4.92 6.09 -9.47
CA GLU A 12 4.81 5.74 -10.88
C GLU A 12 5.15 6.95 -11.76
N ASN A 13 4.39 8.02 -11.61
CA ASN A 13 4.54 9.20 -12.45
C ASN A 13 3.74 10.36 -11.85
N SER A 14 4.05 11.57 -12.28
CA SER A 14 3.27 12.75 -11.89
C SER A 14 2.91 13.53 -13.15
N TRP A 15 1.72 14.13 -13.14
CA TRP A 15 1.21 14.85 -14.31
C TRP A 15 0.16 15.86 -13.88
N SER A 16 -0.40 16.58 -14.84
CA SER A 16 -1.50 17.49 -14.55
C SER A 16 -2.67 16.69 -14.00
N GLY A 17 -3.10 17.05 -12.79
CA GLY A 17 -4.21 16.36 -12.15
C GLY A 17 -3.80 15.57 -10.91
N GLY A 18 -2.54 15.22 -10.79
CA GLY A 18 -2.08 14.48 -9.62
C GLY A 18 -0.89 13.60 -9.92
N PHE A 19 -0.71 12.54 -9.14
CA PHE A 19 0.37 11.59 -9.36
C PHE A 19 -0.09 10.20 -8.94
N GLN A 20 0.66 9.19 -9.34
CA GLN A 20 0.29 7.81 -9.03
C GLN A 20 1.43 7.13 -8.28
N GLY A 21 1.07 6.18 -7.42
CA GLY A 21 2.06 5.48 -6.62
C GLY A 21 1.69 4.03 -6.45
N SER A 22 2.63 3.25 -5.93
CA SER A 22 2.44 1.83 -5.76
C SER A 22 3.23 1.37 -4.54
N VAL A 23 2.84 0.23 -3.98
CA VAL A 23 3.58 -0.38 -2.88
C VAL A 23 3.71 -1.87 -3.15
N GLU A 24 4.91 -2.40 -2.94
CA GLU A 24 5.14 -3.84 -3.04
C GLU A 24 5.34 -4.39 -1.64
N VAL A 25 4.82 -5.58 -1.39
CA VAL A 25 4.99 -6.24 -0.10
C VAL A 25 5.66 -7.59 -0.33
N MET A 26 6.94 -7.66 0.02
CA MET A 26 7.71 -8.88 -0.12
C MET A 26 7.67 -9.64 1.20
N ASN A 27 7.61 -10.97 1.11
CA ASN A 27 7.48 -11.79 2.29
C ASN A 27 8.85 -12.12 2.87
N HIS A 28 9.05 -11.73 4.13
CA HIS A 28 10.28 -12.07 4.84
C HIS A 28 10.04 -13.34 5.66
N GLY A 29 8.77 -13.73 5.76
CA GLY A 29 8.41 -14.99 6.39
C GLY A 29 8.39 -16.11 5.38
N THR A 30 8.14 -17.32 5.86
CA THR A 30 8.08 -18.50 5.00
C THR A 30 6.69 -19.13 5.10
N GLU A 31 5.78 -18.41 5.74
CA GLU A 31 4.42 -18.89 5.95
C GLU A 31 3.45 -17.90 5.31
N PRO A 32 2.51 -18.38 4.48
CA PRO A 32 1.54 -17.45 3.88
C PRO A 32 0.50 -16.98 4.89
N LEU A 33 -0.03 -15.78 4.68
CA LEU A 33 -1.05 -15.23 5.56
C LEU A 33 -2.16 -14.61 4.71
N ASN A 34 -3.39 -15.08 4.92
CA ASN A 34 -4.54 -14.57 4.17
C ASN A 34 -5.23 -13.44 4.93
N GLY A 35 -5.74 -12.46 4.21
CA GLY A 35 -6.55 -11.43 4.81
C GLY A 35 -5.75 -10.32 5.48
N TRP A 36 -4.44 -10.36 5.32
CA TRP A 36 -3.55 -9.40 5.96
C TRP A 36 -3.75 -7.99 5.39
N ALA A 37 -3.17 -7.01 6.05
CA ALA A 37 -3.38 -5.61 5.71
C ALA A 37 -2.06 -4.89 5.42
N VAL A 38 -2.16 -3.81 4.65
CA VAL A 38 -1.03 -2.97 4.30
C VAL A 38 -1.45 -1.52 4.50
N GLN A 39 -0.65 -0.72 5.21
CA GLN A 39 -1.06 0.63 5.54
C GLN A 39 0.02 1.68 5.34
N TRP A 40 -0.46 2.91 5.19
CA TRP A 40 0.40 4.09 5.12
C TRP A 40 -0.44 5.31 5.51
N GLN A 41 0.22 6.46 5.64
CA GLN A 41 -0.44 7.68 6.08
C GLN A 41 -0.09 8.80 5.10
N PRO A 42 -1.02 9.75 4.89
CA PRO A 42 -0.75 10.81 3.92
C PRO A 42 0.44 11.68 4.30
N GLY A 43 1.15 12.17 3.30
CA GLY A 43 2.26 13.09 3.52
C GLY A 43 1.76 14.50 3.75
N GLY A 44 2.63 15.38 4.23
CA GLY A 44 2.24 16.74 4.52
C GLY A 44 2.02 17.57 3.27
N GLY A 45 0.76 17.73 2.89
CA GLY A 45 0.40 18.52 1.71
C GLY A 45 -0.12 17.64 0.59
N THR A 46 -0.17 16.34 0.82
CA THR A 46 -0.66 15.39 -0.17
C THR A 46 -1.85 14.61 0.40
N THR A 47 -2.71 14.11 -0.48
CA THR A 47 -3.83 13.27 -0.08
C THR A 47 -4.09 12.30 -1.23
N LEU A 48 -4.78 11.20 -0.95
CA LEU A 48 -4.98 10.16 -1.95
C LEU A 48 -6.44 10.08 -2.39
N GLY A 49 -6.67 9.39 -3.49
CA GLY A 49 -8.02 9.24 -4.01
C GLY A 49 -8.41 7.78 -4.11
N GLY A 50 -8.21 7.19 -5.28
CA GLY A 50 -8.58 5.81 -5.52
C GLY A 50 -7.44 4.84 -5.28
N VAL A 51 -7.76 3.68 -4.72
CA VAL A 51 -6.79 2.63 -4.49
C VAL A 51 -7.38 1.36 -5.10
N TRP A 52 -6.56 0.54 -5.75
CA TRP A 52 -7.04 -0.63 -6.45
C TRP A 52 -6.24 -1.88 -6.08
N ASN A 53 -6.79 -3.04 -6.44
CA ASN A 53 -6.22 -4.35 -6.10
C ASN A 53 -6.22 -4.61 -4.60
N GLY A 54 -7.38 -4.41 -3.97
CA GLY A 54 -7.57 -4.79 -2.58
C GLY A 54 -8.82 -4.15 -2.02
N SER A 55 -9.25 -4.59 -0.84
CA SER A 55 -10.41 -3.99 -0.18
C SER A 55 -9.91 -2.83 0.68
N LEU A 56 -10.70 -1.77 0.77
CA LEU A 56 -10.24 -0.53 1.38
C LEU A 56 -10.89 -0.26 2.73
N THR A 57 -10.08 0.20 3.67
CA THR A 57 -10.53 0.57 5.01
C THR A 57 -9.78 1.85 5.40
N SER A 58 -10.31 2.56 6.38
CA SER A 58 -9.67 3.79 6.85
C SER A 58 -9.72 3.83 8.37
N GLY A 59 -8.74 4.49 8.98
CA GLY A 59 -8.68 4.57 10.43
C GLY A 59 -9.23 5.90 10.92
N SER A 60 -9.41 6.02 12.24
CA SER A 60 -9.94 7.24 12.83
C SER A 60 -8.96 8.40 12.68
N ASP A 61 -7.69 8.07 12.46
CA ASP A 61 -6.64 9.07 12.36
C ASP A 61 -6.57 9.66 10.95
N GLY A 62 -7.48 9.22 10.07
CA GLY A 62 -7.47 9.68 8.70
C GLY A 62 -6.47 8.92 7.85
N THR A 63 -5.94 7.83 8.38
CA THR A 63 -5.00 6.98 7.66
C THR A 63 -5.77 5.93 6.87
N VAL A 64 -5.11 5.30 5.91
CA VAL A 64 -5.79 4.34 5.03
C VAL A 64 -5.08 3.00 5.04
N THR A 65 -5.87 1.94 4.83
CA THR A 65 -5.35 0.58 4.91
C THR A 65 -6.02 -0.28 3.84
N VAL A 66 -5.22 -1.08 3.14
CA VAL A 66 -5.73 -2.02 2.15
C VAL A 66 -5.64 -3.41 2.76
N ARG A 67 -6.67 -4.23 2.59
CA ARG A 67 -6.63 -5.58 3.15
C ARG A 67 -7.39 -6.58 2.29
N ASN A 68 -7.39 -7.83 2.72
CA ASN A 68 -8.15 -8.90 2.06
C ASN A 68 -7.74 -9.01 0.59
N VAL A 69 -6.46 -9.24 0.37
CA VAL A 69 -5.91 -9.35 -0.99
C VAL A 69 -6.55 -10.51 -1.74
N ASP A 70 -6.96 -10.23 -2.97
CA ASP A 70 -7.61 -11.19 -3.84
C ASP A 70 -6.71 -11.58 -5.01
N HIS A 71 -5.82 -10.67 -5.40
CA HIS A 71 -4.97 -10.85 -6.57
C HIS A 71 -3.74 -11.73 -6.30
N ASN A 72 -3.66 -12.28 -5.10
CA ASN A 72 -2.57 -13.20 -4.76
C ASN A 72 -3.01 -14.64 -4.99
N ARG A 73 -4.25 -14.81 -5.45
CA ARG A 73 -4.82 -16.14 -5.67
C ARG A 73 -4.03 -16.94 -6.72
N VAL A 74 -3.32 -16.23 -7.58
CA VAL A 74 -2.55 -16.87 -8.66
C VAL A 74 -1.05 -16.64 -8.42
N VAL A 75 -0.70 -16.31 -7.19
CA VAL A 75 0.69 -16.05 -6.81
C VAL A 75 1.06 -17.14 -5.79
N PRO A 76 2.27 -17.73 -5.90
CA PRO A 76 2.61 -18.77 -4.93
C PRO A 76 2.64 -18.26 -3.50
N PRO A 77 2.56 -19.17 -2.51
CA PRO A 77 2.59 -18.72 -1.12
C PRO A 77 3.91 -18.08 -0.75
N ASP A 78 3.88 -17.26 0.30
CA ASP A 78 5.04 -16.49 0.77
C ASP A 78 5.83 -15.81 -0.35
N GLY A 79 5.12 -15.44 -1.42
CA GLY A 79 5.72 -14.65 -2.48
C GLY A 79 5.52 -13.16 -2.25
N SER A 80 5.87 -12.35 -3.24
CA SER A 80 5.69 -10.91 -3.17
C SER A 80 4.46 -10.49 -3.97
N VAL A 81 3.79 -9.42 -3.53
CA VAL A 81 2.63 -8.89 -4.23
C VAL A 81 2.73 -7.37 -4.30
N THR A 82 2.00 -6.76 -5.22
CA THR A 82 2.05 -5.30 -5.40
C THR A 82 0.65 -4.71 -5.49
N PHE A 83 0.56 -3.41 -5.22
CA PHE A 83 -0.70 -2.68 -5.21
C PHE A 83 -0.50 -1.38 -5.99
N GLY A 84 -1.57 -0.60 -6.15
CA GLY A 84 -1.44 0.71 -6.76
C GLY A 84 -2.53 1.68 -6.35
N PHE A 85 -2.25 2.96 -6.44
CA PHE A 85 -3.19 4.01 -6.05
C PHE A 85 -2.89 5.31 -6.78
N THR A 86 -3.81 6.27 -6.69
CA THR A 86 -3.61 7.60 -7.26
C THR A 86 -3.80 8.64 -6.16
N ALA A 87 -3.10 9.77 -6.30
CA ALA A 87 -3.05 10.78 -5.24
C ALA A 87 -2.88 12.17 -5.83
N THR A 88 -3.05 13.18 -4.99
CA THR A 88 -2.91 14.58 -5.39
C THR A 88 -2.08 15.31 -4.35
N SER A 89 -1.54 16.46 -4.71
CA SER A 89 -0.69 17.22 -3.78
C SER A 89 -0.78 18.71 -4.07
N THR A 90 -0.47 19.52 -3.06
CA THR A 90 -0.35 20.97 -3.22
C THR A 90 1.01 21.30 -3.80
N GLY A 91 1.88 20.30 -3.86
CA GLY A 91 3.24 20.50 -4.33
C GLY A 91 4.22 19.71 -3.49
N ASN A 92 3.84 19.45 -2.24
CA ASN A 92 4.64 18.63 -1.34
C ASN A 92 4.16 17.18 -1.42
N ASP A 93 4.86 16.38 -2.22
CA ASP A 93 4.56 14.95 -2.32
C ASP A 93 5.47 14.17 -1.38
N PHE A 94 6.27 14.90 -0.61
CA PHE A 94 7.26 14.31 0.27
C PHE A 94 6.61 13.43 1.35
N PRO A 95 7.23 12.28 1.66
CA PRO A 95 6.69 11.46 2.75
C PRO A 95 7.05 12.02 4.12
N VAL A 96 6.41 11.50 5.16
CA VAL A 96 6.70 11.89 6.53
C VAL A 96 7.44 10.76 7.25
N ASP A 97 6.94 9.55 7.07
CA ASP A 97 7.50 8.37 7.74
C ASP A 97 7.23 7.11 6.93
N SER A 98 7.65 5.97 7.46
CA SER A 98 7.66 4.71 6.70
C SER A 98 6.27 4.09 6.52
N ILE A 99 6.17 3.23 5.50
CA ILE A 99 4.96 2.45 5.25
C ILE A 99 5.21 1.00 5.70
N GLY A 100 4.14 0.26 5.95
CA GLY A 100 4.30 -1.09 6.47
C GLY A 100 3.14 -2.02 6.16
N CYS A 101 3.26 -3.25 6.63
CA CYS A 101 2.22 -4.26 6.47
C CYS A 101 2.06 -5.00 7.79
N VAL A 102 0.83 -5.40 8.12
CA VAL A 102 0.52 -5.99 9.41
C VAL A 102 -0.42 -7.19 9.28
N ALA A 103 -0.51 -7.97 10.36
CA ALA A 103 -1.42 -9.10 10.42
C ALA A 103 -2.84 -8.58 10.65
N PRO A 104 -3.86 -9.36 10.28
CA PRO A 104 -5.24 -8.90 10.50
C PRO A 104 -5.67 -9.07 11.96
N HIS A 1 6.52 -1.41 11.25
CA HIS A 1 7.18 -2.56 11.95
C HIS A 1 7.09 -3.82 11.10
N THR A 2 8.19 -4.56 11.02
CA THR A 2 8.22 -5.81 10.25
C THR A 2 7.35 -6.85 10.96
N GLY A 3 6.81 -7.80 10.19
CA GLY A 3 6.03 -8.87 10.77
C GLY A 3 6.11 -10.11 9.92
N SER A 4 4.97 -10.55 9.42
CA SER A 4 4.92 -11.67 8.48
C SER A 4 5.42 -11.21 7.11
N CYS A 5 5.45 -9.90 6.92
CA CYS A 5 5.82 -9.33 5.63
C CYS A 5 6.69 -8.07 5.80
N MET A 6 7.23 -7.61 4.68
CA MET A 6 7.94 -6.34 4.60
C MET A 6 7.34 -5.59 3.43
N ALA A 7 7.40 -4.25 3.46
CA ALA A 7 6.81 -3.49 2.39
C ALA A 7 7.81 -2.42 1.86
N VAL A 8 7.61 -2.02 0.64
CA VAL A 8 8.45 -1.03 -0.07
C VAL A 8 7.51 -0.03 -0.71
N TYR A 9 7.93 1.25 -0.80
CA TYR A 9 7.10 2.28 -1.37
C TYR A 9 7.75 2.88 -2.61
N SER A 10 6.95 3.10 -3.66
CA SER A 10 7.45 3.73 -4.87
C SER A 10 6.44 4.71 -5.45
N VAL A 11 6.91 5.65 -6.24
CA VAL A 11 6.03 6.53 -7.02
C VAL A 11 6.04 6.00 -8.43
N GLU A 12 4.88 5.91 -9.06
CA GLU A 12 4.75 5.36 -10.40
C GLU A 12 5.07 6.42 -11.45
N ASN A 13 4.23 7.44 -11.50
CA ASN A 13 4.35 8.53 -12.47
C ASN A 13 3.58 9.73 -11.96
N SER A 14 3.93 10.92 -12.43
CA SER A 14 3.25 12.15 -12.05
C SER A 14 2.96 12.98 -13.29
N TRP A 15 1.89 13.76 -13.24
CA TRP A 15 1.45 14.55 -14.39
C TRP A 15 0.62 15.72 -13.90
N SER A 16 0.23 16.61 -14.81
CA SER A 16 -0.62 17.73 -14.43
C SER A 16 -1.99 17.21 -14.02
N GLY A 17 -2.37 17.51 -12.78
CA GLY A 17 -3.66 17.09 -12.27
C GLY A 17 -3.59 16.02 -11.20
N GLY A 18 -2.48 15.29 -11.11
CA GLY A 18 -2.35 14.27 -10.09
C GLY A 18 -1.18 13.34 -10.34
N PHE A 19 -1.05 12.32 -9.51
CA PHE A 19 0.01 11.34 -9.68
C PHE A 19 -0.43 9.98 -9.17
N GLN A 20 0.35 8.95 -9.48
CA GLN A 20 0.07 7.59 -9.04
C GLN A 20 1.27 7.05 -8.28
N GLY A 21 1.02 6.14 -7.36
CA GLY A 21 2.07 5.55 -6.57
C GLY A 21 1.78 4.09 -6.34
N SER A 22 2.76 3.34 -5.85
CA SER A 22 2.61 1.91 -5.65
C SER A 22 3.33 1.45 -4.39
N VAL A 23 2.89 0.33 -3.85
CA VAL A 23 3.57 -0.29 -2.71
C VAL A 23 3.74 -1.77 -3.00
N GLU A 24 4.93 -2.28 -2.75
CA GLU A 24 5.22 -3.69 -2.94
C GLU A 24 5.30 -4.37 -1.58
N VAL A 25 4.79 -5.59 -1.49
CA VAL A 25 4.84 -6.35 -0.25
C VAL A 25 5.43 -7.73 -0.54
N MET A 26 6.46 -8.10 0.21
CA MET A 26 7.10 -9.40 0.04
C MET A 26 6.93 -10.22 1.31
N ASN A 27 6.89 -11.54 1.17
CA ASN A 27 6.75 -12.43 2.31
C ASN A 27 8.06 -12.44 3.09
N HIS A 28 7.97 -12.14 4.38
CA HIS A 28 9.15 -12.08 5.25
C HIS A 28 9.16 -13.29 6.18
N GLY A 29 8.04 -13.98 6.27
CA GLY A 29 7.97 -15.21 7.04
C GLY A 29 8.17 -16.39 6.11
N THR A 30 7.88 -17.59 6.59
CA THR A 30 8.00 -18.81 5.78
C THR A 30 6.62 -19.38 5.54
N GLU A 31 5.60 -18.72 6.07
CA GLU A 31 4.21 -19.17 5.97
C GLU A 31 3.45 -18.26 5.01
N PRO A 32 2.41 -18.76 4.35
CA PRO A 32 1.73 -17.93 3.35
C PRO A 32 0.95 -16.76 3.94
N LEU A 33 0.95 -15.64 3.22
CA LEU A 33 0.25 -14.44 3.67
C LEU A 33 -1.25 -14.57 3.44
N ASN A 34 -2.00 -14.72 4.52
CA ASN A 34 -3.45 -14.86 4.44
C ASN A 34 -4.18 -13.68 5.06
N GLY A 35 -4.94 -12.94 4.24
CA GLY A 35 -5.80 -11.89 4.75
C GLY A 35 -5.07 -10.69 5.32
N TRP A 36 -3.77 -10.61 5.05
CA TRP A 36 -2.92 -9.56 5.60
C TRP A 36 -3.33 -8.18 5.09
N ALA A 37 -2.87 -7.14 5.80
CA ALA A 37 -3.23 -5.77 5.47
C ALA A 37 -1.97 -4.96 5.16
N VAL A 38 -2.13 -3.92 4.35
CA VAL A 38 -1.05 -3.04 3.97
C VAL A 38 -1.48 -1.61 4.28
N GLN A 39 -0.62 -0.85 4.94
CA GLN A 39 -0.97 0.50 5.38
C GLN A 39 0.01 1.51 4.86
N TRP A 40 -0.48 2.71 4.53
CA TRP A 40 0.36 3.82 4.14
C TRP A 40 -0.36 5.12 4.49
N GLN A 41 0.37 6.22 4.49
CA GLN A 41 -0.18 7.53 4.86
C GLN A 41 0.32 8.59 3.89
N PRO A 42 -0.57 9.48 3.42
CA PRO A 42 -0.07 10.61 2.63
C PRO A 42 0.75 11.57 3.48
N GLY A 43 1.65 12.31 2.82
CA GLY A 43 2.49 13.25 3.54
C GLY A 43 1.87 14.63 3.59
N GLY A 44 2.56 15.57 4.22
CA GLY A 44 2.09 16.94 4.24
C GLY A 44 2.19 17.53 2.85
N GLY A 45 1.13 18.17 2.38
CA GLY A 45 1.12 18.75 1.05
C GLY A 45 0.54 17.86 -0.02
N THR A 46 0.24 16.61 0.31
CA THR A 46 -0.40 15.68 -0.62
C THR A 46 -1.64 15.07 0.05
N THR A 47 -2.53 14.50 -0.76
CA THR A 47 -3.70 13.79 -0.24
C THR A 47 -4.04 12.68 -1.21
N LEU A 48 -4.68 11.63 -0.73
CA LEU A 48 -4.93 10.44 -1.54
C LEU A 48 -6.29 10.50 -2.22
N GLY A 49 -6.43 9.77 -3.32
CA GLY A 49 -7.71 9.69 -4.02
C GLY A 49 -8.34 8.32 -3.87
N GLY A 50 -7.68 7.30 -4.43
CA GLY A 50 -8.19 5.94 -4.34
C GLY A 50 -7.06 4.93 -4.24
N VAL A 51 -7.38 3.74 -3.76
CA VAL A 51 -6.44 2.62 -3.69
C VAL A 51 -7.16 1.37 -4.20
N TRP A 52 -6.47 0.53 -4.97
CA TRP A 52 -7.12 -0.67 -5.53
C TRP A 52 -6.26 -1.92 -5.42
N ASN A 53 -6.72 -2.85 -4.59
CA ASN A 53 -6.12 -4.19 -4.47
C ASN A 53 -6.90 -5.12 -3.56
N GLY A 54 -7.91 -4.61 -2.88
CA GLY A 54 -8.66 -5.43 -1.95
C GLY A 54 -9.71 -4.59 -1.24
N SER A 55 -10.17 -5.05 -0.08
CA SER A 55 -11.14 -4.29 0.71
C SER A 55 -10.39 -3.30 1.59
N LEU A 56 -10.74 -2.02 1.50
CA LEU A 56 -9.99 -0.95 2.15
C LEU A 56 -10.79 -0.23 3.22
N THR A 57 -10.07 0.26 4.23
CA THR A 57 -10.67 0.96 5.36
C THR A 57 -9.72 2.08 5.78
N SER A 58 -10.24 3.07 6.50
CA SER A 58 -9.41 4.14 7.04
C SER A 58 -9.03 3.80 8.49
N GLY A 59 -7.94 4.38 8.96
CA GLY A 59 -7.53 4.19 10.34
C GLY A 59 -7.75 5.47 11.12
N SER A 60 -7.85 5.36 12.44
CA SER A 60 -8.11 6.53 13.29
C SER A 60 -6.93 7.49 13.28
N ASP A 61 -5.77 6.98 12.87
CA ASP A 61 -4.53 7.77 12.85
C ASP A 61 -4.43 8.62 11.58
N GLY A 62 -5.51 8.66 10.79
CA GLY A 62 -5.50 9.39 9.54
C GLY A 62 -4.75 8.63 8.47
N THR A 63 -4.69 7.31 8.63
CA THR A 63 -4.01 6.43 7.70
C THR A 63 -5.03 5.71 6.82
N VAL A 64 -4.57 5.08 5.75
CA VAL A 64 -5.43 4.27 4.91
C VAL A 64 -4.80 2.89 4.76
N THR A 65 -5.62 1.85 4.79
CA THR A 65 -5.15 0.48 4.72
C THR A 65 -6.06 -0.38 3.86
N VAL A 66 -5.50 -1.44 3.27
CA VAL A 66 -6.26 -2.37 2.46
C VAL A 66 -5.90 -3.79 2.91
N ARG A 67 -6.90 -4.65 2.97
CA ARG A 67 -6.71 -6.04 3.43
C ARG A 67 -7.42 -7.01 2.50
N ASN A 68 -7.17 -8.30 2.72
CA ASN A 68 -7.84 -9.37 2.00
C ASN A 68 -7.75 -9.21 0.48
N VAL A 69 -6.53 -9.28 -0.03
CA VAL A 69 -6.31 -9.28 -1.48
C VAL A 69 -6.99 -10.48 -2.12
N ASP A 70 -7.91 -10.23 -3.05
CA ASP A 70 -8.66 -11.28 -3.71
C ASP A 70 -7.91 -11.80 -4.93
N HIS A 71 -7.14 -10.92 -5.58
CA HIS A 71 -6.47 -11.24 -6.83
C HIS A 71 -5.16 -11.98 -6.61
N ASN A 72 -5.06 -12.68 -5.48
CA ASN A 72 -3.86 -13.43 -5.12
C ASN A 72 -3.87 -14.81 -5.77
N ARG A 73 -4.67 -14.96 -6.82
CA ARG A 73 -4.76 -16.22 -7.55
C ARG A 73 -3.64 -16.30 -8.58
N VAL A 74 -3.14 -15.13 -8.97
CA VAL A 74 -2.20 -15.03 -10.07
C VAL A 74 -0.77 -15.30 -9.59
N VAL A 75 -0.44 -14.79 -8.41
CA VAL A 75 0.90 -14.91 -7.86
C VAL A 75 0.84 -15.52 -6.46
N PRO A 76 1.44 -16.70 -6.25
CA PRO A 76 1.43 -17.30 -4.91
C PRO A 76 2.28 -16.47 -3.92
N PRO A 77 2.00 -16.61 -2.61
CA PRO A 77 2.67 -15.80 -1.59
C PRO A 77 4.06 -16.29 -1.21
N ASP A 78 4.78 -16.87 -2.16
CA ASP A 78 6.16 -17.29 -1.96
C ASP A 78 7.09 -16.24 -2.56
N GLY A 79 6.49 -15.18 -3.08
CA GLY A 79 7.25 -14.10 -3.69
C GLY A 79 6.76 -12.75 -3.19
N SER A 80 6.67 -11.79 -4.11
CA SER A 80 6.19 -10.45 -3.77
C SER A 80 5.03 -10.06 -4.68
N VAL A 81 4.21 -9.14 -4.17
CA VAL A 81 3.06 -8.62 -4.92
C VAL A 81 3.07 -7.10 -4.77
N THR A 82 2.53 -6.39 -5.76
CA THR A 82 2.51 -4.93 -5.72
C THR A 82 1.09 -4.41 -5.91
N PHE A 83 0.84 -3.23 -5.35
CA PHE A 83 -0.49 -2.63 -5.33
C PHE A 83 -0.37 -1.16 -5.72
N GLY A 84 -1.44 -0.60 -6.29
CA GLY A 84 -1.39 0.76 -6.78
C GLY A 84 -2.43 1.68 -6.18
N PHE A 85 -2.14 2.98 -6.22
CA PHE A 85 -3.06 4.00 -5.72
C PHE A 85 -2.82 5.31 -6.47
N THR A 86 -3.76 6.25 -6.35
CA THR A 86 -3.60 7.57 -6.94
C THR A 86 -3.74 8.64 -5.86
N ALA A 87 -3.09 9.78 -6.07
CA ALA A 87 -3.08 10.86 -5.10
C ALA A 87 -2.88 12.18 -5.83
N THR A 88 -3.12 13.29 -5.13
CA THR A 88 -2.92 14.62 -5.67
C THR A 88 -2.05 15.43 -4.72
N SER A 89 -1.40 16.46 -5.23
CA SER A 89 -0.45 17.24 -4.44
C SER A 89 -0.41 18.70 -4.89
N THR A 90 -0.05 19.58 -3.96
CA THR A 90 0.09 21.00 -4.25
C THR A 90 1.56 21.42 -4.25
N GLY A 91 2.45 20.43 -4.16
CA GLY A 91 3.87 20.71 -4.20
C GLY A 91 4.75 19.54 -3.80
N ASN A 92 4.37 18.84 -2.73
CA ASN A 92 5.16 17.71 -2.24
C ASN A 92 4.53 16.37 -2.65
N ASP A 93 5.24 15.61 -3.45
CA ASP A 93 4.81 14.28 -3.87
C ASP A 93 5.75 13.21 -3.34
N PHE A 94 6.73 13.62 -2.55
CA PHE A 94 7.71 12.71 -1.99
C PHE A 94 7.14 12.00 -0.77
N PRO A 95 7.51 10.72 -0.55
CA PRO A 95 7.14 10.12 0.74
C PRO A 95 7.92 10.78 1.88
N VAL A 96 7.26 10.91 3.02
CA VAL A 96 7.86 11.57 4.18
C VAL A 96 8.26 10.51 5.20
N ASP A 97 7.41 9.49 5.36
CA ASP A 97 7.64 8.45 6.36
C ASP A 97 7.62 7.08 5.72
N SER A 98 8.26 6.12 6.38
CA SER A 98 8.26 4.74 5.90
C SER A 98 6.91 4.09 6.16
N ILE A 99 6.54 3.13 5.33
CA ILE A 99 5.25 2.46 5.40
C ILE A 99 5.46 0.97 5.66
N GLY A 100 4.40 0.28 6.08
CA GLY A 100 4.54 -1.13 6.42
C GLY A 100 3.25 -1.91 6.27
N CYS A 101 3.37 -3.23 6.32
CA CYS A 101 2.23 -4.13 6.24
C CYS A 101 2.10 -4.86 7.57
N VAL A 102 0.89 -5.32 7.88
CA VAL A 102 0.59 -5.93 9.17
C VAL A 102 -0.33 -7.12 8.96
N ALA A 103 -0.48 -7.95 10.00
CA ALA A 103 -1.45 -9.04 9.98
C ALA A 103 -2.40 -8.80 11.15
N PRO A 104 -3.69 -9.14 11.01
CA PRO A 104 -4.63 -8.96 12.12
C PRO A 104 -4.43 -10.02 13.21
N HIS A 1 9.92 -8.96 17.30
CA HIS A 1 11.18 -9.28 16.58
C HIS A 1 10.87 -10.10 15.33
N THR A 2 11.24 -9.56 14.16
CA THR A 2 10.96 -10.21 12.87
C THR A 2 9.51 -10.65 12.79
N GLY A 3 9.24 -11.68 11.99
CA GLY A 3 7.88 -12.19 11.85
C GLY A 3 7.04 -11.45 10.84
N SER A 4 6.96 -10.13 10.99
CA SER A 4 6.13 -9.31 10.11
C SER A 4 6.63 -9.31 8.67
N CYS A 5 5.72 -9.05 7.75
CA CYS A 5 6.05 -8.90 6.34
C CYS A 5 6.80 -7.58 6.12
N MET A 6 7.25 -7.35 4.90
CA MET A 6 7.95 -6.11 4.54
C MET A 6 7.33 -5.54 3.27
N ALA A 7 7.37 -4.22 3.12
CA ALA A 7 6.75 -3.55 1.99
C ALA A 7 7.61 -2.41 1.50
N VAL A 8 7.41 -2.02 0.24
CA VAL A 8 8.15 -0.94 -0.40
C VAL A 8 7.16 -0.02 -1.10
N TYR A 9 7.41 1.28 -1.07
CA TYR A 9 6.53 2.26 -1.71
C TYR A 9 7.29 3.13 -2.68
N SER A 10 6.77 3.27 -3.90
CA SER A 10 7.39 4.09 -4.94
C SER A 10 6.34 4.92 -5.66
N VAL A 11 6.74 6.05 -6.25
CA VAL A 11 5.86 6.81 -7.12
C VAL A 11 5.86 6.12 -8.48
N GLU A 12 4.68 5.81 -8.99
CA GLU A 12 4.53 5.06 -10.23
C GLU A 12 4.64 5.99 -11.43
N ASN A 13 3.82 7.04 -11.42
CA ASN A 13 3.77 7.99 -12.52
C ASN A 13 3.16 9.29 -12.01
N SER A 14 3.45 10.40 -12.67
CA SER A 14 2.91 11.70 -12.26
C SER A 14 2.52 12.51 -13.50
N TRP A 15 1.47 13.32 -13.36
CA TRP A 15 0.97 14.14 -14.46
C TRP A 15 0.38 15.42 -13.86
N SER A 16 -0.06 16.33 -14.72
CA SER A 16 -0.69 17.55 -14.23
C SER A 16 -2.02 17.22 -13.58
N GLY A 17 -2.13 17.55 -12.30
CA GLY A 17 -3.37 17.36 -11.57
C GLY A 17 -3.38 16.16 -10.63
N GLY A 18 -2.38 15.30 -10.70
CA GLY A 18 -2.34 14.15 -9.80
C GLY A 18 -1.24 13.18 -10.14
N PHE A 19 -1.13 12.10 -9.38
CA PHE A 19 -0.10 11.10 -9.60
C PHE A 19 -0.55 9.74 -9.08
N GLN A 20 0.25 8.71 -9.33
CA GLN A 20 -0.04 7.36 -8.88
C GLN A 20 1.16 6.83 -8.09
N GLY A 21 0.89 5.92 -7.17
CA GLY A 21 1.95 5.32 -6.37
C GLY A 21 1.77 3.82 -6.31
N SER A 22 2.88 3.09 -6.37
CA SER A 22 2.86 1.63 -6.34
C SER A 22 3.38 1.15 -5.00
N VAL A 23 2.87 0.02 -4.54
CA VAL A 23 3.26 -0.56 -3.26
C VAL A 23 3.50 -2.05 -3.43
N GLU A 24 4.73 -2.48 -3.18
CA GLU A 24 5.08 -3.89 -3.26
C GLU A 24 5.11 -4.48 -1.86
N VAL A 25 4.65 -5.71 -1.71
CA VAL A 25 4.61 -6.40 -0.43
C VAL A 25 5.27 -7.76 -0.59
N MET A 26 6.28 -8.04 0.22
CA MET A 26 6.96 -9.34 0.18
C MET A 26 6.74 -10.09 1.48
N ASN A 27 6.62 -11.41 1.37
CA ASN A 27 6.43 -12.26 2.53
C ASN A 27 7.77 -12.52 3.20
N HIS A 28 8.07 -11.77 4.25
CA HIS A 28 9.30 -11.95 4.99
C HIS A 28 9.15 -13.06 6.03
N GLY A 29 7.90 -13.47 6.26
CA GLY A 29 7.65 -14.61 7.11
C GLY A 29 7.82 -15.89 6.30
N THR A 30 7.97 -17.01 6.99
CA THR A 30 8.12 -18.30 6.31
C THR A 30 6.75 -18.88 5.95
N GLU A 31 5.71 -18.14 6.31
CA GLU A 31 4.34 -18.55 6.01
C GLU A 31 3.65 -17.45 5.19
N PRO A 32 2.81 -17.84 4.22
CA PRO A 32 2.07 -16.83 3.44
C PRO A 32 0.90 -16.23 4.22
N LEU A 33 1.09 -15.03 4.75
CA LEU A 33 0.07 -14.41 5.58
C LEU A 33 -1.09 -13.88 4.74
N ASN A 34 -2.19 -14.62 4.73
CA ASN A 34 -3.40 -14.22 4.04
C ASN A 34 -4.11 -13.15 4.85
N GLY A 35 -4.68 -12.16 4.16
CA GLY A 35 -5.43 -11.12 4.85
C GLY A 35 -4.55 -10.01 5.38
N TRP A 36 -3.31 -9.96 4.91
CA TRP A 36 -2.37 -8.91 5.31
C TRP A 36 -2.90 -7.55 4.89
N ALA A 37 -2.36 -6.49 5.50
CA ALA A 37 -2.78 -5.13 5.21
C ALA A 37 -1.56 -4.21 5.10
N VAL A 38 -1.71 -3.13 4.34
CA VAL A 38 -0.68 -2.11 4.21
C VAL A 38 -1.33 -0.78 4.57
N GLN A 39 -0.75 -0.05 5.52
CA GLN A 39 -1.36 1.17 6.02
C GLN A 39 -0.38 2.34 5.93
N TRP A 40 -0.91 3.52 5.65
CA TRP A 40 -0.09 4.73 5.58
C TRP A 40 -0.92 5.97 5.86
N GLN A 41 -0.23 7.11 5.91
CA GLN A 41 -0.85 8.40 6.22
C GLN A 41 -0.52 9.38 5.08
N PRO A 42 -1.31 10.45 4.93
CA PRO A 42 -0.91 11.45 3.93
C PRO A 42 0.39 12.16 4.29
N GLY A 43 1.05 12.73 3.29
CA GLY A 43 2.34 13.36 3.50
C GLY A 43 2.24 14.88 3.49
N GLY A 44 3.39 15.54 3.56
CA GLY A 44 3.40 16.99 3.57
C GLY A 44 3.12 17.59 2.21
N GLY A 45 1.85 17.85 1.94
CA GLY A 45 1.44 18.39 0.65
C GLY A 45 0.96 17.31 -0.30
N THR A 46 0.84 16.08 0.20
CA THR A 46 0.34 14.97 -0.60
C THR A 46 -0.79 14.23 0.13
N THR A 47 -1.79 13.79 -0.60
CA THR A 47 -2.87 12.99 -0.01
C THR A 47 -3.40 12.00 -1.05
N LEU A 48 -3.94 10.88 -0.57
CA LEU A 48 -4.34 9.78 -1.44
C LEU A 48 -5.84 9.82 -1.74
N GLY A 49 -6.24 9.12 -2.80
CA GLY A 49 -7.64 9.04 -3.17
C GLY A 49 -8.11 7.61 -3.32
N GLY A 50 -8.21 7.15 -4.56
CA GLY A 50 -8.68 5.79 -4.82
C GLY A 50 -7.56 4.77 -4.86
N VAL A 51 -7.92 3.50 -4.72
CA VAL A 51 -6.96 2.40 -4.75
C VAL A 51 -7.41 1.43 -5.83
N TRP A 52 -6.47 0.85 -6.56
CA TRP A 52 -6.78 -0.13 -7.58
C TRP A 52 -6.03 -1.44 -7.33
N ASN A 53 -6.62 -2.54 -7.77
CA ASN A 53 -6.09 -3.88 -7.51
C ASN A 53 -5.95 -4.14 -6.02
N GLY A 54 -6.99 -3.82 -5.26
CA GLY A 54 -7.00 -4.11 -3.84
C GLY A 54 -8.29 -3.61 -3.19
N SER A 55 -8.54 -4.02 -1.96
CA SER A 55 -9.72 -3.58 -1.21
C SER A 55 -9.24 -2.64 -0.11
N LEU A 56 -9.95 -1.54 0.11
CA LEU A 56 -9.47 -0.51 1.02
C LEU A 56 -10.46 -0.21 2.15
N THR A 57 -9.90 0.19 3.30
CA THR A 57 -10.68 0.58 4.47
C THR A 57 -9.94 1.73 5.15
N SER A 58 -10.64 2.50 5.98
CA SER A 58 -10.03 3.63 6.66
C SER A 58 -10.45 3.63 8.13
N GLY A 59 -9.62 4.21 8.98
CA GLY A 59 -9.90 4.27 10.41
C GLY A 59 -10.36 5.64 10.82
N SER A 60 -10.94 5.73 12.02
CA SER A 60 -11.42 7.01 12.55
C SER A 60 -10.27 7.98 12.82
N ASP A 61 -9.05 7.47 12.84
CA ASP A 61 -7.87 8.27 13.09
C ASP A 61 -7.38 8.96 11.82
N GLY A 62 -8.12 8.79 10.73
CA GLY A 62 -7.74 9.41 9.47
C GLY A 62 -6.72 8.59 8.71
N THR A 63 -6.43 7.40 9.21
CA THR A 63 -5.45 6.52 8.59
C THR A 63 -6.16 5.65 7.55
N VAL A 64 -5.42 5.23 6.52
CA VAL A 64 -6.00 4.40 5.47
C VAL A 64 -5.20 3.12 5.32
N THR A 65 -5.86 2.05 4.92
CA THR A 65 -5.19 0.78 4.70
C THR A 65 -5.79 0.00 3.53
N VAL A 66 -4.95 -0.79 2.87
CA VAL A 66 -5.38 -1.66 1.78
C VAL A 66 -5.09 -3.09 2.21
N ARG A 67 -6.08 -3.98 2.05
CA ARG A 67 -6.00 -5.31 2.64
C ARG A 67 -6.69 -6.36 1.77
N ASN A 68 -6.39 -7.63 2.06
CA ASN A 68 -7.06 -8.77 1.44
C ASN A 68 -7.14 -8.67 -0.07
N VAL A 69 -5.99 -8.50 -0.73
CA VAL A 69 -5.98 -8.42 -2.18
C VAL A 69 -6.03 -9.82 -2.79
N ASP A 70 -6.94 -10.02 -3.74
CA ASP A 70 -7.15 -11.32 -4.37
C ASP A 70 -6.10 -11.67 -5.41
N HIS A 71 -5.24 -10.70 -5.76
CA HIS A 71 -4.22 -10.91 -6.78
C HIS A 71 -3.16 -11.92 -6.35
N ASN A 72 -3.23 -12.35 -5.10
CA ASN A 72 -2.27 -13.31 -4.55
C ASN A 72 -2.71 -14.75 -4.80
N ARG A 73 -3.89 -14.93 -5.41
CA ARG A 73 -4.45 -16.26 -5.61
C ARG A 73 -3.67 -17.08 -6.64
N VAL A 74 -3.20 -16.41 -7.68
CA VAL A 74 -2.61 -17.11 -8.83
C VAL A 74 -1.12 -17.35 -8.63
N VAL A 75 -0.45 -16.38 -8.03
CA VAL A 75 1.00 -16.47 -7.79
C VAL A 75 1.28 -17.47 -6.67
N PRO A 76 2.49 -18.04 -6.63
CA PRO A 76 2.79 -18.99 -5.55
C PRO A 76 2.86 -18.32 -4.18
N PRO A 77 2.79 -19.13 -3.10
CA PRO A 77 2.89 -18.54 -1.75
C PRO A 77 4.29 -17.98 -1.49
N ASP A 78 4.41 -17.27 -0.37
CA ASP A 78 5.66 -16.67 0.11
C ASP A 78 6.40 -15.77 -0.90
N GLY A 79 5.77 -15.49 -2.02
CA GLY A 79 6.35 -14.59 -3.00
C GLY A 79 6.06 -13.13 -2.70
N SER A 80 6.38 -12.27 -3.66
CA SER A 80 6.13 -10.84 -3.54
C SER A 80 4.99 -10.45 -4.49
N VAL A 81 4.19 -9.48 -4.09
CA VAL A 81 3.05 -9.03 -4.89
C VAL A 81 3.01 -7.51 -4.89
N THR A 82 2.42 -6.91 -5.90
CA THR A 82 2.35 -5.46 -6.00
C THR A 82 0.97 -4.97 -6.43
N PHE A 83 0.67 -3.73 -6.06
CA PHE A 83 -0.60 -3.09 -6.35
C PHE A 83 -0.35 -1.60 -6.23
N GLY A 84 -1.36 -0.76 -6.44
CA GLY A 84 -1.13 0.68 -6.35
C GLY A 84 -2.37 1.50 -6.04
N PHE A 85 -2.16 2.81 -5.91
CA PHE A 85 -3.25 3.73 -5.62
C PHE A 85 -2.97 5.04 -6.33
N THR A 86 -3.94 5.95 -6.35
CA THR A 86 -3.78 7.25 -6.97
C THR A 86 -3.89 8.33 -5.89
N ALA A 87 -3.24 9.45 -6.13
CA ALA A 87 -3.08 10.48 -5.12
C ALA A 87 -2.97 11.85 -5.79
N THR A 88 -3.13 12.91 -4.99
CA THR A 88 -2.98 14.28 -5.47
C THR A 88 -1.92 14.98 -4.66
N SER A 89 -1.38 16.06 -5.20
CA SER A 89 -0.29 16.78 -4.57
C SER A 89 -0.45 18.28 -4.76
N THR A 90 -0.11 19.04 -3.72
CA THR A 90 -0.08 20.49 -3.78
C THR A 90 1.37 20.97 -3.86
N GLY A 91 2.30 20.02 -3.76
CA GLY A 91 3.72 20.34 -3.81
C GLY A 91 4.60 19.20 -3.38
N ASN A 92 4.12 18.37 -2.44
CA ASN A 92 4.91 17.28 -1.88
C ASN A 92 6.23 17.80 -1.33
N ASP A 93 6.15 18.92 -0.62
CA ASP A 93 7.33 19.61 -0.10
C ASP A 93 8.07 18.74 0.90
N PHE A 94 7.31 17.93 1.64
CA PHE A 94 7.90 16.96 2.57
C PHE A 94 7.57 15.55 2.08
N PRO A 95 8.49 14.60 2.27
CA PRO A 95 8.25 13.26 1.71
C PRO A 95 7.18 12.47 2.46
N VAL A 96 6.56 11.54 1.76
CA VAL A 96 5.60 10.62 2.37
C VAL A 96 6.37 9.48 3.05
N ASP A 97 7.57 9.22 2.54
CA ASP A 97 8.45 8.15 3.00
C ASP A 97 7.83 6.77 2.75
N SER A 98 8.59 5.72 3.06
CA SER A 98 8.13 4.35 2.84
C SER A 98 7.37 3.85 4.06
N ILE A 99 6.54 2.83 3.85
CA ILE A 99 5.73 2.26 4.93
C ILE A 99 5.81 0.74 4.90
N GLY A 100 5.56 0.13 6.06
CA GLY A 100 5.59 -1.32 6.17
C GLY A 100 4.20 -1.92 6.01
N CYS A 101 4.08 -3.21 6.26
CA CYS A 101 2.80 -3.90 6.21
C CYS A 101 2.59 -4.67 7.50
N VAL A 102 1.34 -4.99 7.81
CA VAL A 102 0.99 -5.72 9.01
C VAL A 102 0.11 -6.92 8.67
N ALA A 103 0.08 -7.90 9.56
CA ALA A 103 -0.73 -9.09 9.38
C ALA A 103 -1.52 -9.36 10.65
N PRO A 104 -2.65 -10.09 10.56
CA PRO A 104 -3.36 -10.46 11.78
C PRO A 104 -2.62 -11.54 12.58
N HIS A 1 8.10 -14.70 14.76
CA HIS A 1 6.94 -13.99 15.37
C HIS A 1 6.99 -12.50 15.09
N THR A 2 7.21 -12.12 13.83
CA THR A 2 7.11 -10.71 13.45
C THR A 2 5.64 -10.33 13.39
N GLY A 3 5.34 -9.07 13.67
CA GLY A 3 3.98 -8.58 13.62
C GLY A 3 3.77 -7.73 12.38
N SER A 4 4.83 -7.52 11.62
CA SER A 4 4.78 -6.71 10.41
C SER A 4 5.54 -7.38 9.26
N CYS A 5 4.96 -7.29 8.07
CA CYS A 5 5.67 -7.65 6.86
C CYS A 5 6.35 -6.37 6.39
N MET A 6 6.97 -6.40 5.22
CA MET A 6 7.69 -5.22 4.70
C MET A 6 7.02 -4.74 3.42
N ALA A 7 7.08 -3.44 3.18
CA ALA A 7 6.51 -2.86 1.97
C ALA A 7 7.50 -1.89 1.34
N VAL A 8 7.45 -1.76 0.02
CA VAL A 8 8.33 -0.88 -0.72
C VAL A 8 7.42 -0.04 -1.63
N TYR A 9 7.68 1.27 -1.66
CA TYR A 9 6.85 2.19 -2.44
C TYR A 9 7.64 2.74 -3.63
N SER A 10 7.02 2.73 -4.80
CA SER A 10 7.61 3.28 -6.01
C SER A 10 6.61 4.19 -6.72
N VAL A 11 7.11 5.19 -7.45
CA VAL A 11 6.25 6.10 -8.18
C VAL A 11 6.14 5.64 -9.64
N GLU A 12 4.92 5.69 -10.17
CA GLU A 12 4.62 5.15 -11.51
C GLU A 12 4.65 6.25 -12.56
N ASN A 13 3.76 7.23 -12.39
CA ASN A 13 3.50 8.24 -13.41
C ASN A 13 3.09 9.56 -12.78
N SER A 14 3.17 10.65 -13.56
CA SER A 14 2.65 11.94 -13.15
C SER A 14 1.90 12.60 -14.31
N TRP A 15 0.85 13.35 -13.99
CA TRP A 15 -0.01 13.97 -15.01
C TRP A 15 -0.77 15.16 -14.41
N SER A 16 -1.60 15.81 -15.22
CA SER A 16 -2.51 16.82 -14.70
C SER A 16 -3.51 16.13 -13.77
N GLY A 17 -3.56 16.54 -12.52
CA GLY A 17 -4.46 15.94 -11.56
C GLY A 17 -3.74 15.18 -10.44
N GLY A 18 -2.44 15.05 -10.55
CA GLY A 18 -1.65 14.40 -9.52
C GLY A 18 -0.61 13.44 -10.02
N PHE A 19 -0.29 12.42 -9.23
CA PHE A 19 0.64 11.36 -9.63
C PHE A 19 0.13 10.01 -9.16
N GLN A 20 0.72 8.94 -9.67
CA GLN A 20 0.31 7.58 -9.33
C GLN A 20 1.51 6.82 -8.78
N GLY A 21 1.29 5.98 -7.78
CA GLY A 21 2.35 5.21 -7.17
C GLY A 21 1.89 3.80 -6.84
N SER A 22 2.84 2.90 -6.60
CA SER A 22 2.52 1.51 -6.30
C SER A 22 3.22 1.09 -5.02
N VAL A 23 2.62 0.11 -4.35
CA VAL A 23 3.14 -0.35 -3.07
C VAL A 23 3.24 -1.87 -3.10
N GLU A 24 4.47 -2.36 -3.11
CA GLU A 24 4.72 -3.80 -3.13
C GLU A 24 4.90 -4.29 -1.71
N VAL A 25 4.23 -5.40 -1.38
CA VAL A 25 4.36 -6.02 -0.07
C VAL A 25 5.13 -7.32 -0.27
N MET A 26 6.18 -7.52 0.53
CA MET A 26 6.97 -8.74 0.46
C MET A 26 6.91 -9.48 1.79
N ASN A 27 6.99 -10.81 1.72
CA ASN A 27 6.96 -11.62 2.94
C ASN A 27 8.36 -11.76 3.51
N HIS A 28 8.63 -11.03 4.58
CA HIS A 28 9.94 -11.06 5.24
C HIS A 28 10.07 -12.28 6.13
N GLY A 29 8.97 -12.98 6.33
CA GLY A 29 8.99 -14.21 7.09
C GLY A 29 9.01 -15.43 6.18
N THR A 30 9.15 -16.61 6.79
CA THR A 30 9.14 -17.85 6.01
C THR A 30 7.74 -18.48 6.05
N GLU A 31 6.85 -17.91 6.86
CA GLU A 31 5.46 -18.34 6.90
C GLU A 31 4.61 -17.32 6.15
N PRO A 32 3.58 -17.78 5.41
CA PRO A 32 2.79 -16.85 4.59
C PRO A 32 1.72 -16.10 5.39
N LEU A 33 1.16 -15.07 4.76
CA LEU A 33 0.05 -14.33 5.36
C LEU A 33 -0.99 -14.09 4.28
N ASN A 34 -2.26 -14.35 4.58
CA ASN A 34 -3.33 -14.18 3.62
C ASN A 34 -4.16 -12.94 3.98
N GLY A 35 -4.40 -12.07 3.01
CA GLY A 35 -5.24 -10.91 3.26
C GLY A 35 -4.54 -9.82 4.06
N TRP A 36 -3.21 -9.82 4.06
CA TRP A 36 -2.47 -8.83 4.85
C TRP A 36 -2.81 -7.42 4.38
N ALA A 37 -2.68 -6.47 5.30
CA ALA A 37 -3.18 -5.11 5.09
C ALA A 37 -2.08 -4.07 5.25
N VAL A 38 -1.96 -3.19 4.26
CA VAL A 38 -1.01 -2.09 4.27
C VAL A 38 -1.71 -0.87 4.84
N GLN A 39 -1.11 -0.24 5.85
CA GLN A 39 -1.73 0.89 6.51
C GLN A 39 -0.71 2.02 6.59
N TRP A 40 -1.16 3.25 6.41
CA TRP A 40 -0.32 4.43 6.60
C TRP A 40 -1.16 5.69 6.76
N GLN A 41 -0.47 6.80 7.02
CA GLN A 41 -1.11 8.11 7.10
C GLN A 41 -0.43 8.97 6.03
N PRO A 42 -1.15 9.87 5.35
CA PRO A 42 -0.41 10.68 4.38
C PRO A 42 0.68 11.51 5.06
N GLY A 43 1.85 11.57 4.42
CA GLY A 43 2.97 12.29 5.02
C GLY A 43 2.81 13.78 4.83
N GLY A 44 3.59 14.54 5.57
CA GLY A 44 3.52 15.99 5.51
C GLY A 44 3.85 16.51 4.12
N GLY A 45 2.92 17.21 3.50
CA GLY A 45 3.16 17.76 2.18
C GLY A 45 2.62 16.87 1.08
N THR A 46 1.89 15.82 1.44
CA THR A 46 1.26 14.95 0.45
C THR A 46 -0.15 14.59 0.90
N THR A 47 -0.99 14.15 -0.05
CA THR A 47 -2.28 13.57 0.27
C THR A 47 -2.58 12.55 -0.82
N LEU A 48 -3.59 11.69 -0.61
CA LEU A 48 -3.91 10.65 -1.59
C LEU A 48 -5.38 10.71 -1.99
N GLY A 49 -5.70 10.07 -3.12
CA GLY A 49 -7.07 10.04 -3.59
C GLY A 49 -7.65 8.64 -3.50
N GLY A 50 -7.59 7.89 -4.59
CA GLY A 50 -8.17 6.57 -4.64
C GLY A 50 -7.10 5.50 -4.66
N VAL A 51 -7.53 4.27 -4.40
CA VAL A 51 -6.64 3.11 -4.42
C VAL A 51 -7.21 2.10 -5.43
N TRP A 52 -6.34 1.39 -6.13
CA TRP A 52 -6.76 0.46 -7.17
C TRP A 52 -6.02 -0.88 -7.06
N ASN A 53 -6.60 -1.92 -7.67
CA ASN A 53 -6.05 -3.26 -7.68
C ASN A 53 -5.95 -3.85 -6.26
N GLY A 54 -6.98 -3.62 -5.46
CA GLY A 54 -7.03 -4.19 -4.12
C GLY A 54 -8.29 -3.73 -3.42
N SER A 55 -8.52 -4.21 -2.20
CA SER A 55 -9.70 -3.84 -1.43
C SER A 55 -9.31 -2.78 -0.42
N LEU A 56 -10.26 -1.95 -0.01
CA LEU A 56 -9.97 -0.80 0.84
C LEU A 56 -10.73 -0.91 2.16
N THR A 57 -10.10 -0.43 3.23
CA THR A 57 -10.77 -0.19 4.50
C THR A 57 -10.17 1.10 5.06
N SER A 58 -10.72 1.60 6.16
CA SER A 58 -10.28 2.87 6.73
C SER A 58 -10.30 2.78 8.26
N GLY A 59 -9.50 3.63 8.91
CA GLY A 59 -9.49 3.66 10.36
C GLY A 59 -10.27 4.85 10.89
N SER A 60 -10.56 4.82 12.19
CA SER A 60 -11.30 5.91 12.84
C SER A 60 -10.49 7.19 12.91
N ASP A 61 -9.18 7.08 12.72
CA ASP A 61 -8.27 8.21 12.76
C ASP A 61 -8.10 8.82 11.37
N GLY A 62 -8.99 8.44 10.45
CA GLY A 62 -8.99 9.00 9.11
C GLY A 62 -7.94 8.35 8.22
N THR A 63 -7.22 7.38 8.77
CA THR A 63 -6.15 6.71 8.05
C THR A 63 -6.74 5.69 7.09
N VAL A 64 -5.94 5.25 6.12
CA VAL A 64 -6.41 4.35 5.08
C VAL A 64 -5.69 3.02 5.16
N THR A 65 -6.33 1.98 4.61
CA THR A 65 -5.79 0.63 4.63
C THR A 65 -6.19 -0.12 3.36
N VAL A 66 -5.23 -0.89 2.81
CA VAL A 66 -5.45 -1.67 1.60
C VAL A 66 -5.15 -3.14 1.90
N ARG A 67 -6.04 -4.04 1.50
CA ARG A 67 -5.87 -5.47 1.81
C ARG A 67 -6.42 -6.36 0.70
N ASN A 68 -6.26 -7.65 0.89
CA ASN A 68 -6.87 -8.69 0.03
C ASN A 68 -6.53 -8.50 -1.44
N VAL A 69 -5.35 -8.98 -1.83
CA VAL A 69 -4.95 -8.99 -3.23
C VAL A 69 -5.87 -9.95 -4.00
N ASP A 70 -6.51 -9.43 -5.04
CA ASP A 70 -7.40 -10.25 -5.86
C ASP A 70 -6.64 -10.81 -7.07
N HIS A 71 -5.58 -10.13 -7.48
CA HIS A 71 -4.86 -10.50 -8.70
C HIS A 71 -3.89 -11.68 -8.53
N ASN A 72 -4.02 -12.41 -7.42
CA ASN A 72 -3.30 -13.67 -7.24
C ASN A 72 -4.25 -14.71 -6.68
N ARG A 73 -5.55 -14.51 -6.89
CA ARG A 73 -6.57 -15.41 -6.37
C ARG A 73 -6.34 -16.88 -6.72
N VAL A 74 -5.62 -17.13 -7.82
CA VAL A 74 -5.39 -18.49 -8.31
C VAL A 74 -4.50 -19.28 -7.38
N VAL A 75 -3.46 -18.64 -6.84
CA VAL A 75 -2.47 -19.29 -6.00
C VAL A 75 -2.25 -18.48 -4.72
N PRO A 76 -2.35 -19.11 -3.54
CA PRO A 76 -2.11 -18.34 -2.31
C PRO A 76 -0.66 -17.85 -2.22
N PRO A 77 -0.43 -16.72 -1.54
CA PRO A 77 0.88 -16.08 -1.63
C PRO A 77 2.02 -16.77 -0.91
N ASP A 78 3.16 -16.84 -1.58
CA ASP A 78 4.39 -17.32 -0.96
C ASP A 78 5.53 -16.33 -1.23
N GLY A 79 5.15 -15.13 -1.67
CA GLY A 79 6.12 -14.18 -2.16
C GLY A 79 5.55 -12.78 -2.23
N SER A 80 6.15 -11.90 -3.01
CA SER A 80 5.73 -10.50 -3.06
C SER A 80 4.57 -10.28 -4.02
N VAL A 81 3.73 -9.30 -3.68
CA VAL A 81 2.58 -8.92 -4.48
C VAL A 81 2.38 -7.41 -4.28
N THR A 82 1.70 -6.76 -5.21
CA THR A 82 1.65 -5.30 -5.22
C THR A 82 0.23 -4.73 -5.22
N PHE A 83 0.14 -3.47 -4.79
CA PHE A 83 -1.09 -2.68 -4.81
C PHE A 83 -0.73 -1.36 -5.51
N GLY A 84 -1.70 -0.47 -5.70
CA GLY A 84 -1.39 0.85 -6.20
C GLY A 84 -2.43 1.89 -5.86
N PHE A 85 -2.04 3.16 -5.87
CA PHE A 85 -2.95 4.25 -5.56
C PHE A 85 -2.57 5.52 -6.33
N THR A 86 -3.42 6.54 -6.25
CA THR A 86 -3.13 7.84 -6.87
C THR A 86 -3.08 8.89 -5.77
N ALA A 87 -2.28 9.94 -5.97
CA ALA A 87 -2.00 10.91 -4.93
C ALA A 87 -1.74 12.27 -5.54
N THR A 88 -1.70 13.28 -4.67
CA THR A 88 -1.43 14.66 -5.06
C THR A 88 -0.48 15.25 -4.04
N SER A 89 0.37 16.18 -4.46
CA SER A 89 1.27 16.85 -3.52
C SER A 89 0.57 18.10 -2.99
N THR A 90 0.80 18.39 -1.72
CA THR A 90 0.27 19.59 -1.08
C THR A 90 1.43 20.43 -0.58
N GLY A 91 2.65 20.08 -1.00
CA GLY A 91 3.83 20.84 -0.62
C GLY A 91 5.12 20.15 -1.00
N ASN A 92 5.16 18.83 -0.84
CA ASN A 92 6.38 18.08 -1.11
C ASN A 92 6.09 16.87 -2.02
N ASP A 93 7.03 16.58 -2.91
CA ASP A 93 6.87 15.51 -3.91
C ASP A 93 7.81 14.35 -3.58
N PHE A 94 8.64 14.53 -2.56
CA PHE A 94 9.53 13.48 -2.10
C PHE A 94 8.73 12.47 -1.27
N PRO A 95 9.17 11.20 -1.22
CA PRO A 95 8.55 10.33 -0.22
C PRO A 95 8.86 10.85 1.18
N VAL A 96 7.85 10.89 2.03
CA VAL A 96 8.00 11.51 3.34
C VAL A 96 8.28 10.43 4.41
N ASP A 97 7.50 9.36 4.38
CA ASP A 97 7.59 8.31 5.38
C ASP A 97 7.43 6.94 4.72
N SER A 98 7.88 5.89 5.40
CA SER A 98 7.78 4.54 4.86
C SER A 98 6.52 3.89 5.43
N ILE A 99 5.92 3.02 4.63
CA ILE A 99 4.68 2.35 5.01
C ILE A 99 4.95 0.90 5.40
N GLY A 100 4.01 0.30 6.13
CA GLY A 100 4.16 -1.07 6.58
C GLY A 100 2.88 -1.86 6.43
N CYS A 101 2.93 -3.14 6.75
CA CYS A 101 1.75 -3.99 6.60
C CYS A 101 1.61 -4.98 7.76
N VAL A 102 0.36 -5.28 8.10
CA VAL A 102 0.03 -6.08 9.28
C VAL A 102 -0.92 -7.21 8.88
N ALA A 103 -1.14 -8.16 9.77
CA ALA A 103 -2.13 -9.20 9.56
C ALA A 103 -3.52 -8.59 9.70
N PRO A 104 -4.52 -9.17 9.00
CA PRO A 104 -5.88 -8.65 9.16
C PRO A 104 -6.51 -9.05 10.49
N HIS A 1 13.83 -11.39 16.91
CA HIS A 1 12.63 -12.18 16.52
C HIS A 1 11.90 -11.50 15.37
N THR A 2 11.37 -12.29 14.44
CA THR A 2 10.62 -11.77 13.31
C THR A 2 9.31 -11.18 13.80
N GLY A 3 8.77 -10.22 13.05
CA GLY A 3 7.51 -9.62 13.42
C GLY A 3 6.53 -9.64 12.26
N SER A 4 6.69 -8.71 11.33
CA SER A 4 5.82 -8.62 10.17
C SER A 4 6.62 -8.63 8.87
N CYS A 5 5.92 -8.45 7.76
CA CYS A 5 6.51 -8.43 6.42
C CYS A 5 7.28 -7.13 6.17
N MET A 6 7.80 -6.98 4.96
CA MET A 6 8.59 -5.80 4.60
C MET A 6 8.04 -5.25 3.29
N ALA A 7 8.14 -3.94 3.09
CA ALA A 7 7.56 -3.30 1.91
C ALA A 7 8.48 -2.25 1.30
N VAL A 8 8.23 -1.94 0.03
CA VAL A 8 8.97 -0.92 -0.70
C VAL A 8 7.95 0.01 -1.34
N TYR A 9 8.25 1.31 -1.37
CA TYR A 9 7.31 2.30 -1.89
C TYR A 9 7.91 3.01 -3.10
N SER A 10 7.12 3.22 -4.14
CA SER A 10 7.56 3.90 -5.35
C SER A 10 6.48 4.85 -5.85
N VAL A 11 6.88 5.84 -6.63
CA VAL A 11 5.95 6.70 -7.36
C VAL A 11 5.85 6.15 -8.77
N GLU A 12 4.63 6.00 -9.26
CA GLU A 12 4.38 5.41 -10.57
C GLU A 12 4.49 6.48 -11.66
N ASN A 13 3.72 7.56 -11.49
CA ASN A 13 3.63 8.60 -12.51
C ASN A 13 3.01 9.83 -11.86
N SER A 14 3.21 11.00 -12.45
CA SER A 14 2.68 12.24 -11.90
C SER A 14 2.12 13.14 -13.00
N TRP A 15 1.28 14.09 -12.60
CA TRP A 15 0.64 15.02 -13.53
C TRP A 15 0.26 16.27 -12.76
N SER A 16 -0.26 17.28 -13.45
CA SER A 16 -0.73 18.48 -12.79
C SER A 16 -1.91 18.16 -11.90
N GLY A 17 -1.71 18.31 -10.60
CA GLY A 17 -2.77 18.13 -9.63
C GLY A 17 -2.79 16.79 -8.93
N GLY A 18 -1.79 15.94 -9.18
CA GLY A 18 -1.72 14.67 -8.46
C GLY A 18 -0.69 13.70 -9.00
N PHE A 19 -0.58 12.53 -8.37
CA PHE A 19 0.33 11.50 -8.81
C PHE A 19 -0.21 10.13 -8.43
N GLN A 20 0.40 9.08 -8.98
CA GLN A 20 0.03 7.71 -8.68
C GLN A 20 1.22 7.05 -8.00
N GLY A 21 0.95 6.01 -7.22
CA GLY A 21 2.04 5.30 -6.56
C GLY A 21 1.88 3.81 -6.68
N SER A 22 2.99 3.10 -6.58
CA SER A 22 3.00 1.65 -6.71
C SER A 22 3.87 1.11 -5.58
N VAL A 23 3.41 0.07 -4.91
CA VAL A 23 4.10 -0.43 -3.73
C VAL A 23 4.22 -1.94 -3.81
N GLU A 24 5.27 -2.48 -3.20
CA GLU A 24 5.52 -3.93 -3.24
C GLU A 24 5.76 -4.44 -1.83
N VAL A 25 5.28 -5.64 -1.55
CA VAL A 25 5.40 -6.24 -0.21
C VAL A 25 5.94 -7.66 -0.36
N MET A 26 6.95 -8.00 0.43
CA MET A 26 7.51 -9.34 0.40
C MET A 26 7.33 -10.03 1.73
N ASN A 27 6.96 -11.31 1.66
CA ASN A 27 6.73 -12.08 2.88
C ASN A 27 8.08 -12.51 3.46
N HIS A 28 8.25 -12.39 4.77
CA HIS A 28 9.49 -12.80 5.42
C HIS A 28 9.41 -14.30 5.77
N GLY A 29 8.19 -14.83 5.78
CA GLY A 29 8.01 -16.27 5.94
C GLY A 29 7.56 -16.81 4.60
N THR A 30 7.13 -18.07 4.57
CA THR A 30 6.61 -18.66 3.33
C THR A 30 5.10 -18.90 3.45
N GLU A 31 4.58 -18.79 4.67
CA GLU A 31 3.16 -19.02 4.91
C GLU A 31 2.37 -17.72 4.80
N PRO A 32 1.35 -17.68 3.92
CA PRO A 32 0.52 -16.48 3.84
C PRO A 32 -0.55 -16.42 4.92
N LEU A 33 -1.12 -15.23 5.11
CA LEU A 33 -2.23 -15.06 6.04
C LEU A 33 -3.43 -14.49 5.31
N ASN A 34 -4.62 -14.92 5.73
CA ASN A 34 -5.85 -14.28 5.29
C ASN A 34 -6.03 -12.99 6.07
N GLY A 35 -6.60 -11.97 5.44
CA GLY A 35 -6.77 -10.67 6.09
C GLY A 35 -5.50 -9.85 6.06
N TRP A 36 -4.56 -10.25 5.21
CA TRP A 36 -3.30 -9.53 5.04
C TRP A 36 -3.59 -8.08 4.68
N ALA A 37 -2.88 -7.14 5.31
CA ALA A 37 -3.15 -5.72 5.12
C ALA A 37 -1.85 -4.93 5.00
N VAL A 38 -1.91 -3.83 4.27
CA VAL A 38 -0.75 -2.98 4.00
C VAL A 38 -1.16 -1.52 4.28
N GLN A 39 -0.62 -0.91 5.32
CA GLN A 39 -0.98 0.45 5.68
C GLN A 39 -0.02 1.44 5.05
N TRP A 40 -0.54 2.60 4.68
CA TRP A 40 0.29 3.66 4.12
C TRP A 40 -0.29 5.02 4.43
N GLN A 41 0.53 6.06 4.25
CA GLN A 41 0.14 7.42 4.60
C GLN A 41 0.50 8.29 3.40
N PRO A 42 -0.36 9.23 3.01
CA PRO A 42 0.02 10.10 1.90
C PRO A 42 1.19 11.02 2.29
N GLY A 43 1.89 11.54 1.28
CA GLY A 43 2.99 12.45 1.52
C GLY A 43 2.50 13.86 1.83
N GLY A 44 3.41 14.73 2.23
CA GLY A 44 3.06 16.09 2.53
C GLY A 44 2.62 16.85 1.28
N GLY A 45 1.45 17.48 1.36
CA GLY A 45 0.95 18.26 0.24
C GLY A 45 0.08 17.44 -0.70
N THR A 46 -0.14 16.17 -0.37
CA THR A 46 -0.97 15.29 -1.19
C THR A 46 -1.99 14.59 -0.29
N THR A 47 -3.07 14.08 -0.87
CA THR A 47 -4.02 13.24 -0.14
C THR A 47 -4.44 12.09 -1.06
N LEU A 48 -4.86 10.99 -0.44
CA LEU A 48 -5.22 9.79 -1.20
C LEU A 48 -6.57 9.96 -1.90
N GLY A 49 -6.77 9.17 -2.96
CA GLY A 49 -8.04 9.18 -3.66
C GLY A 49 -8.63 7.78 -3.74
N GLY A 50 -7.94 6.87 -4.43
CA GLY A 50 -8.41 5.51 -4.57
C GLY A 50 -7.25 4.54 -4.61
N VAL A 51 -7.54 3.25 -4.44
CA VAL A 51 -6.51 2.20 -4.43
C VAL A 51 -7.00 1.03 -5.27
N TRP A 52 -6.09 0.31 -5.92
CA TRP A 52 -6.46 -0.87 -6.69
C TRP A 52 -5.59 -2.05 -6.25
N ASN A 53 -5.80 -3.20 -6.90
CA ASN A 53 -5.08 -4.44 -6.62
C ASN A 53 -5.44 -5.04 -5.26
N GLY A 54 -6.52 -4.53 -4.69
CA GLY A 54 -7.03 -5.07 -3.43
C GLY A 54 -8.20 -4.24 -2.95
N SER A 55 -8.79 -4.63 -1.82
CA SER A 55 -9.88 -3.86 -1.21
C SER A 55 -9.22 -2.77 -0.35
N LEU A 56 -9.92 -1.68 -0.08
CA LEU A 56 -9.32 -0.56 0.66
C LEU A 56 -10.24 -0.10 1.79
N THR A 57 -9.65 0.33 2.90
CA THR A 57 -10.40 0.89 4.01
C THR A 57 -9.61 2.04 4.62
N SER A 58 -10.30 2.98 5.27
CA SER A 58 -9.66 4.07 5.99
C SER A 58 -9.83 3.84 7.49
N GLY A 59 -8.89 4.34 8.28
CA GLY A 59 -8.90 4.13 9.72
C GLY A 59 -9.25 5.40 10.47
N SER A 60 -9.59 5.25 11.75
CA SER A 60 -9.96 6.39 12.60
C SER A 60 -8.73 7.21 12.97
N ASP A 61 -7.56 6.63 12.73
CA ASP A 61 -6.29 7.32 13.02
C ASP A 61 -5.91 8.18 11.83
N GLY A 62 -6.82 8.31 10.87
CA GLY A 62 -6.56 9.10 9.68
C GLY A 62 -5.74 8.37 8.64
N THR A 63 -5.20 7.20 9.01
CA THR A 63 -4.39 6.41 8.10
C THR A 63 -5.26 5.54 7.21
N VAL A 64 -4.70 5.07 6.09
CA VAL A 64 -5.44 4.23 5.16
C VAL A 64 -4.69 2.93 4.92
N THR A 65 -5.42 1.88 4.55
CA THR A 65 -4.82 0.58 4.37
C THR A 65 -5.46 -0.17 3.20
N VAL A 66 -4.67 -1.04 2.58
CA VAL A 66 -5.16 -1.93 1.52
C VAL A 66 -5.21 -3.32 2.11
N ARG A 67 -6.26 -4.09 1.83
CA ARG A 67 -6.40 -5.43 2.37
C ARG A 67 -6.90 -6.38 1.30
N ASN A 68 -6.72 -7.69 1.53
CA ASN A 68 -7.28 -8.72 0.65
C ASN A 68 -6.89 -8.55 -0.81
N VAL A 69 -5.75 -9.12 -1.17
CA VAL A 69 -5.31 -9.17 -2.56
C VAL A 69 -6.41 -9.76 -3.43
N ASP A 70 -6.74 -9.10 -4.54
CA ASP A 70 -7.73 -9.61 -5.47
C ASP A 70 -7.08 -10.20 -6.73
N HIS A 71 -5.80 -9.96 -6.91
CA HIS A 71 -5.07 -10.43 -8.09
C HIS A 71 -4.35 -11.75 -7.84
N ASN A 72 -4.90 -12.54 -6.92
CA ASN A 72 -4.36 -13.86 -6.58
C ASN A 72 -5.38 -14.97 -6.90
N ARG A 73 -6.22 -14.72 -7.90
CA ARG A 73 -7.31 -15.63 -8.23
C ARG A 73 -6.85 -16.91 -8.91
N VAL A 74 -5.67 -16.88 -9.51
CA VAL A 74 -5.16 -18.06 -10.20
C VAL A 74 -4.38 -18.94 -9.23
N VAL A 75 -3.54 -18.32 -8.42
CA VAL A 75 -2.70 -19.00 -7.43
C VAL A 75 -2.61 -18.15 -6.17
N PRO A 76 -2.52 -18.77 -4.98
CA PRO A 76 -2.37 -17.96 -3.76
C PRO A 76 -0.98 -17.31 -3.71
N PRO A 77 -0.82 -16.28 -2.86
CA PRO A 77 0.52 -15.66 -2.78
C PRO A 77 1.54 -16.52 -2.04
N ASP A 78 2.67 -16.79 -2.70
CA ASP A 78 3.77 -17.50 -2.08
C ASP A 78 5.04 -16.75 -2.45
N GLY A 79 5.12 -15.51 -1.99
CA GLY A 79 6.19 -14.62 -2.40
C GLY A 79 5.77 -13.18 -2.26
N SER A 80 6.24 -12.33 -3.16
CA SER A 80 5.94 -10.90 -3.12
C SER A 80 4.65 -10.59 -3.86
N VAL A 81 3.99 -9.50 -3.44
CA VAL A 81 2.79 -9.02 -4.09
C VAL A 81 2.88 -7.51 -4.26
N THR A 82 2.12 -6.94 -5.18
CA THR A 82 2.18 -5.52 -5.46
C THR A 82 0.79 -4.89 -5.43
N PHE A 83 0.75 -3.60 -5.14
CA PHE A 83 -0.48 -2.81 -5.12
C PHE A 83 -0.19 -1.48 -5.76
N GLY A 84 -1.22 -0.68 -5.99
CA GLY A 84 -1.03 0.68 -6.47
C GLY A 84 -2.21 1.55 -6.06
N PHE A 85 -1.99 2.86 -6.04
CA PHE A 85 -3.02 3.81 -5.61
C PHE A 85 -2.87 5.10 -6.40
N THR A 86 -3.88 5.98 -6.27
CA THR A 86 -3.84 7.29 -6.91
C THR A 86 -4.11 8.37 -5.86
N ALA A 87 -3.53 9.54 -6.07
CA ALA A 87 -3.58 10.61 -5.08
C ALA A 87 -3.73 11.95 -5.80
N THR A 88 -4.15 12.98 -5.07
CA THR A 88 -4.22 14.34 -5.59
C THR A 88 -3.33 15.24 -4.75
N SER A 89 -2.73 16.24 -5.39
CA SER A 89 -1.64 17.00 -4.77
C SER A 89 -1.77 18.49 -5.07
N THR A 90 -1.27 19.31 -4.14
CA THR A 90 -1.24 20.75 -4.33
C THR A 90 0.10 21.14 -4.97
N GLY A 91 0.98 20.15 -5.15
CA GLY A 91 2.24 20.38 -5.84
C GLY A 91 3.25 19.26 -5.74
N ASN A 92 3.46 18.73 -4.54
CA ASN A 92 4.51 17.74 -4.31
C ASN A 92 4.13 16.38 -4.90
N ASP A 93 5.05 15.80 -5.67
CA ASP A 93 4.90 14.44 -6.19
C ASP A 93 6.03 13.57 -5.64
N PHE A 94 6.74 14.12 -4.66
CA PHE A 94 7.95 13.48 -4.12
C PHE A 94 7.60 12.44 -3.06
N PRO A 95 8.35 11.32 -3.02
CA PRO A 95 8.13 10.36 -1.92
C PRO A 95 8.67 10.90 -0.60
N VAL A 96 8.18 10.35 0.51
CA VAL A 96 8.54 10.84 1.83
C VAL A 96 9.20 9.75 2.68
N ASP A 97 8.50 8.64 2.88
CA ASP A 97 9.05 7.53 3.66
C ASP A 97 8.55 6.19 3.11
N SER A 98 9.27 5.13 3.45
CA SER A 98 8.88 3.77 3.09
C SER A 98 7.76 3.32 4.01
N ILE A 99 6.91 2.46 3.49
CA ILE A 99 5.72 2.01 4.22
C ILE A 99 5.90 0.63 4.82
N GLY A 100 4.91 0.19 5.58
CA GLY A 100 4.96 -1.13 6.19
C GLY A 100 3.69 -1.92 5.89
N CYS A 101 3.62 -3.11 6.47
CA CYS A 101 2.48 -4.01 6.27
C CYS A 101 2.29 -4.88 7.50
N VAL A 102 1.09 -5.43 7.68
CA VAL A 102 0.78 -6.25 8.85
C VAL A 102 -0.04 -7.47 8.45
N ALA A 103 0.01 -8.50 9.27
CA ALA A 103 -0.83 -9.68 9.07
C ALA A 103 -1.44 -9.96 10.43
N PRO A 104 -2.67 -10.52 10.47
CA PRO A 104 -3.27 -10.79 11.78
C PRO A 104 -2.64 -11.98 12.49
N HIS A 1 5.39 -16.87 14.55
CA HIS A 1 6.42 -17.51 13.69
C HIS A 1 7.39 -16.47 13.13
N THR A 2 7.29 -15.23 13.59
CA THR A 2 8.19 -14.14 13.15
C THR A 2 8.49 -14.17 11.66
N GLY A 3 7.42 -14.15 10.86
CA GLY A 3 7.57 -14.13 9.42
C GLY A 3 6.98 -12.86 8.84
N SER A 4 5.66 -12.76 8.87
CA SER A 4 4.94 -11.56 8.45
C SER A 4 5.30 -11.15 7.02
N CYS A 5 5.14 -9.85 6.74
CA CYS A 5 5.39 -9.30 5.42
C CYS A 5 6.39 -8.17 5.52
N MET A 6 6.86 -7.70 4.37
CA MET A 6 7.63 -6.47 4.28
C MET A 6 7.08 -5.72 3.06
N ALA A 7 6.90 -4.40 3.19
CA ALA A 7 6.28 -3.62 2.13
C ALA A 7 7.23 -2.55 1.61
N VAL A 8 7.08 -2.23 0.32
CA VAL A 8 7.87 -1.19 -0.34
C VAL A 8 6.89 -0.30 -1.09
N TYR A 9 7.11 1.02 -1.04
CA TYR A 9 6.25 1.97 -1.73
C TYR A 9 7.05 2.79 -2.74
N SER A 10 6.54 2.88 -3.96
CA SER A 10 7.15 3.68 -5.00
C SER A 10 6.10 4.59 -5.65
N VAL A 11 6.52 5.77 -6.09
CA VAL A 11 5.67 6.59 -6.95
C VAL A 11 5.85 6.08 -8.36
N GLU A 12 4.75 5.68 -8.99
CA GLU A 12 4.80 5.06 -10.30
C GLU A 12 5.12 6.10 -11.38
N ASN A 13 4.29 7.15 -11.42
CA ASN A 13 4.45 8.23 -12.39
C ASN A 13 3.70 9.45 -11.87
N SER A 14 4.07 10.63 -12.36
CA SER A 14 3.40 11.86 -11.98
C SER A 14 3.16 12.70 -13.23
N TRP A 15 2.14 13.56 -13.18
CA TRP A 15 1.76 14.38 -14.31
C TRP A 15 1.00 15.60 -13.78
N SER A 16 0.66 16.52 -14.67
CA SER A 16 -0.13 17.69 -14.27
C SER A 16 -1.51 17.22 -13.82
N GLY A 17 -1.83 17.51 -12.57
CA GLY A 17 -3.13 17.18 -12.02
C GLY A 17 -3.17 15.97 -11.11
N GLY A 18 -2.09 15.20 -11.04
CA GLY A 18 -2.08 14.04 -10.16
C GLY A 18 -0.89 13.12 -10.36
N PHE A 19 -0.86 12.03 -9.59
CA PHE A 19 0.20 11.04 -9.69
C PHE A 19 -0.35 9.68 -9.27
N GLN A 20 0.43 8.63 -9.52
CA GLN A 20 0.03 7.28 -9.12
C GLN A 20 1.08 6.69 -8.18
N GLY A 21 0.63 5.86 -7.26
CA GLY A 21 1.54 5.22 -6.32
C GLY A 21 1.31 3.72 -6.31
N SER A 22 2.39 2.96 -6.16
CA SER A 22 2.33 1.51 -6.17
C SER A 22 2.99 0.98 -4.91
N VAL A 23 2.46 -0.11 -4.37
CA VAL A 23 2.97 -0.68 -3.13
C VAL A 23 3.13 -2.18 -3.30
N GLU A 24 4.35 -2.68 -3.13
CA GLU A 24 4.62 -4.11 -3.26
C GLU A 24 4.79 -4.72 -1.88
N VAL A 25 4.23 -5.91 -1.69
CA VAL A 25 4.27 -6.58 -0.40
C VAL A 25 4.77 -8.02 -0.58
N MET A 26 5.94 -8.30 -0.02
CA MET A 26 6.54 -9.62 -0.13
C MET A 26 6.24 -10.44 1.12
N ASN A 27 5.89 -11.71 0.91
CA ASN A 27 5.61 -12.62 2.01
C ASN A 27 6.93 -13.16 2.57
N HIS A 28 7.39 -12.55 3.66
CA HIS A 28 8.69 -12.91 4.24
C HIS A 28 8.56 -14.14 5.12
N GLY A 29 7.33 -14.52 5.45
CA GLY A 29 7.09 -15.72 6.23
C GLY A 29 7.26 -16.96 5.37
N THR A 30 7.41 -18.11 6.00
CA THR A 30 7.47 -19.39 5.28
C THR A 30 6.05 -19.91 5.13
N GLU A 31 5.09 -19.11 5.62
CA GLU A 31 3.68 -19.43 5.53
C GLU A 31 3.00 -18.25 4.83
N PRO A 32 2.18 -18.52 3.79
CA PRO A 32 1.56 -17.39 3.09
C PRO A 32 0.43 -16.76 3.88
N LEU A 33 0.53 -15.47 4.16
CA LEU A 33 -0.48 -14.77 4.95
C LEU A 33 -1.27 -13.81 4.07
N ASN A 34 -2.38 -14.30 3.54
CA ASN A 34 -3.24 -13.50 2.68
C ASN A 34 -4.22 -12.68 3.53
N GLY A 35 -4.63 -11.53 3.02
CA GLY A 35 -5.54 -10.67 3.75
C GLY A 35 -4.78 -9.69 4.63
N TRP A 36 -3.47 -9.63 4.42
CA TRP A 36 -2.62 -8.71 5.15
C TRP A 36 -2.91 -7.27 4.76
N ALA A 37 -2.36 -6.33 5.51
CA ALA A 37 -2.65 -4.90 5.31
C ALA A 37 -1.38 -4.07 5.36
N VAL A 38 -1.33 -3.04 4.51
CA VAL A 38 -0.22 -2.08 4.49
C VAL A 38 -0.77 -0.77 5.02
N GLN A 39 -0.13 -0.19 6.03
CA GLN A 39 -0.65 1.00 6.69
C GLN A 39 0.43 2.06 6.86
N TRP A 40 0.03 3.32 6.74
CA TRP A 40 0.91 4.45 7.02
C TRP A 40 0.06 5.70 7.25
N GLN A 41 0.68 6.73 7.82
CA GLN A 41 0.01 8.02 7.99
C GLN A 41 0.13 8.77 6.67
N PRO A 42 -0.98 9.34 6.16
CA PRO A 42 -0.84 10.05 4.89
C PRO A 42 0.03 11.29 5.00
N GLY A 43 0.67 11.67 3.88
CA GLY A 43 1.55 12.81 3.88
C GLY A 43 0.79 14.13 3.90
N GLY A 44 1.43 15.17 4.43
CA GLY A 44 0.80 16.47 4.50
C GLY A 44 0.75 17.12 3.13
N GLY A 45 -0.46 17.35 2.63
CA GLY A 45 -0.62 17.96 1.32
C GLY A 45 -0.97 16.95 0.24
N THR A 46 -1.03 15.67 0.61
CA THR A 46 -1.40 14.63 -0.34
C THR A 46 -2.70 13.95 0.07
N THR A 47 -3.42 13.45 -0.93
CA THR A 47 -4.66 12.70 -0.69
C THR A 47 -4.84 11.73 -1.86
N LEU A 48 -5.66 10.71 -1.67
CA LEU A 48 -5.80 9.64 -2.66
C LEU A 48 -7.25 9.47 -3.10
N GLY A 49 -7.45 8.80 -4.22
CA GLY A 49 -8.78 8.55 -4.74
C GLY A 49 -9.01 7.10 -5.08
N GLY A 50 -8.92 6.77 -6.36
CA GLY A 50 -9.17 5.40 -6.80
C GLY A 50 -8.06 4.45 -6.37
N VAL A 51 -8.45 3.21 -6.08
CA VAL A 51 -7.52 2.18 -5.61
C VAL A 51 -7.74 0.93 -6.46
N TRP A 52 -6.67 0.21 -6.76
CA TRP A 52 -6.72 -0.95 -7.64
C TRP A 52 -5.74 -2.02 -7.17
N ASN A 53 -5.99 -3.26 -7.60
CA ASN A 53 -5.25 -4.44 -7.16
C ASN A 53 -5.44 -4.72 -5.67
N GLY A 54 -6.52 -4.19 -5.11
CA GLY A 54 -6.85 -4.41 -3.71
C GLY A 54 -7.88 -3.41 -3.26
N SER A 55 -8.10 -3.31 -1.96
CA SER A 55 -9.08 -2.38 -1.40
C SER A 55 -8.43 -1.54 -0.31
N LEU A 56 -8.98 -0.37 -0.04
CA LEU A 56 -8.45 0.53 0.98
C LEU A 56 -9.52 0.85 2.02
N THR A 57 -9.06 1.02 3.25
CA THR A 57 -9.91 1.39 4.37
C THR A 57 -9.20 2.44 5.18
N SER A 58 -9.96 3.28 5.89
CA SER A 58 -9.37 4.25 6.81
C SER A 58 -9.13 3.58 8.15
N GLY A 59 -8.05 3.95 8.81
CA GLY A 59 -7.76 3.44 10.14
C GLY A 59 -8.33 4.36 11.19
N SER A 60 -8.58 3.84 12.38
CA SER A 60 -9.14 4.64 13.47
C SER A 60 -8.13 5.70 13.92
N ASP A 61 -6.86 5.45 13.64
CA ASP A 61 -5.78 6.33 14.08
C ASP A 61 -5.54 7.46 13.07
N GLY A 62 -6.44 7.59 12.10
CA GLY A 62 -6.30 8.62 11.09
C GLY A 62 -5.33 8.22 9.99
N THR A 63 -5.00 6.94 9.96
CA THR A 63 -4.05 6.41 8.97
C THR A 63 -4.81 5.82 7.80
N VAL A 64 -4.11 5.49 6.72
CA VAL A 64 -4.73 4.85 5.57
C VAL A 64 -4.18 3.43 5.45
N THR A 65 -5.04 2.49 5.08
CA THR A 65 -4.70 1.08 5.12
C THR A 65 -5.17 0.35 3.86
N VAL A 66 -4.24 -0.16 3.07
CA VAL A 66 -4.56 -0.93 1.88
C VAL A 66 -4.46 -2.41 2.21
N ARG A 67 -5.50 -3.18 1.90
CA ARG A 67 -5.56 -4.58 2.31
C ARG A 67 -6.32 -5.44 1.30
N ASN A 68 -6.28 -6.75 1.53
CA ASN A 68 -7.10 -7.70 0.77
C ASN A 68 -6.87 -7.61 -0.74
N VAL A 69 -5.72 -8.11 -1.19
CA VAL A 69 -5.46 -8.27 -2.62
C VAL A 69 -6.58 -9.07 -3.25
N ASP A 70 -7.10 -8.56 -4.37
CA ASP A 70 -8.20 -9.22 -5.08
C ASP A 70 -7.66 -10.22 -6.10
N HIS A 71 -6.52 -9.89 -6.69
CA HIS A 71 -6.00 -10.64 -7.83
C HIS A 71 -5.28 -11.93 -7.45
N ASN A 72 -5.44 -12.37 -6.19
CA ASN A 72 -4.95 -13.67 -5.77
C ASN A 72 -6.08 -14.51 -5.16
N ARG A 73 -7.32 -14.17 -5.51
CA ARG A 73 -8.48 -14.84 -4.93
C ARG A 73 -8.72 -16.23 -5.50
N VAL A 74 -7.98 -16.60 -6.53
CA VAL A 74 -8.17 -17.89 -7.20
C VAL A 74 -7.13 -18.90 -6.72
N VAL A 75 -5.88 -18.47 -6.66
CA VAL A 75 -4.78 -19.30 -6.18
C VAL A 75 -4.09 -18.51 -5.08
N PRO A 76 -3.84 -19.13 -3.91
CA PRO A 76 -3.22 -18.35 -2.83
C PRO A 76 -1.83 -17.86 -3.21
N PRO A 77 -1.38 -16.75 -2.60
CA PRO A 77 -0.07 -16.21 -3.01
C PRO A 77 1.09 -17.07 -2.51
N ASP A 78 2.13 -17.14 -3.32
CA ASP A 78 3.35 -17.86 -2.96
C ASP A 78 4.54 -17.01 -3.41
N GLY A 79 4.57 -15.78 -2.94
CA GLY A 79 5.54 -14.81 -3.40
C GLY A 79 5.12 -13.40 -3.05
N SER A 80 5.54 -12.44 -3.87
CA SER A 80 5.20 -11.04 -3.66
C SER A 80 4.02 -10.63 -4.54
N VAL A 81 3.21 -9.71 -4.04
CA VAL A 81 2.07 -9.17 -4.79
C VAL A 81 2.00 -7.67 -4.54
N THR A 82 1.26 -6.95 -5.38
CA THR A 82 1.26 -5.49 -5.31
C THR A 82 -0.15 -4.90 -5.21
N PHE A 83 -0.19 -3.67 -4.73
CA PHE A 83 -1.40 -2.84 -4.67
C PHE A 83 -1.07 -1.58 -5.46
N GLY A 84 -2.09 -0.77 -5.77
CA GLY A 84 -1.83 0.53 -6.36
C GLY A 84 -2.99 1.49 -6.15
N PHE A 85 -2.72 2.78 -6.29
CA PHE A 85 -3.75 3.80 -6.14
C PHE A 85 -3.36 5.04 -6.93
N THR A 86 -4.32 5.94 -7.12
CA THR A 86 -4.05 7.22 -7.77
C THR A 86 -4.31 8.32 -6.74
N ALA A 87 -3.55 9.40 -6.83
CA ALA A 87 -3.51 10.41 -5.77
C ALA A 87 -3.21 11.79 -6.35
N THR A 88 -3.40 12.82 -5.53
CA THR A 88 -3.10 14.18 -5.91
C THR A 88 -2.28 14.84 -4.81
N SER A 89 -1.65 15.97 -5.13
CA SER A 89 -0.83 16.69 -4.17
C SER A 89 -1.01 18.20 -4.36
N THR A 90 -0.79 18.94 -3.27
CA THR A 90 -0.82 20.40 -3.30
C THR A 90 0.54 20.94 -3.71
N GLY A 91 1.49 20.04 -3.95
CA GLY A 91 2.85 20.44 -4.26
C GLY A 91 3.75 20.35 -3.05
N ASN A 92 3.17 19.92 -1.93
CA ASN A 92 3.93 19.71 -0.71
C ASN A 92 4.42 18.26 -0.69
N ASP A 93 5.29 17.93 -1.64
CA ASP A 93 5.70 16.55 -1.88
C ASP A 93 6.79 16.09 -0.91
N PHE A 94 6.80 16.66 0.28
CA PHE A 94 7.77 16.27 1.30
C PHE A 94 7.28 15.04 2.05
N PRO A 95 8.16 14.04 2.25
CA PRO A 95 7.71 12.85 2.97
C PRO A 95 7.56 13.11 4.47
N VAL A 96 6.75 12.29 5.14
CA VAL A 96 6.53 12.43 6.58
C VAL A 96 6.89 11.14 7.31
N ASP A 97 6.14 10.08 7.05
CA ASP A 97 6.32 8.81 7.74
C ASP A 97 6.68 7.69 6.77
N SER A 98 7.33 6.66 7.30
CA SER A 98 7.64 5.46 6.55
C SER A 98 6.41 4.58 6.44
N ILE A 99 6.42 3.66 5.48
CA ILE A 99 5.31 2.73 5.29
C ILE A 99 5.69 1.35 5.83
N GLY A 100 4.70 0.58 6.27
CA GLY A 100 4.94 -0.76 6.75
C GLY A 100 3.69 -1.60 6.58
N CYS A 101 3.76 -2.88 6.93
CA CYS A 101 2.61 -3.77 6.79
C CYS A 101 2.46 -4.67 8.01
N VAL A 102 1.25 -5.17 8.20
CA VAL A 102 0.94 -6.12 9.27
C VAL A 102 0.18 -7.28 8.63
N ALA A 103 0.33 -8.47 9.22
CA ALA A 103 -0.28 -9.68 8.68
C ALA A 103 -1.05 -10.37 9.81
N PRO A 104 -2.09 -11.15 9.47
CA PRO A 104 -2.81 -11.90 10.51
C PRO A 104 -2.00 -13.05 11.07
N HIS A 1 14.08 -6.53 3.90
CA HIS A 1 13.42 -7.08 5.12
C HIS A 1 14.02 -6.46 6.38
N THR A 2 13.35 -5.46 6.95
CA THR A 2 13.92 -4.68 8.05
C THR A 2 13.52 -5.22 9.42
N GLY A 3 12.60 -6.18 9.48
CA GLY A 3 12.19 -6.75 10.74
C GLY A 3 11.04 -7.71 10.56
N SER A 4 9.86 -7.17 10.32
CA SER A 4 8.69 -7.99 9.99
C SER A 4 8.55 -8.03 8.47
N CYS A 5 8.17 -6.90 7.90
CA CYS A 5 7.99 -6.77 6.46
C CYS A 5 8.43 -5.38 6.04
N MET A 6 8.41 -5.12 4.73
CA MET A 6 8.69 -3.79 4.19
C MET A 6 7.96 -3.71 2.86
N ALA A 7 7.54 -2.51 2.47
CA ALA A 7 6.95 -2.31 1.15
C ALA A 7 7.94 -1.59 0.24
N VAL A 8 8.08 -2.10 -0.97
CA VAL A 8 8.89 -1.46 -2.00
C VAL A 8 7.92 -0.60 -2.81
N TYR A 9 8.23 0.69 -2.97
CA TYR A 9 7.32 1.62 -3.61
C TYR A 9 7.98 2.36 -4.76
N SER A 10 7.31 2.40 -5.90
CA SER A 10 7.78 3.13 -7.07
C SER A 10 6.69 4.08 -7.55
N VAL A 11 7.09 5.22 -8.11
CA VAL A 11 6.15 6.19 -8.66
C VAL A 11 6.03 5.94 -10.16
N GLU A 12 4.81 5.84 -10.65
CA GLU A 12 4.56 5.62 -12.07
C GLU A 12 4.83 6.91 -12.83
N ASN A 13 4.14 7.98 -12.42
CA ASN A 13 4.27 9.28 -13.06
C ASN A 13 3.60 10.31 -12.16
N SER A 14 3.80 11.59 -12.48
CA SER A 14 3.13 12.67 -11.76
C SER A 14 2.76 13.77 -12.76
N TRP A 15 1.68 14.48 -12.46
CA TRP A 15 1.12 15.47 -13.36
C TRP A 15 0.40 16.52 -12.53
N SER A 16 -0.08 17.58 -13.17
CA SER A 16 -0.84 18.58 -12.45
C SER A 16 -2.14 17.96 -11.95
N GLY A 17 -2.29 17.96 -10.64
CA GLY A 17 -3.49 17.41 -10.01
C GLY A 17 -3.29 16.09 -9.29
N GLY A 18 -2.19 15.39 -9.55
CA GLY A 18 -1.95 14.14 -8.85
C GLY A 18 -0.81 13.30 -9.43
N PHE A 19 -0.66 12.10 -8.88
CA PHE A 19 0.38 11.17 -9.29
C PHE A 19 -0.09 9.74 -9.06
N GLN A 20 0.65 8.78 -9.59
CA GLN A 20 0.33 7.38 -9.41
C GLN A 20 1.53 6.60 -8.87
N GLY A 21 1.24 5.52 -8.16
CA GLY A 21 2.30 4.72 -7.57
C GLY A 21 1.97 3.24 -7.57
N SER A 22 3.02 2.41 -7.56
CA SER A 22 2.88 0.97 -7.50
C SER A 22 3.69 0.45 -6.32
N VAL A 23 3.19 -0.58 -5.65
CA VAL A 23 3.78 -1.06 -4.42
C VAL A 23 3.86 -2.58 -4.40
N GLU A 24 4.95 -3.11 -3.88
CA GLU A 24 5.07 -4.55 -3.63
C GLU A 24 5.41 -4.75 -2.16
N VAL A 25 4.73 -5.68 -1.51
CA VAL A 25 4.94 -5.92 -0.09
C VAL A 25 5.43 -7.35 0.13
N MET A 26 6.50 -7.50 0.91
CA MET A 26 7.07 -8.81 1.17
C MET A 26 6.47 -9.42 2.43
N ASN A 27 6.33 -10.73 2.44
CA ASN A 27 5.91 -11.48 3.61
C ASN A 27 7.09 -12.33 4.06
N HIS A 28 7.26 -12.48 5.36
CA HIS A 28 8.33 -13.31 5.91
C HIS A 28 7.78 -14.56 6.57
N GLY A 29 6.46 -14.59 6.77
CA GLY A 29 5.82 -15.77 7.27
C GLY A 29 5.85 -16.85 6.19
N THR A 30 5.61 -18.09 6.57
CA THR A 30 5.60 -19.20 5.63
C THR A 30 4.19 -19.76 5.55
N GLU A 31 3.26 -19.07 6.20
CA GLU A 31 1.88 -19.50 6.28
C GLU A 31 1.00 -18.53 5.49
N PRO A 32 -0.03 -19.04 4.80
CA PRO A 32 -0.92 -18.15 4.05
C PRO A 32 -1.81 -17.32 4.98
N LEU A 33 -1.65 -15.99 4.92
CA LEU A 33 -2.26 -15.10 5.90
C LEU A 33 -3.39 -14.27 5.30
N ASN A 34 -4.62 -14.56 5.72
CA ASN A 34 -5.78 -13.78 5.29
C ASN A 34 -5.86 -12.53 6.15
N GLY A 35 -6.24 -11.42 5.53
CA GLY A 35 -6.32 -10.16 6.24
C GLY A 35 -5.00 -9.42 6.25
N TRP A 36 -4.00 -9.99 5.60
CA TRP A 36 -2.69 -9.35 5.47
C TRP A 36 -2.88 -8.01 4.76
N ALA A 37 -2.33 -6.95 5.34
CA ALA A 37 -2.70 -5.60 4.95
C ALA A 37 -1.51 -4.66 4.92
N VAL A 38 -1.65 -3.58 4.17
CA VAL A 38 -0.64 -2.54 4.09
C VAL A 38 -1.30 -1.21 4.41
N GLN A 39 -0.73 -0.46 5.35
CA GLN A 39 -1.28 0.83 5.74
C GLN A 39 -0.61 1.93 4.94
N TRP A 40 -1.23 3.10 4.89
CA TRP A 40 -0.66 4.25 4.21
C TRP A 40 -0.13 5.22 5.26
N GLN A 41 0.70 6.17 4.82
CA GLN A 41 1.23 7.19 5.71
C GLN A 41 1.07 8.55 5.03
N PRO A 42 0.19 9.41 5.57
CA PRO A 42 0.08 10.72 4.92
C PRO A 42 1.35 11.55 5.09
N GLY A 43 1.66 12.34 4.06
CA GLY A 43 2.81 13.23 4.12
C GLY A 43 2.36 14.66 4.32
N GLY A 44 3.18 15.61 3.89
CA GLY A 44 2.84 17.02 4.05
C GLY A 44 1.80 17.49 3.06
N GLY A 45 0.54 17.19 3.36
CA GLY A 45 -0.56 17.62 2.50
C GLY A 45 -0.96 16.55 1.51
N THR A 46 -0.36 15.37 1.63
CA THR A 46 -0.64 14.26 0.74
C THR A 46 -1.93 13.55 1.14
N THR A 47 -2.73 13.17 0.14
CA THR A 47 -3.92 12.37 0.36
C THR A 47 -4.09 11.42 -0.82
N LEU A 48 -4.83 10.33 -0.64
CA LEU A 48 -4.98 9.33 -1.68
C LEU A 48 -6.35 9.41 -2.34
N GLY A 49 -6.45 8.88 -3.55
CA GLY A 49 -7.70 8.92 -4.29
C GLY A 49 -8.29 7.54 -4.47
N GLY A 50 -7.70 6.75 -5.35
CA GLY A 50 -8.19 5.41 -5.63
C GLY A 50 -7.11 4.37 -5.47
N VAL A 51 -7.51 3.12 -5.29
CA VAL A 51 -6.58 2.01 -5.12
C VAL A 51 -7.04 0.88 -6.03
N TRP A 52 -6.09 0.18 -6.64
CA TRP A 52 -6.41 -0.97 -7.49
C TRP A 52 -5.59 -2.16 -7.05
N ASN A 53 -6.05 -3.36 -7.44
CA ASN A 53 -5.45 -4.62 -6.99
C ASN A 53 -5.44 -4.69 -5.46
N GLY A 54 -6.59 -4.42 -4.86
CA GLY A 54 -6.71 -4.56 -3.41
C GLY A 54 -8.09 -4.18 -2.94
N SER A 55 -8.45 -4.64 -1.74
CA SER A 55 -9.72 -4.26 -1.11
C SER A 55 -9.42 -3.20 -0.07
N LEU A 56 -10.17 -2.11 -0.10
CA LEU A 56 -9.91 -0.98 0.79
C LEU A 56 -10.70 -1.09 2.07
N THR A 57 -10.08 -0.64 3.16
CA THR A 57 -10.76 -0.43 4.43
C THR A 57 -10.32 0.95 4.93
N SER A 58 -11.11 1.56 5.81
CA SER A 58 -10.81 2.89 6.31
C SER A 58 -11.13 2.98 7.80
N GLY A 59 -10.40 3.82 8.51
CA GLY A 59 -10.63 4.01 9.94
C GLY A 59 -11.28 5.35 10.23
N SER A 60 -11.67 5.58 11.47
CA SER A 60 -12.34 6.81 11.87
C SER A 60 -11.41 8.02 11.76
N ASP A 61 -10.11 7.76 11.76
CA ASP A 61 -9.10 8.81 11.69
C ASP A 61 -8.93 9.31 10.26
N GLY A 62 -9.75 8.80 9.34
CA GLY A 62 -9.63 9.16 7.94
C GLY A 62 -8.50 8.41 7.26
N THR A 63 -7.96 7.41 7.95
CA THR A 63 -6.84 6.64 7.43
C THR A 63 -7.39 5.50 6.59
N VAL A 64 -6.55 4.97 5.70
CA VAL A 64 -6.96 3.86 4.85
C VAL A 64 -5.96 2.71 4.94
N THR A 65 -6.43 1.51 4.66
CA THR A 65 -5.62 0.30 4.71
C THR A 65 -6.05 -0.63 3.58
N VAL A 66 -5.08 -1.18 2.87
CA VAL A 66 -5.36 -2.02 1.71
C VAL A 66 -5.03 -3.47 2.06
N ARG A 67 -5.95 -4.40 1.76
CA ARG A 67 -5.77 -5.80 2.09
C ARG A 67 -6.40 -6.72 1.06
N ASN A 68 -6.11 -8.02 1.18
CA ASN A 68 -6.85 -9.06 0.46
C ASN A 68 -7.10 -8.78 -1.02
N VAL A 69 -6.04 -8.82 -1.82
CA VAL A 69 -6.19 -8.64 -3.27
C VAL A 69 -6.98 -9.79 -3.88
N ASP A 70 -7.71 -9.50 -4.96
CA ASP A 70 -8.54 -10.49 -5.62
C ASP A 70 -7.74 -11.60 -6.29
N HIS A 71 -6.48 -11.34 -6.63
CA HIS A 71 -5.63 -12.38 -7.22
C HIS A 71 -5.22 -13.40 -6.17
N ASN A 72 -5.54 -13.14 -4.91
CA ASN A 72 -5.39 -14.13 -3.85
C ASN A 72 -6.72 -14.35 -3.12
N ARG A 73 -7.82 -14.12 -3.84
CA ARG A 73 -9.16 -14.30 -3.27
C ARG A 73 -9.40 -15.77 -2.91
N VAL A 74 -8.89 -16.68 -3.74
CA VAL A 74 -9.14 -18.10 -3.56
C VAL A 74 -8.39 -18.62 -2.32
N VAL A 75 -7.12 -18.23 -2.20
CA VAL A 75 -6.31 -18.62 -1.05
C VAL A 75 -5.39 -17.44 -0.73
N PRO A 76 -5.32 -17.03 0.55
CA PRO A 76 -4.48 -15.86 0.87
C PRO A 76 -2.99 -16.13 0.65
N PRO A 77 -2.19 -15.07 0.49
CA PRO A 77 -0.79 -15.30 0.11
C PRO A 77 0.11 -15.76 1.26
N ASP A 78 1.09 -16.57 0.91
CA ASP A 78 2.13 -17.01 1.83
C ASP A 78 3.44 -16.33 1.43
N GLY A 79 3.35 -15.44 0.45
CA GLY A 79 4.54 -14.78 -0.07
C GLY A 79 4.26 -13.32 -0.37
N SER A 80 5.04 -12.74 -1.29
CA SER A 80 4.93 -11.33 -1.61
C SER A 80 3.87 -11.07 -2.67
N VAL A 81 3.21 -9.92 -2.58
CA VAL A 81 2.17 -9.54 -3.52
C VAL A 81 2.32 -8.06 -3.85
N THR A 82 1.70 -7.64 -4.96
CA THR A 82 1.80 -6.25 -5.40
C THR A 82 0.41 -5.65 -5.60
N PHE A 83 0.34 -4.32 -5.52
CA PHE A 83 -0.89 -3.55 -5.69
C PHE A 83 -0.49 -2.13 -6.08
N GLY A 84 -1.45 -1.24 -6.28
CA GLY A 84 -1.11 0.12 -6.65
C GLY A 84 -2.21 1.11 -6.33
N PHE A 85 -1.91 2.40 -6.41
CA PHE A 85 -2.87 3.44 -6.05
C PHE A 85 -2.54 4.76 -6.76
N THR A 86 -3.46 5.71 -6.67
CA THR A 86 -3.24 7.06 -7.16
C THR A 86 -3.50 8.03 -6.00
N ALA A 87 -2.76 9.13 -5.99
CA ALA A 87 -2.76 10.05 -4.86
C ALA A 87 -2.45 11.46 -5.36
N THR A 88 -2.60 12.44 -4.49
CA THR A 88 -2.29 13.83 -4.80
C THR A 88 -1.84 14.53 -3.54
N SER A 89 -1.46 15.80 -3.70
CA SER A 89 -0.95 16.57 -2.58
C SER A 89 -1.16 18.06 -2.77
N THR A 90 -1.10 18.80 -1.67
CA THR A 90 -1.16 20.25 -1.68
C THR A 90 0.24 20.84 -1.51
N GLY A 91 1.25 19.98 -1.46
CA GLY A 91 2.62 20.45 -1.34
C GLY A 91 3.67 19.37 -1.48
N ASN A 92 3.56 18.30 -0.69
CA ASN A 92 4.54 17.22 -0.69
C ASN A 92 3.92 15.91 -1.16
N ASP A 93 4.25 15.49 -2.37
CA ASP A 93 3.68 14.27 -2.93
C ASP A 93 4.25 13.02 -2.27
N PHE A 94 5.42 13.15 -1.66
CA PHE A 94 6.11 12.01 -1.06
C PHE A 94 5.66 11.80 0.39
N PRO A 95 5.65 10.53 0.85
CA PRO A 95 5.42 10.29 2.28
C PRO A 95 6.66 10.64 3.10
N VAL A 96 6.50 10.77 4.41
CA VAL A 96 7.60 11.19 5.27
C VAL A 96 8.63 10.07 5.40
N ASP A 97 8.14 8.83 5.39
CA ASP A 97 8.99 7.65 5.53
C ASP A 97 8.37 6.52 4.70
N SER A 98 9.10 5.42 4.57
CA SER A 98 8.60 4.25 3.85
C SER A 98 7.35 3.69 4.53
N ILE A 99 6.62 2.89 3.78
CA ILE A 99 5.32 2.39 4.21
C ILE A 99 5.46 0.97 4.76
N GLY A 100 4.80 0.72 5.88
CA GLY A 100 4.88 -0.58 6.54
C GLY A 100 3.61 -1.38 6.35
N CYS A 101 3.65 -2.64 6.77
CA CYS A 101 2.52 -3.55 6.60
C CYS A 101 2.14 -4.15 7.95
N VAL A 102 0.91 -4.64 8.06
CA VAL A 102 0.38 -5.13 9.32
C VAL A 102 -0.38 -6.45 9.11
N ALA A 103 -0.65 -7.14 10.21
CA ALA A 103 -1.40 -8.38 10.20
C ALA A 103 -2.59 -8.19 11.15
N PRO A 104 -3.68 -8.95 10.96
CA PRO A 104 -4.81 -8.84 11.88
C PRO A 104 -4.51 -9.46 13.25
N HIS A 1 5.29 -6.25 9.30
CA HIS A 1 6.60 -5.73 9.77
C HIS A 1 7.65 -6.84 9.72
N THR A 2 8.90 -6.51 10.01
CA THR A 2 10.00 -7.46 9.85
C THR A 2 9.71 -8.79 10.52
N GLY A 3 10.21 -9.86 9.92
CA GLY A 3 9.89 -11.21 10.34
C GLY A 3 8.73 -11.77 9.54
N SER A 4 7.70 -10.96 9.32
CA SER A 4 6.54 -11.38 8.55
C SER A 4 6.59 -10.81 7.12
N CYS A 5 6.75 -9.51 7.01
CA CYS A 5 6.80 -8.85 5.70
C CYS A 5 7.53 -7.52 5.74
N MET A 6 7.89 -7.04 4.56
CA MET A 6 8.40 -5.69 4.39
C MET A 6 7.55 -5.02 3.31
N ALA A 7 7.40 -3.70 3.40
CA ALA A 7 6.61 -2.97 2.41
C ALA A 7 7.50 -1.95 1.71
N VAL A 8 7.33 -1.83 0.39
CA VAL A 8 8.13 -0.92 -0.42
C VAL A 8 7.21 -0.03 -1.23
N TYR A 9 7.43 1.28 -1.19
CA TYR A 9 6.61 2.22 -1.94
C TYR A 9 7.35 2.72 -3.17
N SER A 10 6.77 2.48 -4.34
CA SER A 10 7.28 3.00 -5.60
C SER A 10 6.31 4.02 -6.18
N VAL A 11 6.84 5.02 -6.86
CA VAL A 11 6.01 5.94 -7.63
C VAL A 11 5.70 5.25 -8.96
N GLU A 12 4.43 5.22 -9.33
CA GLU A 12 4.00 4.52 -10.53
C GLU A 12 3.94 5.49 -11.71
N ASN A 13 3.34 6.64 -11.50
CA ASN A 13 3.28 7.69 -12.51
C ASN A 13 3.17 9.05 -11.83
N SER A 14 3.40 10.13 -12.57
CA SER A 14 3.35 11.47 -12.01
C SER A 14 2.94 12.47 -13.09
N TRP A 15 2.07 13.40 -12.73
CA TRP A 15 1.64 14.44 -13.66
C TRP A 15 1.20 15.68 -12.88
N SER A 16 0.83 16.74 -13.60
CA SER A 16 0.42 17.98 -12.94
C SER A 16 -0.92 17.79 -12.22
N GLY A 17 -0.89 18.03 -10.92
CA GLY A 17 -2.11 18.01 -10.13
C GLY A 17 -2.49 16.64 -9.60
N GLY A 18 -1.79 15.59 -10.01
CA GLY A 18 -2.11 14.25 -9.55
C GLY A 18 -0.97 13.28 -9.81
N PHE A 19 -0.97 12.17 -9.08
CA PHE A 19 0.11 11.20 -9.17
C PHE A 19 -0.46 9.79 -9.03
N GLN A 20 0.38 8.80 -9.30
CA GLN A 20 0.01 7.40 -9.11
C GLN A 20 1.12 6.71 -8.34
N GLY A 21 0.76 5.76 -7.49
CA GLY A 21 1.73 5.10 -6.63
C GLY A 21 1.41 3.63 -6.48
N SER A 22 2.41 2.86 -6.07
CA SER A 22 2.24 1.43 -5.87
C SER A 22 2.97 1.02 -4.61
N VAL A 23 2.46 0.00 -3.93
CA VAL A 23 3.10 -0.50 -2.72
C VAL A 23 3.25 -2.01 -2.81
N GLU A 24 4.50 -2.46 -2.79
CA GLU A 24 4.83 -3.88 -2.90
C GLU A 24 4.98 -4.46 -1.51
N VAL A 25 4.41 -5.64 -1.30
CA VAL A 25 4.53 -6.35 -0.03
C VAL A 25 5.43 -7.54 -0.25
N MET A 26 6.55 -7.56 0.46
CA MET A 26 7.53 -8.62 0.34
C MET A 26 7.26 -9.65 1.43
N ASN A 27 6.76 -10.81 1.03
CA ASN A 27 6.46 -11.88 1.96
C ASN A 27 7.76 -12.51 2.44
N HIS A 28 7.91 -12.67 3.75
CA HIS A 28 9.10 -13.29 4.31
C HIS A 28 8.79 -14.66 4.87
N GLY A 29 7.51 -14.96 5.06
CA GLY A 29 7.12 -16.24 5.60
C GLY A 29 6.99 -17.28 4.51
N THR A 30 7.31 -18.53 4.84
CA THR A 30 7.12 -19.64 3.90
C THR A 30 5.72 -20.20 4.14
N GLU A 31 5.08 -19.73 5.19
CA GLU A 31 3.73 -20.15 5.56
C GLU A 31 2.73 -19.21 4.89
N PRO A 32 1.59 -19.74 4.40
CA PRO A 32 0.64 -18.86 3.74
C PRO A 32 -0.07 -17.92 4.71
N LEU A 33 -0.04 -16.63 4.41
CA LEU A 33 -0.69 -15.63 5.25
C LEU A 33 -1.75 -14.90 4.44
N ASN A 34 -3.01 -15.21 4.70
CA ASN A 34 -4.13 -14.60 4.00
C ASN A 34 -4.51 -13.27 4.65
N GLY A 35 -4.67 -12.24 3.84
CA GLY A 35 -5.32 -11.02 4.31
C GLY A 35 -4.42 -9.95 4.91
N TRP A 36 -3.11 -10.03 4.69
CA TRP A 36 -2.21 -9.01 5.20
C TRP A 36 -2.57 -7.63 4.65
N ALA A 37 -2.09 -6.60 5.31
CA ALA A 37 -2.47 -5.22 4.98
C ALA A 37 -1.24 -4.30 4.93
N VAL A 38 -1.38 -3.21 4.20
CA VAL A 38 -0.35 -2.18 4.11
C VAL A 38 -0.94 -0.88 4.62
N GLN A 39 -0.19 -0.16 5.44
CA GLN A 39 -0.66 1.11 5.99
C GLN A 39 0.41 2.17 5.79
N TRP A 40 -0.03 3.42 5.68
CA TRP A 40 0.88 4.56 5.60
C TRP A 40 0.14 5.85 5.93
N GLN A 41 0.91 6.91 6.15
CA GLN A 41 0.35 8.22 6.46
C GLN A 41 0.84 9.23 5.41
N PRO A 42 -0.07 9.86 4.68
CA PRO A 42 0.38 10.85 3.70
C PRO A 42 0.93 12.11 4.36
N GLY A 43 1.76 12.85 3.63
CA GLY A 43 2.33 14.07 4.16
C GLY A 43 1.32 15.21 4.12
N GLY A 44 1.66 16.32 4.77
CA GLY A 44 0.79 17.48 4.74
C GLY A 44 0.81 18.10 3.35
N GLY A 45 -0.31 18.05 2.66
CA GLY A 45 -0.39 18.55 1.30
C GLY A 45 -0.53 17.43 0.29
N THR A 46 -0.48 16.19 0.75
CA THR A 46 -0.71 15.02 -0.09
C THR A 46 -1.91 14.25 0.44
N THR A 47 -2.68 13.64 -0.46
CA THR A 47 -3.83 12.84 -0.05
C THR A 47 -4.10 11.77 -1.09
N LEU A 48 -4.84 10.73 -0.71
CA LEU A 48 -5.10 9.59 -1.57
C LEU A 48 -6.44 9.73 -2.26
N GLY A 49 -6.60 9.10 -3.41
CA GLY A 49 -7.86 9.12 -4.14
C GLY A 49 -8.53 7.76 -4.19
N GLY A 50 -8.06 6.91 -5.10
CA GLY A 50 -8.63 5.59 -5.27
C GLY A 50 -7.57 4.51 -5.19
N VAL A 51 -8.00 3.27 -4.96
CA VAL A 51 -7.09 2.14 -4.83
C VAL A 51 -7.63 0.99 -5.69
N TRP A 52 -6.74 0.22 -6.30
CA TRP A 52 -7.12 -0.89 -7.16
C TRP A 52 -6.25 -2.13 -6.91
N ASN A 53 -6.84 -3.30 -7.16
CA ASN A 53 -6.21 -4.60 -6.96
C ASN A 53 -6.08 -4.92 -5.47
N GLY A 54 -7.03 -4.44 -4.68
CA GLY A 54 -7.06 -4.75 -3.26
C GLY A 54 -8.27 -4.12 -2.60
N SER A 55 -8.55 -4.52 -1.37
CA SER A 55 -9.61 -3.91 -0.59
C SER A 55 -9.02 -2.74 0.19
N LEU A 56 -9.83 -1.74 0.50
CA LEU A 56 -9.34 -0.58 1.25
C LEU A 56 -10.23 -0.27 2.45
N THR A 57 -9.61 0.22 3.50
CA THR A 57 -10.31 0.63 4.72
C THR A 57 -9.60 1.86 5.27
N SER A 58 -10.32 2.66 6.06
CA SER A 58 -9.76 3.86 6.64
C SER A 58 -9.89 3.82 8.17
N GLY A 59 -8.99 4.51 8.85
CA GLY A 59 -9.04 4.58 10.31
C GLY A 59 -9.76 5.84 10.75
N SER A 60 -10.07 5.92 12.04
CA SER A 60 -10.80 7.05 12.60
C SER A 60 -9.96 8.33 12.54
N ASP A 61 -8.65 8.16 12.48
CA ASP A 61 -7.71 9.27 12.49
C ASP A 61 -7.46 9.80 11.09
N GLY A 62 -8.22 9.30 10.12
CA GLY A 62 -8.03 9.72 8.73
C GLY A 62 -6.85 9.01 8.10
N THR A 63 -6.54 7.82 8.60
CA THR A 63 -5.42 7.04 8.11
C THR A 63 -5.94 6.02 7.10
N VAL A 64 -5.07 5.51 6.23
CA VAL A 64 -5.49 4.62 5.16
C VAL A 64 -4.82 3.26 5.26
N THR A 65 -5.56 2.22 4.85
CA THR A 65 -5.08 0.85 4.90
C THR A 65 -5.58 0.09 3.66
N VAL A 66 -4.67 -0.61 2.99
CA VAL A 66 -5.02 -1.44 1.85
C VAL A 66 -4.73 -2.89 2.22
N ARG A 67 -5.64 -3.81 1.91
CA ARG A 67 -5.52 -5.18 2.40
C ARG A 67 -6.06 -6.20 1.40
N ASN A 68 -5.84 -7.48 1.73
CA ASN A 68 -6.47 -8.60 1.01
C ASN A 68 -6.11 -8.65 -0.47
N VAL A 69 -4.88 -9.08 -0.75
CA VAL A 69 -4.45 -9.38 -2.11
C VAL A 69 -5.54 -10.16 -2.85
N ASP A 70 -5.93 -9.66 -4.02
CA ASP A 70 -6.99 -10.28 -4.81
C ASP A 70 -6.46 -10.81 -6.13
N HIS A 71 -5.16 -10.65 -6.37
CA HIS A 71 -4.55 -11.05 -7.64
C HIS A 71 -3.97 -12.46 -7.60
N ASN A 72 -4.10 -13.13 -6.47
CA ASN A 72 -3.53 -14.46 -6.28
C ASN A 72 -4.54 -15.56 -6.60
N ARG A 73 -5.50 -15.26 -7.48
CA ARG A 73 -6.56 -16.20 -7.80
C ARG A 73 -6.08 -17.26 -8.78
N VAL A 74 -5.07 -16.94 -9.57
CA VAL A 74 -4.57 -17.86 -10.58
C VAL A 74 -3.57 -18.82 -9.95
N VAL A 75 -2.63 -18.27 -9.20
CA VAL A 75 -1.62 -19.05 -8.49
C VAL A 75 -1.35 -18.37 -7.14
N PRO A 76 -0.90 -19.14 -6.14
CA PRO A 76 -0.54 -18.49 -4.87
C PRO A 76 0.76 -17.69 -5.02
N PRO A 77 0.98 -16.69 -4.15
CA PRO A 77 2.22 -15.93 -4.28
C PRO A 77 3.44 -16.74 -3.83
N ASP A 78 4.53 -16.61 -4.58
CA ASP A 78 5.78 -17.29 -4.29
C ASP A 78 6.85 -16.26 -3.93
N GLY A 79 6.40 -15.06 -3.58
CA GLY A 79 7.31 -13.96 -3.36
C GLY A 79 6.53 -12.69 -3.01
N SER A 80 6.91 -11.58 -3.64
CA SER A 80 6.26 -10.31 -3.38
C SER A 80 5.16 -10.01 -4.39
N VAL A 81 4.16 -9.25 -3.96
CA VAL A 81 3.08 -8.81 -4.84
C VAL A 81 2.75 -7.37 -4.48
N THR A 82 2.15 -6.62 -5.40
CA THR A 82 1.96 -5.19 -5.20
C THR A 82 0.49 -4.76 -5.31
N PHE A 83 0.20 -3.56 -4.82
CA PHE A 83 -1.10 -2.93 -4.96
C PHE A 83 -0.86 -1.61 -5.68
N GLY A 84 -1.92 -1.00 -6.21
CA GLY A 84 -1.78 0.29 -6.87
C GLY A 84 -2.83 1.28 -6.42
N PHE A 85 -2.52 2.56 -6.49
CA PHE A 85 -3.42 3.62 -6.07
C PHE A 85 -3.08 4.93 -6.76
N THR A 86 -3.97 5.91 -6.64
CA THR A 86 -3.72 7.25 -7.17
C THR A 86 -3.82 8.26 -6.03
N ALA A 87 -3.14 9.38 -6.18
CA ALA A 87 -3.06 10.40 -5.14
C ALA A 87 -3.11 11.78 -5.78
N THR A 88 -3.42 12.78 -4.98
CA THR A 88 -3.39 14.18 -5.43
C THR A 88 -2.55 14.96 -4.42
N SER A 89 -1.97 16.06 -4.87
CA SER A 89 -1.02 16.81 -4.05
C SER A 89 -1.05 18.30 -4.37
N THR A 90 -0.67 19.11 -3.39
CA THR A 90 -0.53 20.55 -3.57
C THR A 90 0.90 20.88 -3.96
N GLY A 91 1.72 19.84 -4.13
CA GLY A 91 3.12 20.01 -4.47
C GLY A 91 4.02 19.52 -3.36
N ASN A 92 3.44 19.18 -2.21
CA ASN A 92 4.21 18.62 -1.10
C ASN A 92 4.27 17.11 -1.27
N ASP A 93 5.07 16.69 -2.25
CA ASP A 93 5.14 15.28 -2.63
C ASP A 93 6.11 14.51 -1.74
N PHE A 94 6.81 15.24 -0.87
CA PHE A 94 7.82 14.64 -0.01
C PHE A 94 7.17 13.77 1.07
N PRO A 95 7.69 12.54 1.27
CA PRO A 95 7.12 11.71 2.34
C PRO A 95 7.57 12.17 3.72
N VAL A 96 6.82 11.77 4.74
CA VAL A 96 7.17 12.09 6.12
C VAL A 96 7.26 10.80 6.93
N ASP A 97 6.17 10.04 6.95
CA ASP A 97 6.12 8.79 7.68
C ASP A 97 6.53 7.62 6.80
N SER A 98 6.93 6.51 7.43
CA SER A 98 7.34 5.31 6.70
C SER A 98 6.14 4.51 6.23
N ILE A 99 6.39 3.65 5.25
CA ILE A 99 5.38 2.80 4.66
C ILE A 99 5.61 1.42 5.28
N GLY A 100 4.54 0.75 5.74
CA GLY A 100 4.72 -0.53 6.40
C GLY A 100 3.55 -1.48 6.23
N CYS A 101 3.82 -2.77 6.43
CA CYS A 101 2.79 -3.80 6.33
C CYS A 101 2.49 -4.37 7.71
N VAL A 102 1.28 -4.88 7.88
CA VAL A 102 0.88 -5.58 9.10
C VAL A 102 0.16 -6.86 8.72
N ALA A 103 0.18 -7.84 9.63
CA ALA A 103 -0.50 -9.10 9.42
C ALA A 103 -1.36 -9.37 10.65
N PRO A 104 -2.48 -10.11 10.49
CA PRO A 104 -3.24 -10.50 11.68
C PRO A 104 -2.52 -11.60 12.47
N HIS A 1 2.57 -8.37 12.44
CA HIS A 1 2.89 -8.16 13.88
C HIS A 1 4.19 -8.86 14.24
N THR A 2 4.96 -8.28 15.16
CA THR A 2 6.21 -8.88 15.64
C THR A 2 7.05 -9.51 14.54
N GLY A 3 7.71 -8.68 13.75
CA GLY A 3 8.45 -9.16 12.60
C GLY A 3 7.62 -8.97 11.34
N SER A 4 7.27 -7.72 11.06
CA SER A 4 6.39 -7.40 9.93
C SER A 4 7.12 -7.50 8.60
N CYS A 5 6.37 -7.27 7.52
CA CYS A 5 6.91 -7.20 6.18
C CYS A 5 7.55 -5.84 5.95
N MET A 6 8.12 -5.67 4.75
CA MET A 6 8.62 -4.37 4.31
C MET A 6 7.94 -4.07 2.98
N ALA A 7 7.64 -2.80 2.74
CA ALA A 7 6.99 -2.39 1.51
C ALA A 7 7.99 -1.64 0.62
N VAL A 8 7.80 -1.76 -0.69
CA VAL A 8 8.59 -1.05 -1.68
C VAL A 8 7.63 -0.11 -2.40
N TYR A 9 7.96 1.17 -2.41
CA TYR A 9 7.07 2.18 -2.96
C TYR A 9 7.69 2.80 -4.19
N SER A 10 6.96 2.77 -5.31
CA SER A 10 7.42 3.35 -6.56
C SER A 10 6.38 4.30 -7.13
N VAL A 11 6.84 5.31 -7.85
CA VAL A 11 5.94 6.21 -8.58
C VAL A 11 5.80 5.67 -10.00
N GLU A 12 4.56 5.39 -10.40
CA GLU A 12 4.28 4.88 -11.74
C GLU A 12 4.48 6.00 -12.75
N ASN A 13 3.87 7.14 -12.46
CA ASN A 13 4.00 8.34 -13.28
C ASN A 13 3.55 9.53 -12.42
N SER A 14 4.09 10.71 -12.71
CA SER A 14 3.76 11.89 -11.92
C SER A 14 3.47 13.07 -12.85
N TRP A 15 2.68 14.02 -12.35
CA TRP A 15 2.29 15.19 -13.10
C TRP A 15 2.05 16.32 -12.12
N SER A 16 1.72 17.50 -12.63
CA SER A 16 1.49 18.65 -11.75
C SER A 16 0.27 18.39 -10.87
N GLY A 17 0.51 18.42 -9.56
CA GLY A 17 -0.57 18.30 -8.61
C GLY A 17 -1.01 16.87 -8.33
N GLY A 18 -0.27 15.86 -8.77
CA GLY A 18 -0.66 14.50 -8.47
C GLY A 18 0.22 13.44 -9.10
N PHE A 19 -0.03 12.18 -8.76
CA PHE A 19 0.76 11.07 -9.30
C PHE A 19 0.01 9.75 -9.12
N GLN A 20 0.52 8.72 -9.78
CA GLN A 20 0.04 7.36 -9.59
C GLN A 20 1.18 6.56 -8.98
N GLY A 21 0.84 5.59 -8.14
CA GLY A 21 1.86 4.83 -7.44
C GLY A 21 1.63 3.34 -7.54
N SER A 22 2.74 2.61 -7.73
CA SER A 22 2.71 1.16 -7.72
C SER A 22 3.48 0.72 -6.48
N VAL A 23 2.90 -0.17 -5.70
CA VAL A 23 3.46 -0.56 -4.41
C VAL A 23 3.54 -2.07 -4.31
N GLU A 24 4.68 -2.55 -3.82
CA GLU A 24 4.95 -3.98 -3.76
C GLU A 24 5.35 -4.35 -2.34
N VAL A 25 4.88 -5.50 -1.87
CA VAL A 25 5.13 -5.93 -0.49
C VAL A 25 5.69 -7.34 -0.47
N MET A 26 6.80 -7.51 0.22
CA MET A 26 7.42 -8.83 0.35
C MET A 26 6.69 -9.64 1.43
N ASN A 27 6.63 -10.94 1.25
CA ASN A 27 6.04 -11.79 2.28
C ASN A 27 7.12 -12.21 3.27
N HIS A 28 7.13 -11.57 4.44
CA HIS A 28 8.08 -11.92 5.49
C HIS A 28 7.66 -13.19 6.20
N GLY A 29 6.37 -13.54 6.10
CA GLY A 29 5.88 -14.77 6.68
C GLY A 29 6.16 -15.93 5.75
N THR A 30 6.15 -17.14 6.27
CA THR A 30 6.36 -18.34 5.47
C THR A 30 5.00 -18.96 5.14
N GLU A 31 3.97 -18.45 5.79
CA GLU A 31 2.61 -18.94 5.63
C GLU A 31 1.71 -17.83 5.11
N PRO A 32 0.70 -18.18 4.30
CA PRO A 32 -0.26 -17.13 3.91
C PRO A 32 -1.15 -16.71 5.08
N LEU A 33 -1.33 -15.41 5.27
CA LEU A 33 -2.09 -14.93 6.41
C LEU A 33 -3.35 -14.19 5.96
N ASN A 34 -4.48 -14.56 6.56
CA ASN A 34 -5.72 -13.82 6.37
C ASN A 34 -5.63 -12.52 7.15
N GLY A 35 -6.06 -11.42 6.54
CA GLY A 35 -5.99 -10.13 7.21
C GLY A 35 -4.69 -9.41 6.94
N TRP A 36 -3.88 -9.96 6.04
CA TRP A 36 -2.65 -9.28 5.59
C TRP A 36 -3.06 -7.95 4.97
N ALA A 37 -2.37 -6.88 5.36
CA ALA A 37 -2.80 -5.54 4.99
C ALA A 37 -1.62 -4.60 4.73
N VAL A 38 -1.89 -3.56 3.95
CA VAL A 38 -0.87 -2.56 3.61
C VAL A 38 -1.44 -1.20 3.98
N GLN A 39 -0.73 -0.44 4.81
CA GLN A 39 -1.26 0.82 5.33
C GLN A 39 -0.24 1.94 5.37
N TRP A 40 -0.72 3.18 5.28
CA TRP A 40 0.12 4.35 5.37
C TRP A 40 -0.79 5.55 5.66
N GLN A 41 -0.19 6.73 5.78
CA GLN A 41 -0.96 7.97 5.82
C GLN A 41 -0.29 8.91 4.82
N PRO A 42 -1.09 9.60 3.98
CA PRO A 42 -0.41 10.52 3.06
C PRO A 42 0.19 11.70 3.82
N GLY A 43 1.22 12.32 3.22
CA GLY A 43 1.86 13.47 3.83
C GLY A 43 0.92 14.66 3.86
N GLY A 44 1.27 15.66 4.67
CA GLY A 44 0.44 16.84 4.75
C GLY A 44 0.43 17.58 3.43
N GLY A 45 -0.75 18.02 3.03
CA GLY A 45 -0.89 18.70 1.76
C GLY A 45 -1.10 17.76 0.58
N THR A 46 -1.08 16.45 0.85
CA THR A 46 -1.40 15.45 -0.17
C THR A 46 -2.56 14.58 0.31
N THR A 47 -3.30 13.98 -0.62
CA THR A 47 -4.40 13.09 -0.28
C THR A 47 -4.53 12.01 -1.35
N LEU A 48 -5.29 10.95 -1.07
CA LEU A 48 -5.43 9.83 -1.98
C LEU A 48 -6.67 9.99 -2.85
N GLY A 49 -6.71 9.27 -3.96
CA GLY A 49 -7.89 9.22 -4.80
C GLY A 49 -8.50 7.83 -4.75
N GLY A 50 -8.23 7.03 -5.76
CA GLY A 50 -8.75 5.67 -5.82
C GLY A 50 -7.64 4.64 -5.70
N VAL A 51 -8.03 3.40 -5.45
CA VAL A 51 -7.11 2.27 -5.28
C VAL A 51 -7.52 1.21 -6.28
N TRP A 52 -6.56 0.53 -6.89
CA TRP A 52 -6.86 -0.58 -7.80
C TRP A 52 -6.24 -1.87 -7.30
N ASN A 53 -6.86 -2.99 -7.65
CA ASN A 53 -6.46 -4.33 -7.19
C ASN A 53 -6.38 -4.42 -5.68
N GLY A 54 -7.44 -4.01 -4.99
CA GLY A 54 -7.50 -4.15 -3.55
C GLY A 54 -8.81 -3.68 -2.96
N SER A 55 -9.06 -4.04 -1.71
CA SER A 55 -10.24 -3.57 -0.98
C SER A 55 -9.76 -2.66 0.14
N LEU A 56 -10.25 -1.43 0.17
CA LEU A 56 -9.76 -0.43 1.10
C LEU A 56 -10.68 -0.28 2.30
N THR A 57 -10.09 -0.17 3.48
CA THR A 57 -10.83 0.04 4.72
C THR A 57 -10.00 0.98 5.60
N SER A 58 -10.56 1.40 6.73
CA SER A 58 -9.77 2.09 7.74
C SER A 58 -8.94 1.04 8.50
N GLY A 59 -7.79 1.45 9.02
CA GLY A 59 -6.95 0.55 9.79
C GLY A 59 -6.96 0.94 11.26
N SER A 60 -6.74 -0.04 12.13
CA SER A 60 -6.85 0.17 13.57
C SER A 60 -5.70 1.02 14.12
N ASP A 61 -4.63 1.15 13.34
CA ASP A 61 -3.47 1.94 13.74
C ASP A 61 -3.66 3.42 13.37
N GLY A 62 -4.89 3.79 13.02
CA GLY A 62 -5.20 5.18 12.68
C GLY A 62 -4.78 5.50 11.26
N THR A 63 -4.64 4.46 10.45
CA THR A 63 -4.17 4.61 9.08
C THR A 63 -5.29 4.28 8.10
N VAL A 64 -5.06 4.49 6.81
CA VAL A 64 -5.93 3.94 5.77
C VAL A 64 -5.21 2.73 5.21
N THR A 65 -5.95 1.66 4.96
CA THR A 65 -5.33 0.39 4.61
C THR A 65 -6.04 -0.34 3.48
N VAL A 66 -5.26 -1.11 2.73
CA VAL A 66 -5.77 -1.98 1.69
C VAL A 66 -5.49 -3.40 2.16
N ARG A 67 -6.52 -4.23 2.22
CA ARG A 67 -6.42 -5.52 2.86
C ARG A 67 -7.30 -6.57 2.18
N ASN A 68 -7.08 -7.83 2.54
CA ASN A 68 -7.89 -8.94 2.06
C ASN A 68 -7.96 -8.94 0.54
N VAL A 69 -6.86 -8.56 -0.11
CA VAL A 69 -6.81 -8.48 -1.55
C VAL A 69 -6.95 -9.88 -2.14
N ASP A 70 -7.83 -10.02 -3.12
CA ASP A 70 -8.12 -11.31 -3.72
C ASP A 70 -6.97 -11.88 -4.55
N HIS A 71 -6.05 -11.03 -4.98
CA HIS A 71 -4.97 -11.45 -5.87
C HIS A 71 -4.03 -12.49 -5.26
N ASN A 72 -4.20 -12.74 -3.97
CA ASN A 72 -3.35 -13.70 -3.27
C ASN A 72 -3.93 -15.12 -3.26
N ARG A 73 -5.12 -15.28 -3.82
CA ARG A 73 -5.71 -16.61 -3.95
C ARG A 73 -5.37 -17.22 -5.31
N VAL A 74 -4.87 -16.40 -6.22
CA VAL A 74 -4.64 -16.81 -7.60
C VAL A 74 -3.35 -17.60 -7.70
N VAL A 75 -2.34 -17.18 -6.93
CA VAL A 75 -1.06 -17.88 -6.89
C VAL A 75 -0.67 -18.13 -5.43
N PRO A 76 0.13 -19.17 -5.16
CA PRO A 76 0.57 -19.42 -3.80
C PRO A 76 1.64 -18.42 -3.38
N PRO A 77 1.93 -18.29 -2.08
CA PRO A 77 2.94 -17.33 -1.64
C PRO A 77 4.38 -17.80 -1.90
N ASP A 78 4.93 -17.38 -3.04
CA ASP A 78 6.30 -17.74 -3.42
C ASP A 78 7.22 -16.52 -3.39
N GLY A 79 6.63 -15.36 -3.14
CA GLY A 79 7.40 -14.12 -3.21
C GLY A 79 6.61 -12.89 -2.79
N SER A 80 6.74 -11.82 -3.55
CA SER A 80 6.10 -10.54 -3.23
C SER A 80 4.81 -10.37 -4.01
N VAL A 81 3.96 -9.45 -3.56
CA VAL A 81 2.70 -9.16 -4.22
C VAL A 81 2.57 -7.65 -4.40
N THR A 82 1.84 -7.22 -5.43
CA THR A 82 1.77 -5.80 -5.76
C THR A 82 0.33 -5.34 -6.05
N PHE A 83 0.11 -4.04 -5.89
CA PHE A 83 -1.17 -3.38 -6.15
C PHE A 83 -0.81 -1.91 -6.30
N GLY A 84 -1.79 -1.03 -6.47
CA GLY A 84 -1.48 0.40 -6.54
C GLY A 84 -2.65 1.33 -6.31
N PHE A 85 -2.37 2.62 -6.38
CA PHE A 85 -3.36 3.67 -6.09
C PHE A 85 -2.93 4.95 -6.79
N THR A 86 -3.78 5.98 -6.70
CA THR A 86 -3.42 7.30 -7.20
C THR A 86 -3.59 8.33 -6.08
N ALA A 87 -2.83 9.42 -6.17
CA ALA A 87 -2.85 10.45 -5.14
C ALA A 87 -2.80 11.82 -5.82
N THR A 88 -3.24 12.85 -5.10
CA THR A 88 -3.27 14.21 -5.62
C THR A 88 -2.92 15.17 -4.49
N SER A 89 -2.80 16.44 -4.87
CA SER A 89 -2.32 17.48 -3.98
C SER A 89 -3.46 18.41 -3.58
N THR A 90 -3.35 18.92 -2.35
CA THR A 90 -4.26 19.94 -1.85
C THR A 90 -3.41 21.05 -1.24
N GLY A 91 -2.14 21.07 -1.61
CA GLY A 91 -1.22 22.09 -1.12
C GLY A 91 0.24 21.72 -1.33
N ASN A 92 0.59 20.46 -1.08
CA ASN A 92 1.97 20.01 -1.23
C ASN A 92 2.11 19.17 -2.50
N ASP A 93 2.99 19.59 -3.40
CA ASP A 93 3.16 18.94 -4.69
C ASP A 93 4.38 18.03 -4.73
N PHE A 94 5.05 17.89 -3.59
CA PHE A 94 6.22 17.03 -3.48
C PHE A 94 5.94 15.81 -2.59
N PRO A 95 6.65 14.70 -2.81
CA PRO A 95 6.45 13.51 -1.97
C PRO A 95 7.12 13.64 -0.60
N VAL A 96 6.78 12.73 0.31
CA VAL A 96 7.28 12.79 1.68
C VAL A 96 8.01 11.51 2.10
N ASP A 97 7.29 10.40 2.13
CA ASP A 97 7.85 9.14 2.62
C ASP A 97 7.14 7.95 1.96
N SER A 98 7.68 6.75 2.17
CA SER A 98 7.15 5.53 1.59
C SER A 98 6.02 4.92 2.43
N ILE A 99 5.34 3.95 1.87
CA ILE A 99 4.23 3.29 2.55
C ILE A 99 4.73 2.09 3.38
N GLY A 100 3.91 1.63 4.32
CA GLY A 100 4.25 0.49 5.14
C GLY A 100 3.26 -0.65 4.98
N CYS A 101 3.50 -1.76 5.66
CA CYS A 101 2.60 -2.90 5.59
C CYS A 101 2.59 -3.64 6.93
N VAL A 102 1.50 -4.35 7.18
CA VAL A 102 1.33 -5.05 8.45
C VAL A 102 0.74 -6.44 8.24
N ALA A 103 0.85 -7.26 9.28
CA ALA A 103 0.21 -8.57 9.32
C ALA A 103 -0.45 -8.64 10.69
N PRO A 104 -1.45 -9.51 10.87
CA PRO A 104 -1.95 -9.70 12.24
C PRO A 104 -0.88 -10.24 13.17
N HIS A 1 11.55 -14.17 7.83
CA HIS A 1 10.97 -15.20 8.75
C HIS A 1 9.87 -14.62 9.61
N THR A 2 10.00 -13.37 10.05
CA THR A 2 9.01 -12.76 10.92
C THR A 2 8.73 -11.34 10.42
N GLY A 3 7.75 -10.69 11.03
CA GLY A 3 7.35 -9.36 10.63
C GLY A 3 6.18 -9.39 9.67
N SER A 4 5.67 -10.60 9.43
CA SER A 4 4.54 -10.86 8.55
C SER A 4 4.87 -10.62 7.08
N CYS A 5 5.20 -9.38 6.74
CA CYS A 5 5.45 -9.01 5.36
C CYS A 5 6.54 -7.94 5.30
N MET A 6 6.91 -7.53 4.10
CA MET A 6 7.83 -6.42 3.89
C MET A 6 7.35 -5.77 2.58
N ALA A 7 7.12 -4.47 2.61
CA ALA A 7 6.56 -3.76 1.47
C ALA A 7 7.65 -2.91 0.83
N VAL A 8 7.58 -2.81 -0.50
CA VAL A 8 8.48 -1.96 -1.28
C VAL A 8 7.56 -1.05 -2.08
N TYR A 9 7.83 0.24 -2.06
CA TYR A 9 7.00 1.22 -2.74
C TYR A 9 7.82 2.08 -3.69
N SER A 10 7.22 2.40 -4.84
CA SER A 10 7.78 3.37 -5.77
C SER A 10 6.69 4.30 -6.27
N VAL A 11 7.05 5.53 -6.57
CA VAL A 11 6.12 6.49 -7.17
C VAL A 11 6.04 6.11 -8.65
N GLU A 12 4.84 5.76 -9.10
CA GLU A 12 4.64 5.31 -10.47
C GLU A 12 4.89 6.47 -11.43
N ASN A 13 4.25 7.59 -11.13
CA ASN A 13 4.43 8.84 -11.86
C ASN A 13 3.92 9.97 -10.99
N SER A 14 4.40 11.19 -11.25
CA SER A 14 3.90 12.38 -10.57
C SER A 14 3.86 13.52 -11.59
N TRP A 15 2.80 14.32 -11.54
CA TRP A 15 2.62 15.40 -12.52
C TRP A 15 1.63 16.43 -11.99
N SER A 16 1.40 17.49 -12.75
CA SER A 16 0.36 18.46 -12.39
C SER A 16 -0.98 17.73 -12.35
N GLY A 17 -1.63 17.81 -11.19
CA GLY A 17 -2.91 17.13 -10.99
C GLY A 17 -2.86 16.05 -9.92
N GLY A 18 -1.68 15.50 -9.64
CA GLY A 18 -1.58 14.49 -8.61
C GLY A 18 -0.46 13.51 -8.92
N PHE A 19 -0.46 12.36 -8.24
CA PHE A 19 0.53 11.34 -8.50
C PHE A 19 -0.08 9.96 -8.31
N GLN A 20 0.64 8.94 -8.74
CA GLN A 20 0.22 7.56 -8.56
C GLN A 20 1.35 6.75 -7.90
N GLY A 21 0.99 5.66 -7.26
CA GLY A 21 1.96 4.89 -6.50
C GLY A 21 1.75 3.39 -6.68
N SER A 22 2.85 2.65 -6.69
CA SER A 22 2.79 1.21 -6.85
C SER A 22 3.57 0.58 -5.71
N VAL A 23 3.02 -0.50 -5.14
CA VAL A 23 3.61 -1.12 -3.97
C VAL A 23 3.53 -2.64 -4.07
N GLU A 24 4.69 -3.28 -3.87
CA GLU A 24 4.80 -4.73 -3.84
C GLU A 24 4.94 -5.15 -2.37
N VAL A 25 4.33 -6.28 -2.02
CA VAL A 25 4.43 -6.81 -0.67
C VAL A 25 4.86 -8.27 -0.74
N MET A 26 6.07 -8.54 -0.26
CA MET A 26 6.60 -9.89 -0.26
C MET A 26 6.17 -10.62 1.02
N ASN A 27 6.05 -11.94 0.94
CA ASN A 27 5.80 -12.73 2.14
C ASN A 27 7.10 -12.88 2.92
N HIS A 28 7.28 -12.01 3.90
CA HIS A 28 8.50 -11.95 4.68
C HIS A 28 8.37 -12.86 5.89
N GLY A 29 7.15 -13.33 6.13
CA GLY A 29 6.89 -14.23 7.24
C GLY A 29 7.32 -15.64 6.88
N THR A 30 7.08 -16.57 7.79
CA THR A 30 7.43 -17.96 7.58
C THR A 30 6.13 -18.77 7.52
N GLU A 31 5.02 -18.07 7.41
CA GLU A 31 3.69 -18.67 7.45
C GLU A 31 2.90 -18.24 6.21
N PRO A 32 1.92 -19.05 5.79
CA PRO A 32 1.04 -18.69 4.66
C PRO A 32 -0.10 -17.75 5.10
N LEU A 33 0.23 -16.79 5.93
CA LEU A 33 -0.77 -15.92 6.56
C LEU A 33 -1.20 -14.78 5.63
N ASN A 34 -2.31 -14.97 4.93
CA ASN A 34 -2.93 -13.91 4.14
C ASN A 34 -3.91 -13.14 5.02
N GLY A 35 -4.10 -11.85 4.75
CA GLY A 35 -5.06 -11.06 5.52
C GLY A 35 -4.45 -9.88 6.26
N TRP A 36 -3.19 -9.58 5.97
CA TRP A 36 -2.49 -8.45 6.57
C TRP A 36 -3.04 -7.15 6.02
N ALA A 37 -2.66 -6.04 6.66
CA ALA A 37 -3.08 -4.71 6.25
C ALA A 37 -1.86 -3.84 5.99
N VAL A 38 -1.72 -3.33 4.78
CA VAL A 38 -0.56 -2.54 4.38
C VAL A 38 -0.91 -1.07 4.55
N GLN A 39 -0.35 -0.43 5.56
CA GLN A 39 -0.77 0.92 5.94
C GLN A 39 0.22 2.01 5.52
N TRP A 40 -0.32 3.20 5.29
CA TRP A 40 0.47 4.39 4.99
C TRP A 40 -0.41 5.60 5.28
N GLN A 41 0.19 6.79 5.32
CA GLN A 41 -0.55 8.02 5.53
C GLN A 41 -0.20 9.02 4.40
N PRO A 42 -1.21 9.68 3.82
CA PRO A 42 -0.87 10.72 2.83
C PRO A 42 -0.20 11.93 3.48
N GLY A 43 0.64 12.62 2.72
CA GLY A 43 1.36 13.76 3.27
C GLY A 43 0.49 15.01 3.34
N GLY A 44 1.02 16.06 3.95
CA GLY A 44 0.28 17.31 4.03
C GLY A 44 0.13 17.91 2.64
N GLY A 45 -1.07 18.34 2.31
CA GLY A 45 -1.32 18.93 1.00
C GLY A 45 -1.63 17.89 -0.07
N THR A 46 -1.64 16.62 0.31
CA THR A 46 -2.00 15.54 -0.58
C THR A 46 -3.15 14.74 0.01
N THR A 47 -3.94 14.11 -0.84
CA THR A 47 -5.01 13.23 -0.38
C THR A 47 -5.21 12.13 -1.42
N LEU A 48 -5.74 10.99 -0.98
CA LEU A 48 -5.83 9.82 -1.85
C LEU A 48 -7.14 9.82 -2.63
N GLY A 49 -7.19 9.03 -3.70
CA GLY A 49 -8.39 8.92 -4.50
C GLY A 49 -8.95 7.50 -4.44
N GLY A 50 -8.26 6.58 -5.07
CA GLY A 50 -8.70 5.18 -5.11
C GLY A 50 -7.55 4.19 -5.02
N VAL A 51 -7.88 2.92 -4.77
CA VAL A 51 -6.90 1.84 -4.73
C VAL A 51 -7.45 0.70 -5.60
N TRP A 52 -6.58 0.00 -6.30
CA TRP A 52 -6.98 -1.12 -7.15
C TRP A 52 -6.14 -2.35 -6.80
N ASN A 53 -6.58 -3.51 -7.29
CA ASN A 53 -5.95 -4.80 -7.01
C ASN A 53 -5.92 -5.12 -5.52
N GLY A 54 -6.82 -4.53 -4.76
CA GLY A 54 -6.93 -4.83 -3.35
C GLY A 54 -8.11 -4.11 -2.74
N SER A 55 -8.43 -4.41 -1.49
CA SER A 55 -9.51 -3.71 -0.78
C SER A 55 -8.88 -2.74 0.22
N LEU A 56 -9.56 -1.65 0.52
CA LEU A 56 -9.00 -0.63 1.41
C LEU A 56 -9.96 -0.25 2.54
N THR A 57 -9.37 0.24 3.63
CA THR A 57 -10.12 0.82 4.74
C THR A 57 -9.32 2.02 5.23
N SER A 58 -9.97 2.95 5.93
CA SER A 58 -9.31 4.18 6.39
C SER A 58 -9.41 4.24 7.91
N GLY A 59 -8.59 5.11 8.51
CA GLY A 59 -8.60 5.30 9.95
C GLY A 59 -9.08 6.70 10.28
N SER A 60 -9.34 6.95 11.56
CA SER A 60 -9.90 8.25 12.00
C SER A 60 -8.91 9.40 11.83
N ASP A 61 -7.63 9.09 11.78
CA ASP A 61 -6.58 10.11 11.71
C ASP A 61 -6.19 10.40 10.27
N GLY A 62 -7.00 9.93 9.32
CA GLY A 62 -6.75 10.21 7.90
C GLY A 62 -5.81 9.19 7.29
N THR A 63 -5.41 8.19 8.07
CA THR A 63 -4.54 7.13 7.58
C THR A 63 -5.35 6.17 6.73
N VAL A 64 -4.68 5.36 5.91
CA VAL A 64 -5.34 4.36 5.10
C VAL A 64 -4.55 3.06 5.10
N THR A 65 -5.23 1.96 4.86
CA THR A 65 -4.58 0.68 4.76
C THR A 65 -5.26 -0.21 3.71
N VAL A 66 -4.46 -1.00 3.01
CA VAL A 66 -4.93 -1.88 1.94
C VAL A 66 -4.79 -3.32 2.45
N ARG A 67 -5.90 -4.06 2.43
CA ARG A 67 -5.96 -5.34 3.14
C ARG A 67 -6.73 -6.39 2.36
N ASN A 68 -6.59 -7.62 2.83
CA ASN A 68 -7.40 -8.76 2.38
C ASN A 68 -7.41 -8.87 0.85
N VAL A 69 -6.24 -9.06 0.25
CA VAL A 69 -6.15 -9.36 -1.18
C VAL A 69 -6.83 -10.71 -1.42
N ASP A 70 -7.82 -10.73 -2.32
CA ASP A 70 -8.55 -11.94 -2.64
C ASP A 70 -7.98 -12.68 -3.83
N HIS A 71 -7.36 -11.93 -4.73
CA HIS A 71 -6.86 -12.49 -5.99
C HIS A 71 -5.54 -13.23 -5.80
N ASN A 72 -5.24 -13.62 -4.57
CA ASN A 72 -4.05 -14.41 -4.28
C ASN A 72 -4.35 -15.90 -4.44
N ARG A 73 -5.60 -16.23 -4.75
CA ARG A 73 -6.00 -17.64 -4.91
C ARG A 73 -5.29 -18.31 -6.08
N VAL A 74 -4.88 -17.50 -7.06
CA VAL A 74 -4.29 -18.03 -8.29
C VAL A 74 -2.80 -18.31 -8.15
N VAL A 75 -2.25 -18.16 -6.95
CA VAL A 75 -0.82 -18.34 -6.71
C VAL A 75 -0.63 -18.91 -5.31
N PRO A 76 0.31 -19.86 -5.12
CA PRO A 76 0.52 -20.30 -3.73
C PRO A 76 1.03 -19.15 -2.87
N PRO A 77 0.77 -19.18 -1.55
CA PRO A 77 1.13 -18.06 -0.68
C PRO A 77 2.60 -18.04 -0.29
N ASP A 78 3.47 -18.25 -1.27
CA ASP A 78 4.91 -18.35 -1.04
C ASP A 78 5.67 -17.24 -1.79
N GLY A 79 4.94 -16.31 -2.37
CA GLY A 79 5.55 -15.27 -3.18
C GLY A 79 5.06 -13.88 -2.79
N SER A 80 5.27 -12.93 -3.70
CA SER A 80 4.86 -11.54 -3.46
C SER A 80 3.60 -11.21 -4.24
N VAL A 81 2.90 -10.17 -3.81
CA VAL A 81 1.76 -9.64 -4.54
C VAL A 81 1.97 -8.13 -4.69
N THR A 82 1.33 -7.51 -5.66
CA THR A 82 1.49 -6.07 -5.89
C THR A 82 0.15 -5.41 -6.19
N PHE A 83 0.08 -4.13 -5.93
CA PHE A 83 -1.13 -3.33 -6.17
C PHE A 83 -0.71 -1.86 -6.26
N GLY A 84 -1.67 -1.00 -6.56
CA GLY A 84 -1.38 0.41 -6.69
C GLY A 84 -2.54 1.29 -6.26
N PHE A 85 -2.28 2.60 -6.21
CA PHE A 85 -3.27 3.58 -5.81
C PHE A 85 -3.01 4.91 -6.53
N THR A 86 -4.00 5.80 -6.47
CA THR A 86 -3.87 7.13 -7.06
C THR A 86 -4.20 8.18 -6.02
N ALA A 87 -3.61 9.37 -6.20
CA ALA A 87 -3.76 10.45 -5.22
C ALA A 87 -3.81 11.79 -5.94
N THR A 88 -4.34 12.81 -5.27
CA THR A 88 -4.36 14.17 -5.81
C THR A 88 -3.57 15.07 -4.87
N SER A 89 -3.24 16.25 -5.36
CA SER A 89 -2.35 17.15 -4.64
C SER A 89 -2.72 18.62 -4.79
N THR A 90 -2.25 19.41 -3.83
CA THR A 90 -2.35 20.87 -3.88
C THR A 90 -0.97 21.50 -3.90
N GLY A 91 0.07 20.69 -4.07
CA GLY A 91 1.42 21.19 -4.18
C GLY A 91 2.49 20.19 -3.81
N ASN A 92 2.16 19.23 -2.96
CA ASN A 92 3.12 18.20 -2.54
C ASN A 92 3.15 17.06 -3.55
N ASP A 93 4.27 16.85 -4.20
CA ASP A 93 4.35 15.93 -5.32
C ASP A 93 4.50 14.47 -4.88
N PHE A 94 4.86 14.27 -3.62
CA PHE A 94 5.20 12.93 -3.13
C PHE A 94 4.56 12.60 -1.78
N PRO A 95 4.42 11.30 -1.47
CA PRO A 95 4.05 10.97 -0.09
C PRO A 95 5.22 11.17 0.88
N VAL A 96 4.91 11.33 2.16
CA VAL A 96 5.93 11.59 3.16
C VAL A 96 6.10 10.38 4.08
N ASP A 97 4.99 9.72 4.39
CA ASP A 97 5.02 8.59 5.31
C ASP A 97 5.66 7.37 4.65
N SER A 98 6.26 6.51 5.47
CA SER A 98 6.89 5.30 4.99
C SER A 98 5.86 4.17 5.00
N ILE A 99 6.06 3.20 4.13
CA ILE A 99 5.11 2.10 3.98
C ILE A 99 5.51 0.92 4.87
N GLY A 100 4.51 0.20 5.36
CA GLY A 100 4.73 -0.98 6.17
C GLY A 100 3.50 -1.88 6.09
N CYS A 101 3.49 -2.97 6.87
CA CYS A 101 2.32 -3.82 6.98
C CYS A 101 2.14 -4.22 8.44
N VAL A 102 0.89 -4.45 8.84
CA VAL A 102 0.55 -4.86 10.19
C VAL A 102 -0.49 -5.97 10.10
N ALA A 103 -0.71 -6.67 11.21
CA ALA A 103 -1.73 -7.70 11.30
C ALA A 103 -2.60 -7.31 12.48
N PRO A 104 -3.87 -7.76 12.51
CA PRO A 104 -4.69 -7.45 13.68
C PRO A 104 -4.27 -8.25 14.92
N HIS A 1 0.13 -12.19 15.87
CA HIS A 1 1.04 -11.67 14.81
C HIS A 1 1.54 -12.80 13.94
N THR A 2 1.13 -12.81 12.67
CA THR A 2 1.54 -13.86 11.74
C THR A 2 1.68 -13.23 10.36
N GLY A 3 2.38 -13.88 9.44
CA GLY A 3 2.57 -13.33 8.10
C GLY A 3 3.39 -12.05 8.11
N SER A 4 4.48 -12.06 8.86
CA SER A 4 5.40 -10.93 8.91
C SER A 4 6.00 -10.73 7.53
N CYS A 5 6.24 -9.47 7.16
CA CYS A 5 6.71 -9.12 5.84
C CYS A 5 7.61 -7.89 5.89
N MET A 6 8.10 -7.50 4.72
CA MET A 6 8.71 -6.21 4.50
C MET A 6 8.06 -5.68 3.23
N ALA A 7 8.12 -4.37 2.99
CA ALA A 7 7.49 -3.78 1.82
C ALA A 7 8.36 -2.69 1.21
N VAL A 8 8.14 -2.43 -0.07
CA VAL A 8 8.89 -1.41 -0.80
C VAL A 8 7.86 -0.53 -1.51
N TYR A 9 8.17 0.77 -1.63
CA TYR A 9 7.24 1.73 -2.24
C TYR A 9 7.92 2.42 -3.42
N SER A 10 7.18 2.60 -4.52
CA SER A 10 7.67 3.33 -5.68
C SER A 10 6.57 4.20 -6.28
N VAL A 11 6.96 5.26 -6.99
CA VAL A 11 6.02 6.17 -7.65
C VAL A 11 5.97 5.77 -9.12
N GLU A 12 4.80 5.39 -9.60
CA GLU A 12 4.62 4.96 -10.99
C GLU A 12 4.74 6.17 -11.92
N ASN A 13 4.01 7.23 -11.60
CA ASN A 13 4.01 8.43 -12.43
C ASN A 13 3.52 9.59 -11.59
N SER A 14 3.92 10.80 -11.95
CA SER A 14 3.48 12.00 -11.24
C SER A 14 3.29 13.15 -12.20
N TRP A 15 2.36 14.04 -11.87
CA TRP A 15 2.14 15.28 -12.63
C TRP A 15 1.69 16.35 -11.63
N SER A 16 1.53 17.60 -12.07
CA SER A 16 1.08 18.65 -11.18
C SER A 16 -0.32 18.31 -10.69
N GLY A 17 -0.48 18.22 -9.37
CA GLY A 17 -1.80 17.96 -8.80
C GLY A 17 -2.11 16.50 -8.51
N GLY A 18 -1.17 15.59 -8.75
CA GLY A 18 -1.42 14.18 -8.45
C GLY A 18 -0.36 13.19 -8.93
N PHE A 19 -0.36 12.02 -8.31
CA PHE A 19 0.63 10.99 -8.62
C PHE A 19 0.05 9.61 -8.28
N GLN A 20 0.70 8.57 -8.79
CA GLN A 20 0.26 7.20 -8.54
C GLN A 20 1.27 6.50 -7.65
N GLY A 21 0.77 5.82 -6.63
CA GLY A 21 1.64 5.15 -5.68
C GLY A 21 1.48 3.66 -5.73
N SER A 22 2.61 2.96 -5.79
CA SER A 22 2.63 1.50 -5.86
C SER A 22 3.43 0.94 -4.68
N VAL A 23 3.01 -0.21 -4.18
CA VAL A 23 3.69 -0.85 -3.05
C VAL A 23 3.82 -2.34 -3.32
N GLU A 24 5.02 -2.88 -3.13
CA GLU A 24 5.24 -4.31 -3.23
C GLU A 24 5.53 -4.87 -1.83
N VAL A 25 4.91 -6.01 -1.53
CA VAL A 25 5.05 -6.64 -0.24
C VAL A 25 5.46 -8.10 -0.45
N MET A 26 6.44 -8.55 0.31
CA MET A 26 6.93 -9.91 0.17
C MET A 26 5.87 -10.87 0.72
N ASN A 27 5.62 -11.96 -0.01
CA ASN A 27 4.59 -12.91 0.38
C ASN A 27 5.10 -14.34 0.25
N HIS A 28 5.27 -15.02 1.38
CA HIS A 28 5.68 -16.41 1.38
C HIS A 28 4.47 -17.36 1.43
N GLY A 29 3.31 -16.81 1.75
CA GLY A 29 2.11 -17.62 1.85
C GLY A 29 1.44 -17.76 0.50
N THR A 30 0.62 -18.79 0.33
CA THR A 30 -0.11 -19.01 -0.91
C THR A 30 -1.61 -18.85 -0.65
N GLU A 31 -1.99 -18.82 0.62
CA GLU A 31 -3.37 -18.61 1.02
C GLU A 31 -3.64 -17.12 1.25
N PRO A 32 -4.89 -16.65 1.04
CA PRO A 32 -5.20 -15.25 1.24
C PRO A 32 -5.35 -14.88 2.72
N LEU A 33 -4.22 -14.63 3.37
CA LEU A 33 -4.20 -14.25 4.78
C LEU A 33 -4.85 -12.88 4.93
N ASN A 34 -6.06 -12.87 5.48
CA ASN A 34 -6.83 -11.65 5.65
C ASN A 34 -6.12 -10.74 6.64
N GLY A 35 -5.83 -9.52 6.23
CA GLY A 35 -5.27 -8.54 7.13
C GLY A 35 -3.82 -8.22 6.86
N TRP A 36 -3.15 -9.03 6.04
CA TRP A 36 -1.77 -8.71 5.64
C TRP A 36 -1.85 -7.63 4.57
N ALA A 37 -1.16 -6.53 4.83
CA ALA A 37 -1.47 -5.27 4.15
C ALA A 37 -0.29 -4.30 4.10
N VAL A 38 -0.45 -3.21 3.35
CA VAL A 38 0.54 -2.13 3.35
C VAL A 38 -0.20 -0.81 3.53
N GLN A 39 0.31 0.02 4.44
CA GLN A 39 -0.34 1.29 4.78
C GLN A 39 0.17 2.34 3.79
N TRP A 40 -0.47 3.50 3.73
CA TRP A 40 0.01 4.62 2.90
C TRP A 40 0.46 5.75 3.81
N GLN A 41 1.17 6.72 3.23
CA GLN A 41 1.65 7.88 3.98
C GLN A 41 0.96 9.16 3.50
N PRO A 42 0.04 9.73 4.30
CA PRO A 42 -0.64 10.92 3.84
C PRO A 42 0.28 12.15 3.76
N GLY A 43 -0.01 13.03 2.81
CA GLY A 43 0.77 14.25 2.66
C GLY A 43 -0.05 15.50 2.91
N GLY A 44 0.64 16.63 3.05
CA GLY A 44 -0.04 17.89 3.37
C GLY A 44 -0.84 18.44 2.21
N GLY A 45 -2.15 18.47 2.36
CA GLY A 45 -2.99 19.00 1.31
C GLY A 45 -3.16 18.04 0.15
N THR A 46 -2.94 16.75 0.42
CA THR A 46 -3.09 15.73 -0.61
C THR A 46 -4.12 14.73 -0.10
N THR A 47 -4.73 13.99 -1.01
CA THR A 47 -5.76 13.02 -0.63
C THR A 47 -5.67 11.84 -1.60
N LEU A 48 -6.32 10.74 -1.27
CA LEU A 48 -6.35 9.57 -2.14
C LEU A 48 -7.53 9.67 -3.10
N GLY A 49 -7.43 8.98 -4.23
CA GLY A 49 -8.54 8.94 -5.17
C GLY A 49 -9.18 7.55 -5.17
N GLY A 50 -8.44 6.58 -5.71
CA GLY A 50 -8.92 5.22 -5.76
C GLY A 50 -7.82 4.23 -5.44
N VAL A 51 -8.22 2.99 -5.14
CA VAL A 51 -7.31 1.91 -4.83
C VAL A 51 -7.64 0.77 -5.77
N TRP A 52 -6.62 0.08 -6.28
CA TRP A 52 -6.84 -0.98 -7.25
C TRP A 52 -6.05 -2.25 -6.91
N ASN A 53 -6.55 -3.38 -7.41
CA ASN A 53 -5.94 -4.69 -7.19
C ASN A 53 -5.83 -5.06 -5.71
N GLY A 54 -6.77 -4.55 -4.91
CA GLY A 54 -6.81 -4.90 -3.50
C GLY A 54 -7.94 -4.18 -2.79
N SER A 55 -8.22 -4.57 -1.54
CA SER A 55 -9.25 -3.92 -0.73
C SER A 55 -8.60 -2.78 0.05
N LEU A 56 -9.39 -1.77 0.40
CA LEU A 56 -8.89 -0.66 1.20
C LEU A 56 -9.58 -0.62 2.56
N THR A 57 -8.80 -0.32 3.59
CA THR A 57 -9.29 -0.29 4.96
C THR A 57 -8.57 0.82 5.73
N SER A 58 -8.94 1.00 6.99
CA SER A 58 -8.18 1.86 7.90
C SER A 58 -6.95 1.10 8.43
N GLY A 59 -5.95 1.83 8.90
CA GLY A 59 -4.74 1.21 9.41
C GLY A 59 -4.50 1.53 10.87
N SER A 60 -3.48 0.90 11.43
CA SER A 60 -3.13 1.05 12.84
C SER A 60 -2.54 2.43 13.14
N ASP A 61 -1.98 3.05 12.11
CA ASP A 61 -1.33 4.36 12.23
C ASP A 61 -2.33 5.51 12.02
N GLY A 62 -3.61 5.17 11.85
CA GLY A 62 -4.63 6.18 11.59
C GLY A 62 -4.66 6.63 10.15
N THR A 63 -4.01 5.84 9.29
CA THR A 63 -3.93 6.13 7.86
C THR A 63 -4.81 5.13 7.12
N VAL A 64 -4.82 5.16 5.79
CA VAL A 64 -5.54 4.14 5.02
C VAL A 64 -4.54 3.09 4.53
N THR A 65 -5.06 1.90 4.30
CA THR A 65 -4.25 0.70 4.12
C THR A 65 -4.84 -0.15 2.99
N VAL A 66 -3.97 -0.74 2.16
CA VAL A 66 -4.44 -1.61 1.10
C VAL A 66 -4.08 -3.05 1.46
N ARG A 67 -5.06 -3.94 1.44
CA ARG A 67 -4.87 -5.31 1.89
C ARG A 67 -5.48 -6.32 0.93
N ASN A 68 -5.19 -7.59 1.19
CA ASN A 68 -5.81 -8.72 0.49
C ASN A 68 -5.67 -8.66 -1.04
N VAL A 69 -4.63 -9.31 -1.55
CA VAL A 69 -4.46 -9.46 -3.00
C VAL A 69 -5.66 -10.22 -3.57
N ASP A 70 -6.30 -9.63 -4.58
CA ASP A 70 -7.43 -10.27 -5.27
C ASP A 70 -7.08 -10.50 -6.73
N HIS A 71 -5.91 -10.02 -7.15
CA HIS A 71 -5.48 -10.14 -8.54
C HIS A 71 -4.67 -11.41 -8.78
N ASN A 72 -4.72 -12.30 -7.81
CA ASN A 72 -4.03 -13.58 -7.90
C ASN A 72 -4.97 -14.67 -8.42
N ARG A 73 -6.14 -14.27 -8.88
CA ARG A 73 -7.14 -15.21 -9.37
C ARG A 73 -6.69 -15.94 -10.63
N VAL A 74 -5.83 -15.29 -11.41
CA VAL A 74 -5.41 -15.79 -12.71
C VAL A 74 -4.13 -16.65 -12.57
N VAL A 75 -3.22 -16.20 -11.70
CA VAL A 75 -2.01 -16.94 -11.38
C VAL A 75 -1.80 -16.77 -9.88
N PRO A 76 -1.70 -17.89 -9.14
CA PRO A 76 -1.51 -17.78 -7.69
C PRO A 76 -0.13 -17.20 -7.34
N PRO A 77 0.03 -16.68 -6.10
CA PRO A 77 1.32 -16.07 -5.78
C PRO A 77 2.42 -17.08 -5.52
N ASP A 78 3.63 -16.71 -5.93
CA ASP A 78 4.82 -17.52 -5.70
C ASP A 78 6.01 -16.62 -5.35
N GLY A 79 5.72 -15.37 -5.05
CA GLY A 79 6.77 -14.41 -4.74
C GLY A 79 6.19 -13.15 -4.16
N SER A 80 6.91 -12.04 -4.33
CA SER A 80 6.43 -10.73 -3.90
C SER A 80 5.29 -10.31 -4.81
N VAL A 81 4.35 -9.55 -4.24
CA VAL A 81 3.14 -9.13 -4.96
C VAL A 81 2.87 -7.67 -4.66
N THR A 82 2.17 -7.00 -5.57
CA THR A 82 2.00 -5.55 -5.49
C THR A 82 0.55 -5.15 -5.26
N PHE A 83 0.37 -3.96 -4.69
CA PHE A 83 -0.92 -3.29 -4.62
C PHE A 83 -0.68 -1.90 -5.22
N GLY A 84 -1.74 -1.14 -5.44
CA GLY A 84 -1.56 0.22 -5.92
C GLY A 84 -2.74 1.11 -5.65
N PHE A 85 -2.52 2.42 -5.74
CA PHE A 85 -3.56 3.41 -5.54
C PHE A 85 -3.18 4.68 -6.30
N THR A 86 -4.07 5.67 -6.34
CA THR A 86 -3.77 6.96 -6.94
C THR A 86 -4.11 8.07 -5.95
N ALA A 87 -3.36 9.17 -6.05
CA ALA A 87 -3.50 10.28 -5.11
C ALA A 87 -3.59 11.59 -5.90
N THR A 88 -4.31 12.55 -5.35
CA THR A 88 -4.44 13.87 -5.96
C THR A 88 -4.12 14.89 -4.87
N SER A 89 -3.89 16.13 -5.27
CA SER A 89 -3.48 17.15 -4.30
C SER A 89 -4.09 18.51 -4.62
N THR A 90 -4.25 19.31 -3.58
CA THR A 90 -4.69 20.69 -3.72
C THR A 90 -3.58 21.62 -3.27
N GLY A 91 -2.49 21.04 -2.80
CA GLY A 91 -1.37 21.81 -2.29
C GLY A 91 -0.03 21.22 -2.71
N ASN A 92 0.35 20.13 -2.07
CA ASN A 92 1.64 19.50 -2.30
C ASN A 92 1.41 18.13 -2.95
N ASP A 93 1.86 17.99 -4.20
CA ASP A 93 1.74 16.72 -4.91
C ASP A 93 3.03 15.91 -4.79
N PHE A 94 4.01 16.48 -4.11
CA PHE A 94 5.26 15.78 -3.82
C PHE A 94 4.97 14.63 -2.86
N PRO A 95 5.33 13.38 -3.22
CA PRO A 95 5.21 12.28 -2.27
C PRO A 95 6.05 12.50 -1.01
N VAL A 96 5.71 11.83 0.08
CA VAL A 96 6.36 12.06 1.36
C VAL A 96 7.52 11.10 1.58
N ASP A 97 7.23 9.86 1.92
CA ASP A 97 8.26 8.85 2.18
C ASP A 97 7.73 7.44 1.94
N SER A 98 8.64 6.47 1.94
CA SER A 98 8.33 5.06 1.76
C SER A 98 7.64 4.47 2.98
N ILE A 99 6.99 3.33 2.80
CA ILE A 99 6.19 2.72 3.87
C ILE A 99 6.47 1.22 3.97
N GLY A 100 6.17 0.66 5.14
CA GLY A 100 6.35 -0.76 5.37
C GLY A 100 5.01 -1.47 5.47
N CYS A 101 5.03 -2.79 5.54
CA CYS A 101 3.79 -3.57 5.62
C CYS A 101 3.31 -3.68 7.07
N VAL A 102 2.04 -4.03 7.23
CA VAL A 102 1.48 -4.40 8.52
C VAL A 102 0.85 -5.78 8.37
N ALA A 103 0.79 -6.50 9.47
CA ALA A 103 0.37 -7.90 9.45
C ALA A 103 -0.53 -8.17 10.65
N PRO A 104 -1.49 -9.11 10.51
CA PRO A 104 -2.42 -9.42 11.61
C PRO A 104 -1.76 -10.24 12.70
#